data_6FJL
#
_entry.id   6FJL
#
_cell.length_a   77.447
_cell.length_b   112.313
_cell.length_c   78.722
_cell.angle_alpha   90.0
_cell.angle_beta   95.53
_cell.angle_gamma   90.0
#
_symmetry.space_group_name_H-M   'P 1 21 1'
#
loop_
_entity.id
_entity.type
_entity.pdbx_description
1 polymer 'ABC-type Fe3+ transport system, periplasmic component'
2 non-polymer 'ACETATE ION'
3 non-polymer 'MAGNESIUM ION'
4 water water
#
_entity_poly.entity_id   1
_entity_poly.type   'polypeptide(L)'
_entity_poly.pdbx_seq_one_letter_code
;ATVAPDTRSLDEIYQSALKEGGTVTVYAGGDVQSQQAGFKQAFENRFPGIKLNVIVDYSKYHDARIDNQLATDTLIPDVV
QLQTVQDFPRWKKQGVLLNYKPVGWDKVYPEFRDADGAWIGAYVIAFSNLVNTQLLNEKSWPREANDYLRPDLKGNLILA
YPNDDDAVLFWYKQIVDKYGWEFVEKLQEQDPVYVRGTNVPGAQITTGKYSATFTSSGALVPAAGSVTRFVLPKTDPFVS
WAQRAAIFKQAKHPESAKLYLSWLLDPQTQTQVSRMWSVRTDVAPPAGYKHIWEYSNTRPQAFADFMSDRGAVERFRAQM
SLYVGEAKGDPTPGWLGLHPEVPLA
;
_entity_poly.pdbx_strand_id   A,B,C,D
#
loop_
_chem_comp.id
_chem_comp.type
_chem_comp.name
_chem_comp.formula
ACT non-polymer 'ACETATE ION' 'C2 H3 O2 -1'
MG non-polymer 'MAGNESIUM ION' 'Mg 2'
#
# COMPACT_ATOMS: atom_id res chain seq x y z
N ALA A 1 8.01 -22.72 -19.48
CA ALA A 1 8.22 -23.16 -18.10
C ALA A 1 7.47 -22.26 -17.11
N THR A 2 6.68 -22.87 -16.22
CA THR A 2 5.94 -22.09 -15.24
C THR A 2 6.71 -21.96 -13.93
N VAL A 3 6.87 -20.71 -13.47
CA VAL A 3 7.59 -20.41 -12.24
C VAL A 3 6.74 -19.57 -11.31
N ALA A 4 7.06 -19.63 -10.03
CA ALA A 4 6.37 -18.81 -9.04
C ALA A 4 7.29 -17.69 -8.59
N PRO A 5 6.71 -16.59 -8.08
CA PRO A 5 7.55 -15.50 -7.59
C PRO A 5 8.60 -16.00 -6.60
N ASP A 6 9.82 -15.51 -6.73
CA ASP A 6 10.91 -15.87 -5.83
C ASP A 6 10.57 -15.38 -4.41
N THR A 7 10.63 -16.29 -3.44
CA THR A 7 10.33 -15.96 -2.05
C THR A 7 11.58 -15.80 -1.19
N ARG A 8 12.75 -16.02 -1.80
CA ARG A 8 14.01 -15.94 -1.08
C ARG A 8 14.34 -14.51 -0.69
N SER A 9 15.19 -14.37 0.32
CA SER A 9 15.76 -13.06 0.67
C SER A 9 16.89 -12.73 -0.29
N LEU A 10 17.31 -11.47 -0.31
CA LEU A 10 18.42 -11.04 -1.14
C LEU A 10 19.70 -11.74 -0.72
N ASP A 11 19.86 -11.97 0.58
CA ASP A 11 21.10 -12.59 1.05
C ASP A 11 21.13 -14.09 0.72
N GLU A 12 19.97 -14.72 0.70
CA GLU A 12 19.87 -16.12 0.31
C GLU A 12 20.21 -16.27 -1.19
N ILE A 13 19.72 -15.34 -2.01
CA ILE A 13 20.07 -15.35 -3.43
C ILE A 13 21.56 -15.07 -3.60
N TYR A 14 22.05 -14.10 -2.83
CA TYR A 14 23.44 -13.66 -2.87
C TYR A 14 24.46 -14.76 -2.56
N GLN A 15 24.24 -15.54 -1.51
CA GLN A 15 25.15 -16.64 -1.19
C GLN A 15 25.20 -17.64 -2.34
N SER A 16 24.05 -17.87 -2.94
CA SER A 16 23.94 -18.76 -4.08
C SER A 16 24.67 -18.18 -5.28
N ALA A 17 24.57 -16.86 -5.46
CA ALA A 17 25.20 -16.18 -6.58
C ALA A 17 26.73 -16.21 -6.51
N LEU A 18 27.27 -16.17 -5.30
CA LEU A 18 28.72 -16.13 -5.10
C LEU A 18 29.47 -17.31 -5.71
N LYS A 19 28.78 -18.42 -5.90
CA LYS A 19 29.37 -19.63 -6.48
C LYS A 19 29.72 -19.47 -7.96
N GLU A 20 29.24 -18.39 -8.58
CA GLU A 20 29.32 -18.24 -10.02
C GLU A 20 30.55 -17.51 -10.54
N GLY A 21 31.43 -17.06 -9.65
CA GLY A 21 32.68 -16.47 -10.11
C GLY A 21 32.87 -15.00 -9.79
N GLY A 22 31.82 -14.35 -9.31
CA GLY A 22 31.90 -12.98 -8.85
C GLY A 22 31.71 -11.90 -9.90
N THR A 23 31.07 -12.24 -11.01
CA THR A 23 30.73 -11.24 -12.01
C THR A 23 29.39 -11.52 -12.67
N VAL A 24 28.61 -10.46 -12.87
CA VAL A 24 27.41 -10.55 -13.68
C VAL A 24 27.52 -9.48 -14.76
N THR A 25 27.26 -9.85 -16.01
CA THR A 25 27.41 -8.92 -17.12
C THR A 25 26.07 -8.44 -17.64
N VAL A 26 25.94 -7.13 -17.74
CA VAL A 26 24.69 -6.50 -18.11
C VAL A 26 24.91 -5.58 -19.28
N TYR A 27 24.20 -5.82 -20.37
CA TYR A 27 24.11 -4.87 -21.47
C TYR A 27 22.97 -3.92 -21.15
N ALA A 28 23.29 -2.68 -20.77
CA ALA A 28 22.28 -1.71 -20.39
C ALA A 28 22.18 -0.58 -21.38
N GLY A 29 20.95 -0.21 -21.72
CA GLY A 29 20.73 0.95 -22.59
C GLY A 29 21.06 2.23 -21.87
N GLY A 30 21.67 3.17 -22.58
CA GLY A 30 22.00 4.46 -22.02
C GLY A 30 22.82 5.28 -22.98
N ASP A 31 23.11 6.50 -22.59
CA ASP A 31 23.87 7.42 -23.44
C ASP A 31 25.35 7.38 -23.12
N VAL A 32 25.67 7.19 -21.84
CA VAL A 32 27.05 7.19 -21.38
C VAL A 32 27.18 6.26 -20.19
N GLN A 33 28.37 5.69 -20.02
CA GLN A 33 28.60 4.68 -19.00
C GLN A 33 28.30 5.24 -17.61
N SER A 34 28.56 6.53 -17.42
CA SER A 34 28.38 7.15 -16.12
C SER A 34 26.93 7.12 -15.61
N GLN A 35 25.97 6.93 -16.51
CA GLN A 35 24.56 6.86 -16.12
C GLN A 35 24.24 5.64 -15.25
N GLN A 36 25.10 4.65 -15.33
CA GLN A 36 24.93 3.42 -14.55
C GLN A 36 25.88 3.33 -13.37
N ALA A 37 26.66 4.39 -13.16
CA ALA A 37 27.69 4.36 -12.13
C ALA A 37 27.07 4.23 -10.75
N GLY A 38 25.92 4.86 -10.55
CA GLY A 38 25.27 4.81 -9.25
C GLY A 38 24.75 3.42 -8.94
N PHE A 39 24.13 2.78 -9.93
CA PHE A 39 23.65 1.41 -9.73
C PHE A 39 24.82 0.48 -9.47
N LYS A 40 25.88 0.61 -10.26
CA LYS A 40 27.08 -0.22 -10.07
C LYS A 40 27.64 -0.08 -8.67
N GLN A 41 27.85 1.16 -8.24
CA GLN A 41 28.40 1.41 -6.92
C GLN A 41 27.51 0.85 -5.81
N ALA A 42 26.20 1.05 -5.93
CA ALA A 42 25.27 0.60 -4.89
C ALA A 42 25.25 -0.92 -4.81
N PHE A 43 25.21 -1.56 -5.97
CA PHE A 43 25.16 -3.02 -6.05
C PHE A 43 26.42 -3.64 -5.47
N GLU A 44 27.57 -3.11 -5.85
CA GLU A 44 28.84 -3.71 -5.46
C GLU A 44 29.14 -3.47 -3.99
N ASN A 45 28.65 -2.37 -3.45
CA ASN A 45 28.74 -2.14 -2.01
C ASN A 45 27.82 -3.06 -1.23
N ARG A 46 26.65 -3.37 -1.80
CA ARG A 46 25.68 -4.21 -1.11
C ARG A 46 26.06 -5.69 -1.14
N PHE A 47 26.69 -6.11 -2.24
CA PHE A 47 27.07 -7.51 -2.41
C PHE A 47 28.57 -7.63 -2.68
N PRO A 48 29.38 -7.57 -1.62
CA PRO A 48 30.84 -7.66 -1.75
C PRO A 48 31.29 -8.93 -2.47
N GLY A 49 32.24 -8.80 -3.39
CA GLY A 49 32.76 -9.94 -4.12
C GLY A 49 32.04 -10.24 -5.42
N ILE A 50 30.93 -9.55 -5.67
CA ILE A 50 30.26 -9.68 -6.96
C ILE A 50 30.33 -8.33 -7.68
N LYS A 51 30.89 -8.35 -8.88
CA LYS A 51 31.04 -7.14 -9.67
C LYS A 51 29.89 -7.01 -10.64
N LEU A 52 29.34 -5.80 -10.75
CA LEU A 52 28.31 -5.51 -11.73
C LEU A 52 29.01 -5.00 -12.99
N ASN A 53 29.29 -5.92 -13.90
CA ASN A 53 29.93 -5.60 -15.17
C ASN A 53 28.88 -5.08 -16.13
N VAL A 54 28.40 -3.86 -15.86
CA VAL A 54 27.37 -3.27 -16.68
C VAL A 54 28.01 -2.43 -17.77
N ILE A 55 27.51 -2.60 -19.00
CA ILE A 55 28.09 -2.01 -20.20
C ILE A 55 27.03 -1.21 -20.93
N VAL A 56 27.25 0.11 -21.02
CA VAL A 56 26.26 1.03 -21.55
C VAL A 56 26.45 1.31 -23.06
N ASP A 57 25.35 1.26 -23.79
CA ASP A 57 25.32 1.65 -25.20
C ASP A 57 23.90 2.06 -25.51
N TYR A 58 23.67 2.77 -26.62
CA TYR A 58 22.31 3.06 -27.06
C TYR A 58 21.53 1.77 -27.15
N SER A 59 20.26 1.82 -26.75
CA SER A 59 19.45 0.60 -26.76
C SER A 59 19.33 0.04 -28.18
N LYS A 60 19.23 0.93 -29.16
CA LYS A 60 19.07 0.53 -30.56
C LYS A 60 20.31 -0.15 -31.13
N TYR A 61 21.44 -0.04 -30.43
CA TYR A 61 22.63 -0.78 -30.81
C TYR A 61 22.78 -2.04 -29.97
N HIS A 62 22.48 -1.97 -28.66
CA HIS A 62 22.52 -3.19 -27.85
C HIS A 62 21.55 -4.25 -28.36
N ASP A 63 20.36 -3.86 -28.81
CA ASP A 63 19.42 -4.92 -29.19
C ASP A 63 19.90 -5.61 -30.47
N ALA A 64 20.45 -4.84 -31.41
CA ALA A 64 21.06 -5.43 -32.61
C ALA A 64 22.25 -6.33 -32.28
N ARG A 65 23.03 -5.90 -31.29
CA ARG A 65 24.20 -6.64 -30.84
C ARG A 65 23.78 -8.00 -30.29
N ILE A 66 22.70 -7.99 -29.50
CA ILE A 66 22.16 -9.23 -28.94
C ILE A 66 21.57 -10.12 -30.05
N ASP A 67 20.84 -9.52 -30.98
CA ASP A 67 20.30 -10.30 -32.09
C ASP A 67 21.43 -10.98 -32.87
N ASN A 68 22.51 -10.25 -33.10
CA ASN A 68 23.62 -10.81 -33.89
C ASN A 68 24.42 -11.87 -33.11
N GLN A 69 24.60 -11.66 -31.80
CA GLN A 69 25.26 -12.65 -30.95
C GLN A 69 24.42 -13.92 -30.88
N LEU A 70 23.09 -13.77 -30.79
CA LEU A 70 22.23 -14.94 -30.80
C LEU A 70 22.38 -15.71 -32.11
N ALA A 71 22.42 -14.98 -33.22
CA ALA A 71 22.50 -15.61 -34.54
C ALA A 71 23.84 -16.33 -34.73
N THR A 72 24.89 -15.82 -34.11
CA THR A 72 26.21 -16.41 -34.31
C THR A 72 26.68 -17.29 -33.13
N ASP A 73 25.80 -17.48 -32.15
CA ASP A 73 26.14 -18.28 -30.96
C ASP A 73 27.37 -17.70 -30.24
N THR A 74 27.35 -16.39 -30.00
CA THR A 74 28.44 -15.72 -29.31
C THR A 74 27.89 -14.80 -28.21
N LEU A 75 26.77 -15.19 -27.62
CA LEU A 75 26.12 -14.36 -26.60
C LEU A 75 27.04 -14.08 -25.43
N ILE A 76 27.14 -12.81 -25.06
CA ILE A 76 28.05 -12.37 -24.01
C ILE A 76 27.36 -12.03 -22.67
N PRO A 77 26.26 -11.25 -22.69
CA PRO A 77 25.70 -10.80 -21.40
C PRO A 77 24.84 -11.83 -20.68
N ASP A 78 24.66 -11.64 -19.37
CA ASP A 78 23.73 -12.43 -18.58
C ASP A 78 22.34 -11.79 -18.60
N VAL A 79 22.34 -10.47 -18.66
CA VAL A 79 21.14 -9.65 -18.56
C VAL A 79 21.13 -8.56 -19.61
N VAL A 80 19.94 -8.25 -20.14
CA VAL A 80 19.75 -7.10 -21.02
C VAL A 80 18.68 -6.18 -20.45
N GLN A 81 18.90 -4.87 -20.53
CA GLN A 81 17.96 -3.91 -19.99
C GLN A 81 17.95 -2.70 -20.92
N LEU A 82 16.80 -2.46 -21.53
CA LEU A 82 16.73 -1.50 -22.65
C LEU A 82 15.45 -0.68 -22.64
N GLN A 83 15.44 0.41 -23.39
CA GLN A 83 14.20 1.16 -23.61
C GLN A 83 13.48 0.71 -24.89
N THR A 84 14.15 -0.13 -25.67
CA THR A 84 13.52 -0.71 -26.86
C THR A 84 12.62 -1.84 -26.41
N VAL A 85 11.49 -1.48 -25.77
CA VAL A 85 10.69 -2.43 -25.02
C VAL A 85 10.05 -3.48 -25.92
N GLN A 86 9.90 -3.19 -27.22
CA GLN A 86 9.29 -4.16 -28.12
C GLN A 86 10.17 -5.40 -28.34
N ASP A 87 11.45 -5.29 -28.03
CA ASP A 87 12.35 -6.43 -28.17
C ASP A 87 12.03 -7.57 -27.22
N PHE A 88 11.47 -7.24 -26.06
CA PHE A 88 11.39 -8.25 -25.03
C PHE A 88 10.33 -9.31 -25.33
N PRO A 89 9.13 -8.92 -25.79
CA PRO A 89 8.22 -10.00 -26.21
C PRO A 89 8.76 -10.81 -27.41
N ARG A 90 9.55 -10.17 -28.27
CA ARG A 90 10.10 -10.89 -29.40
C ARG A 90 11.12 -11.95 -28.93
N TRP A 91 12.06 -11.54 -28.08
CA TRP A 91 13.02 -12.49 -27.54
C TRP A 91 12.31 -13.57 -26.73
N LYS A 92 11.20 -13.21 -26.08
CA LYS A 92 10.45 -14.22 -25.32
C LYS A 92 9.93 -15.31 -26.26
N LYS A 93 9.32 -14.88 -27.36
CA LYS A 93 8.74 -15.82 -28.32
C LYS A 93 9.83 -16.65 -29.02
N GLN A 94 11.01 -16.07 -29.17
CA GLN A 94 12.17 -16.78 -29.73
C GLN A 94 12.73 -17.83 -28.77
N GLY A 95 12.38 -17.73 -27.49
CA GLY A 95 12.76 -18.73 -26.50
C GLY A 95 14.12 -18.51 -25.87
N VAL A 96 14.62 -17.28 -25.92
CA VAL A 96 15.98 -17.00 -25.45
C VAL A 96 16.03 -16.36 -24.06
N LEU A 97 14.86 -16.15 -23.45
CA LEU A 97 14.78 -15.50 -22.15
C LEU A 97 14.50 -16.52 -21.05
N LEU A 98 15.10 -16.31 -19.91
CA LEU A 98 14.85 -17.17 -18.76
C LEU A 98 13.64 -16.67 -17.97
N ASN A 99 12.62 -17.51 -17.84
CA ASN A 99 11.48 -17.13 -17.02
C ASN A 99 11.92 -17.04 -15.56
N TYR A 100 11.82 -15.84 -14.99
CA TYR A 100 12.18 -15.63 -13.60
C TYR A 100 11.33 -14.52 -13.00
N LYS A 101 10.59 -14.86 -11.95
CA LYS A 101 9.84 -13.86 -11.21
C LYS A 101 10.67 -13.43 -9.99
N PRO A 102 11.24 -12.23 -10.03
CA PRO A 102 12.14 -11.83 -8.94
C PRO A 102 11.39 -11.56 -7.63
N VAL A 103 12.15 -11.35 -6.57
CA VAL A 103 11.58 -11.00 -5.28
C VAL A 103 10.78 -9.72 -5.45
N GLY A 104 9.51 -9.76 -5.06
CA GLY A 104 8.65 -8.60 -5.17
C GLY A 104 7.80 -8.58 -6.43
N TRP A 105 7.93 -9.61 -7.26
CA TRP A 105 7.22 -9.68 -8.53
C TRP A 105 5.72 -9.47 -8.35
N ASP A 106 5.20 -9.96 -7.22
CA ASP A 106 3.79 -9.83 -6.93
C ASP A 106 3.36 -8.38 -6.75
N LYS A 107 4.31 -7.52 -6.41
CA LYS A 107 3.99 -6.12 -6.14
C LYS A 107 4.24 -5.22 -7.33
N VAL A 108 4.70 -5.79 -8.44
CA VAL A 108 4.95 -4.99 -9.63
C VAL A 108 3.62 -4.71 -10.34
N TYR A 109 3.38 -3.44 -10.66
CA TYR A 109 2.20 -3.05 -11.45
C TYR A 109 2.14 -3.94 -12.68
N PRO A 110 0.99 -4.59 -12.92
CA PRO A 110 0.92 -5.70 -13.89
C PRO A 110 1.43 -5.39 -15.28
N GLU A 111 1.25 -4.18 -15.79
CA GLU A 111 1.71 -3.89 -17.15
C GLU A 111 3.24 -3.75 -17.20
N PHE A 112 3.86 -3.71 -16.04
CA PHE A 112 5.33 -3.60 -15.93
C PHE A 112 6.01 -4.95 -15.72
N ARG A 113 5.33 -6.04 -16.07
CA ARG A 113 5.93 -7.36 -15.92
C ARG A 113 5.37 -8.35 -16.94
N ASP A 114 6.23 -9.24 -17.43
CA ASP A 114 5.73 -10.35 -18.23
C ASP A 114 5.03 -11.38 -17.35
N ALA A 115 3.89 -11.86 -17.84
CA ALA A 115 3.03 -12.75 -17.08
C ALA A 115 3.73 -14.06 -16.68
N ASP A 116 4.68 -14.51 -17.49
CA ASP A 116 5.40 -15.76 -17.22
C ASP A 116 6.73 -15.52 -16.51
N GLY A 117 7.10 -14.25 -16.38
CA GLY A 117 8.40 -13.91 -15.81
C GLY A 117 9.52 -13.78 -16.83
N ALA A 118 9.18 -13.66 -18.11
CA ALA A 118 10.19 -13.57 -19.17
C ALA A 118 10.98 -12.27 -19.10
N TRP A 119 10.35 -11.21 -18.59
CA TRP A 119 11.02 -9.93 -18.42
C TRP A 119 10.32 -9.11 -17.34
N ILE A 120 11.01 -8.09 -16.85
CA ILE A 120 10.45 -7.26 -15.80
C ILE A 120 10.79 -5.80 -16.05
N GLY A 121 9.88 -4.90 -15.68
CA GLY A 121 10.21 -3.48 -15.63
C GLY A 121 11.12 -3.25 -14.44
N ALA A 122 12.25 -2.61 -14.68
CA ALA A 122 13.25 -2.43 -13.62
C ALA A 122 12.95 -1.18 -12.80
N TYR A 123 12.60 -0.11 -13.51
CA TYR A 123 12.25 1.15 -12.90
C TYR A 123 11.66 2.04 -13.95
N VAL A 124 11.08 3.16 -13.52
CA VAL A 124 10.42 4.07 -14.43
C VAL A 124 11.30 5.26 -14.79
N ILE A 125 11.36 5.57 -16.07
CA ILE A 125 12.01 6.78 -16.55
C ILE A 125 10.96 7.68 -17.16
N ALA A 126 11.12 8.99 -17.04
CA ALA A 126 10.23 9.91 -17.75
C ALA A 126 11.05 11.01 -18.43
N PHE A 127 10.58 11.43 -19.61
CA PHE A 127 11.17 12.55 -20.33
C PHE A 127 10.20 13.73 -20.32
N SER A 128 10.67 14.87 -19.79
CA SER A 128 9.87 16.07 -19.71
C SER A 128 10.80 17.27 -19.50
N ASN A 129 10.27 18.33 -18.91
CA ASN A 129 11.03 19.56 -18.70
C ASN A 129 12.20 19.43 -17.74
N LEU A 130 13.36 19.94 -18.15
CA LEU A 130 14.49 20.13 -17.25
C LEU A 130 14.94 21.57 -17.36
N VAL A 131 14.91 22.30 -16.24
CA VAL A 131 15.17 23.73 -16.27
C VAL A 131 16.33 24.13 -15.36
N ASN A 132 17.01 25.20 -15.74
CA ASN A 132 18.05 25.80 -14.90
C ASN A 132 17.37 26.78 -13.94
N THR A 133 17.42 26.46 -12.64
CA THR A 133 16.68 27.24 -11.66
C THR A 133 17.38 28.54 -11.30
N GLN A 134 18.60 28.71 -11.78
CA GLN A 134 19.29 29.98 -11.56
C GLN A 134 19.07 30.98 -12.69
N LEU A 135 18.84 30.48 -13.90
CA LEU A 135 18.55 31.33 -15.05
C LEU A 135 17.06 31.66 -15.12
N LEU A 136 16.22 30.73 -14.67
CA LEU A 136 14.77 30.92 -14.70
C LEU A 136 14.14 30.88 -13.31
N ASN A 137 13.39 31.92 -12.96
CA ASN A 137 12.66 31.87 -11.70
C ASN A 137 11.50 30.88 -11.83
N GLU A 138 11.04 30.38 -10.69
CA GLU A 138 10.08 29.27 -10.67
C GLU A 138 8.78 29.60 -11.39
N LYS A 139 8.32 30.84 -11.26
CA LYS A 139 7.09 31.27 -11.92
C LYS A 139 7.24 31.22 -13.45
N SER A 140 8.48 31.23 -13.94
CA SER A 140 8.71 31.23 -15.39
C SER A 140 9.26 29.93 -15.97
N TRP A 141 9.32 28.86 -15.17
CA TRP A 141 9.75 27.58 -15.73
C TRP A 141 8.81 27.16 -16.83
N PRO A 142 9.35 26.89 -18.03
CA PRO A 142 8.46 26.37 -19.08
C PRO A 142 8.00 24.98 -18.69
N ARG A 143 6.71 24.72 -18.82
N ARG A 143 6.72 24.71 -18.83
CA ARG A 143 6.15 23.43 -18.43
CA ARG A 143 6.17 23.41 -18.46
C ARG A 143 5.31 22.80 -19.55
C ARG A 143 5.38 22.81 -19.62
N GLU A 144 4.62 23.66 -20.30
CA GLU A 144 3.83 23.21 -21.44
C GLU A 144 4.65 23.38 -22.72
N ALA A 145 4.33 22.61 -23.75
CA ALA A 145 5.11 22.64 -24.98
C ALA A 145 5.17 24.05 -25.58
N ASN A 146 4.04 24.73 -25.62
CA ASN A 146 4.02 26.05 -26.25
C ASN A 146 4.75 27.11 -25.46
N ASP A 147 5.11 26.81 -24.21
CA ASP A 147 5.96 27.71 -23.44
C ASP A 147 7.32 27.88 -24.10
N TYR A 148 7.80 26.83 -24.76
CA TYR A 148 9.12 26.87 -25.38
C TYR A 148 9.14 27.76 -26.64
N LEU A 149 7.97 28.21 -27.07
CA LEU A 149 7.91 29.09 -28.24
C LEU A 149 7.96 30.58 -27.88
N ARG A 150 8.03 30.90 -26.59
CA ARG A 150 8.02 32.31 -26.20
C ARG A 150 9.36 32.96 -26.57
N PRO A 151 9.32 34.24 -26.91
CA PRO A 151 10.53 34.92 -27.41
C PRO A 151 11.74 34.82 -26.48
N ASP A 152 11.57 34.84 -25.15
CA ASP A 152 12.75 34.86 -24.29
C ASP A 152 13.42 33.50 -24.14
N LEU A 153 12.90 32.47 -24.82
CA LEU A 153 13.60 31.20 -24.86
C LEU A 153 14.34 30.99 -26.19
N LYS A 154 14.23 31.95 -27.10
CA LYS A 154 14.93 31.83 -28.39
C LYS A 154 16.43 31.81 -28.15
N GLY A 155 17.11 30.82 -28.71
CA GLY A 155 18.55 30.66 -28.51
C GLY A 155 18.94 30.10 -27.15
N ASN A 156 17.95 29.79 -26.32
CA ASN A 156 18.24 29.34 -24.95
C ASN A 156 17.87 27.88 -24.72
N LEU A 157 17.64 27.17 -25.83
CA LEU A 157 17.21 25.78 -25.75
C LEU A 157 18.24 24.79 -26.31
N ILE A 158 18.42 23.68 -25.61
CA ILE A 158 19.22 22.57 -26.13
C ILE A 158 18.38 21.31 -26.06
N LEU A 159 18.39 20.53 -27.14
CA LEU A 159 17.47 19.41 -27.32
C LEU A 159 18.18 18.17 -27.84
N ALA A 160 17.81 17.02 -27.29
CA ALA A 160 18.27 15.75 -27.81
C ALA A 160 17.67 15.50 -29.20
N TYR A 161 18.48 14.96 -30.12
CA TYR A 161 17.99 14.60 -31.44
C TYR A 161 16.84 13.60 -31.39
N PRO A 162 15.65 13.98 -31.87
CA PRO A 162 14.55 13.01 -31.84
C PRO A 162 14.78 11.85 -32.81
N ASN A 163 15.57 12.08 -33.84
CA ASN A 163 15.83 11.01 -34.79
C ASN A 163 17.00 10.11 -34.38
N ASP A 164 17.47 10.25 -33.14
CA ASP A 164 18.54 9.39 -32.63
C ASP A 164 18.13 8.57 -31.41
N ASP A 165 16.90 8.77 -30.94
CA ASP A 165 16.41 8.13 -29.72
C ASP A 165 14.88 8.06 -29.76
N ASP A 166 14.29 6.87 -29.74
CA ASP A 166 12.85 6.76 -29.96
C ASP A 166 11.98 7.25 -28.80
N ALA A 167 12.53 7.30 -27.59
CA ALA A 167 11.78 7.85 -26.47
C ALA A 167 11.68 9.38 -26.62
N VAL A 168 12.77 10.00 -27.03
CA VAL A 168 12.75 11.42 -27.37
C VAL A 168 11.76 11.67 -28.51
N LEU A 169 11.85 10.85 -29.56
CA LEU A 169 10.93 10.98 -30.68
C LEU A 169 9.46 10.90 -30.24
N PHE A 170 9.15 10.00 -29.31
CA PHE A 170 7.76 9.83 -28.90
C PHE A 170 7.19 11.09 -28.22
N TRP A 171 8.04 11.86 -27.56
CA TRP A 171 7.60 13.14 -27.00
C TRP A 171 6.99 13.99 -28.09
N TYR A 172 7.67 14.06 -29.24
CA TYR A 172 7.18 14.84 -30.36
C TYR A 172 5.93 14.22 -30.99
N LYS A 173 5.87 12.89 -31.03
CA LYS A 173 4.68 12.22 -31.57
C LYS A 173 3.45 12.67 -30.79
N GLN A 174 3.56 12.70 -29.47
CA GLN A 174 2.43 13.12 -28.65
C GLN A 174 2.09 14.59 -28.87
N ILE A 175 3.12 15.41 -29.02
CA ILE A 175 2.89 16.84 -29.11
C ILE A 175 2.36 17.18 -30.51
N VAL A 176 2.85 16.51 -31.54
CA VAL A 176 2.30 16.71 -32.87
C VAL A 176 0.86 16.23 -32.96
N ASP A 177 0.56 15.13 -32.27
CA ASP A 177 -0.81 14.61 -32.19
C ASP A 177 -1.75 15.70 -31.68
N LYS A 178 -1.29 16.43 -30.67
CA LYS A 178 -2.13 17.44 -30.03
C LYS A 178 -2.12 18.80 -30.71
N TYR A 179 -0.96 19.25 -31.15
CA TYR A 179 -0.80 20.61 -31.65
C TYR A 179 -0.46 20.71 -33.14
N GLY A 180 -0.22 19.57 -33.78
CA GLY A 180 0.08 19.57 -35.20
C GLY A 180 1.52 19.88 -35.52
N TRP A 181 1.87 19.77 -36.80
CA TRP A 181 3.24 20.00 -37.26
C TRP A 181 3.68 21.45 -37.10
N GLU A 182 2.73 22.35 -36.98
CA GLU A 182 3.05 23.76 -36.77
C GLU A 182 3.92 23.96 -35.52
N PHE A 183 3.75 23.11 -34.51
CA PHE A 183 4.58 23.22 -33.32
C PHE A 183 6.04 22.98 -33.67
N VAL A 184 6.30 21.95 -34.48
CA VAL A 184 7.67 21.64 -34.82
C VAL A 184 8.26 22.76 -35.69
N GLU A 185 7.44 23.31 -36.58
CA GLU A 185 7.88 24.40 -37.45
C GLU A 185 8.27 25.63 -36.61
N LYS A 186 7.41 25.99 -35.66
CA LYS A 186 7.67 27.16 -34.83
C LYS A 186 8.87 26.96 -33.92
N LEU A 187 9.05 25.73 -33.44
CA LEU A 187 10.16 25.39 -32.58
C LEU A 187 11.51 25.64 -33.25
N GLN A 188 11.59 25.36 -34.55
CA GLN A 188 12.87 25.56 -35.24
C GLN A 188 13.26 27.03 -35.29
N GLU A 189 12.27 27.92 -35.27
CA GLU A 189 12.54 29.36 -35.30
C GLU A 189 13.12 29.84 -33.97
N GLN A 190 13.10 28.99 -32.96
CA GLN A 190 13.70 29.29 -31.66
C GLN A 190 15.21 29.06 -31.68
N ASP A 191 15.71 28.62 -32.84
CA ASP A 191 17.12 28.25 -33.00
C ASP A 191 17.61 27.26 -31.95
N PRO A 192 16.87 26.16 -31.73
CA PRO A 192 17.37 25.21 -30.74
C PRO A 192 18.66 24.55 -31.21
N VAL A 193 19.49 24.15 -30.25
CA VAL A 193 20.68 23.37 -30.52
C VAL A 193 20.38 21.89 -30.29
N TYR A 194 20.60 21.05 -31.31
CA TYR A 194 20.35 19.62 -31.19
C TYR A 194 21.65 18.88 -30.94
N VAL A 195 21.58 17.86 -30.09
CA VAL A 195 22.74 17.05 -29.75
C VAL A 195 22.35 15.59 -29.63
N ARG A 196 23.30 14.71 -29.89
CA ARG A 196 23.15 13.29 -29.56
C ARG A 196 23.40 13.07 -28.09
N GLY A 197 22.73 12.08 -27.51
CA GLY A 197 22.87 11.73 -26.10
C GLY A 197 21.87 12.49 -25.23
N THR A 198 20.92 11.79 -24.63
CA THR A 198 19.90 12.49 -23.86
C THR A 198 20.49 13.06 -22.58
N ASN A 199 21.72 12.65 -22.26
CA ASN A 199 22.44 13.21 -21.11
C ASN A 199 22.95 14.61 -21.37
N VAL A 200 23.24 14.91 -22.63
CA VAL A 200 23.98 16.14 -22.94
C VAL A 200 23.19 17.44 -22.69
N PRO A 201 21.89 17.48 -23.04
CA PRO A 201 21.13 18.70 -22.70
C PRO A 201 21.20 19.07 -21.22
N GLY A 202 20.96 18.09 -20.36
CA GLY A 202 21.00 18.34 -18.92
C GLY A 202 22.37 18.77 -18.46
N ALA A 203 23.41 18.19 -19.08
CA ALA A 203 24.78 18.51 -18.72
C ALA A 203 25.10 19.95 -19.03
N GLN A 204 24.70 20.41 -20.21
CA GLN A 204 25.00 21.78 -20.63
C GLN A 204 24.06 22.79 -19.97
N ILE A 205 22.86 22.36 -19.62
CA ILE A 205 21.96 23.24 -18.85
C ILE A 205 22.52 23.46 -17.44
N THR A 206 23.07 22.42 -16.85
CA THR A 206 23.69 22.53 -15.51
C THR A 206 24.82 23.56 -15.48
N THR A 207 25.61 23.62 -16.54
CA THR A 207 26.72 24.59 -16.60
C THR A 207 26.27 26.00 -16.97
N GLY A 208 24.98 26.18 -17.23
CA GLY A 208 24.46 27.50 -17.53
C GLY A 208 24.51 27.93 -18.98
N LYS A 209 24.85 27.01 -19.89
CA LYS A 209 24.93 27.34 -21.31
C LYS A 209 23.56 27.45 -21.97
N TYR A 210 22.59 26.72 -21.42
CA TYR A 210 21.21 26.76 -21.89
C TYR A 210 20.27 26.81 -20.71
N SER A 211 19.01 27.18 -20.95
CA SER A 211 18.08 27.43 -19.86
C SER A 211 17.14 26.26 -19.61
N ALA A 212 16.82 25.51 -20.66
CA ALA A 212 15.80 24.48 -20.52
C ALA A 212 15.81 23.48 -21.68
N THR A 213 15.17 22.35 -21.45
CA THR A 213 14.94 21.34 -22.47
C THR A 213 13.69 20.57 -22.07
N PHE A 214 12.98 20.00 -23.03
CA PHE A 214 11.73 19.34 -22.69
C PHE A 214 11.72 17.83 -22.93
N THR A 215 12.87 17.24 -23.28
CA THR A 215 12.94 15.77 -23.42
C THR A 215 14.08 15.19 -22.61
N SER A 216 14.03 15.43 -21.30
CA SER A 216 15.08 14.95 -20.41
C SER A 216 14.50 14.25 -19.18
N SER A 217 15.27 13.29 -18.67
CA SER A 217 14.97 12.69 -17.38
C SER A 217 15.64 13.54 -16.29
N GLY A 218 15.47 13.16 -15.03
CA GLY A 218 16.06 13.95 -13.95
C GLY A 218 15.57 13.45 -12.63
N ALA A 219 16.25 13.84 -11.56
CA ALA A 219 15.89 13.39 -10.22
C ALA A 219 14.57 14.03 -9.79
N LEU A 220 13.65 13.21 -9.27
CA LEU A 220 12.41 13.70 -8.71
C LEU A 220 12.73 14.40 -7.38
N VAL A 221 13.81 13.95 -6.76
CA VAL A 221 14.32 14.53 -5.52
C VAL A 221 15.70 15.09 -5.76
N PRO A 222 15.79 16.35 -6.19
CA PRO A 222 17.14 16.82 -6.48
C PRO A 222 18.06 16.93 -5.26
N ALA A 223 19.35 16.75 -5.50
CA ALA A 223 20.35 16.92 -4.46
C ALA A 223 20.41 18.38 -4.04
N ALA A 224 20.88 18.63 -2.81
CA ALA A 224 20.97 19.99 -2.30
C ALA A 224 21.88 20.84 -3.18
N GLY A 225 21.41 22.05 -3.50
CA GLY A 225 22.17 22.98 -4.30
C GLY A 225 22.16 22.68 -5.79
N SER A 226 21.29 21.76 -6.21
CA SER A 226 21.17 21.46 -7.63
C SER A 226 20.70 22.69 -8.37
N VAL A 227 21.35 22.99 -9.49
CA VAL A 227 20.98 24.12 -10.35
C VAL A 227 19.85 23.75 -11.32
N THR A 228 19.60 22.46 -11.48
CA THR A 228 18.50 22.02 -12.34
C THR A 228 17.31 21.40 -11.60
N ARG A 229 16.16 21.44 -12.26
CA ARG A 229 14.96 20.82 -11.74
C ARG A 229 14.15 20.16 -12.82
N PHE A 230 13.80 18.90 -12.58
CA PHE A 230 12.87 18.18 -13.43
C PHE A 230 11.46 18.66 -13.07
N VAL A 231 10.71 19.11 -14.06
CA VAL A 231 9.41 19.71 -13.84
C VAL A 231 8.40 19.16 -14.81
N LEU A 232 7.29 18.63 -14.30
CA LEU A 232 6.24 18.07 -15.16
C LEU A 232 5.33 19.18 -15.70
N PRO A 233 4.69 18.91 -16.86
CA PRO A 233 3.64 19.81 -17.36
C PRO A 233 2.41 19.77 -16.43
N LYS A 234 1.62 20.85 -16.44
CA LYS A 234 0.34 20.84 -15.75
C LYS A 234 -0.69 20.11 -16.57
N THR A 235 -0.64 20.30 -17.89
CA THR A 235 -1.66 19.77 -18.77
C THR A 235 -1.14 18.96 -19.95
N ASP A 236 -0.02 19.40 -20.54
CA ASP A 236 0.48 18.77 -21.76
C ASP A 236 1.07 17.39 -21.49
N PRO A 237 1.16 16.55 -22.54
CA PRO A 237 1.69 15.20 -22.36
C PRO A 237 3.19 15.18 -22.07
N PHE A 238 3.64 14.15 -21.36
CA PHE A 238 5.06 13.88 -21.24
C PHE A 238 5.25 12.38 -21.45
N VAL A 239 6.49 11.95 -21.61
CA VAL A 239 6.80 10.55 -21.93
C VAL A 239 7.25 9.79 -20.70
N SER A 240 6.76 8.56 -20.54
CA SER A 240 7.23 7.72 -19.45
C SER A 240 7.14 6.26 -19.85
N TRP A 241 7.99 5.44 -19.25
CA TRP A 241 7.95 4.02 -19.53
C TRP A 241 8.70 3.25 -18.45
N ALA A 242 8.44 1.95 -18.37
CA ALA A 242 9.25 1.10 -17.50
C ALA A 242 10.38 0.50 -18.34
N GLN A 243 11.62 0.79 -17.97
CA GLN A 243 12.80 0.18 -18.61
C GLN A 243 12.72 -1.34 -18.40
N ARG A 244 12.84 -2.11 -19.47
CA ARG A 244 12.67 -3.54 -19.35
C ARG A 244 13.99 -4.27 -19.23
N ALA A 245 13.97 -5.33 -18.44
CA ALA A 245 15.14 -6.15 -18.20
C ALA A 245 14.79 -7.62 -18.29
N ALA A 246 15.75 -8.41 -18.73
CA ALA A 246 15.54 -9.85 -18.82
C ALA A 246 16.85 -10.61 -18.63
N ILE A 247 16.73 -11.83 -18.15
CA ILE A 247 17.86 -12.74 -18.07
C ILE A 247 17.81 -13.68 -19.28
N PHE A 248 18.95 -13.93 -19.92
CA PHE A 248 18.99 -14.89 -21.03
C PHE A 248 18.98 -16.32 -20.55
N LYS A 249 18.26 -17.20 -21.26
CA LYS A 249 18.29 -18.63 -20.92
C LYS A 249 19.71 -19.21 -20.86
N GLN A 250 20.60 -18.74 -21.72
CA GLN A 250 21.96 -19.28 -21.74
C GLN A 250 22.91 -18.51 -20.82
N ALA A 251 22.35 -17.70 -19.92
CA ALA A 251 23.19 -16.91 -19.02
C ALA A 251 24.19 -17.79 -18.30
N LYS A 252 25.45 -17.37 -18.31
CA LYS A 252 26.50 -18.12 -17.63
C LYS A 252 26.37 -17.98 -16.12
N HIS A 253 25.74 -16.90 -15.70
CA HIS A 253 25.62 -16.59 -14.28
C HIS A 253 24.18 -16.29 -13.87
N PRO A 254 23.31 -17.31 -13.94
CA PRO A 254 21.87 -17.10 -13.71
C PRO A 254 21.52 -16.64 -12.30
N GLU A 255 22.21 -17.14 -11.29
CA GLU A 255 21.92 -16.75 -9.91
C GLU A 255 22.30 -15.29 -9.67
N SER A 256 23.44 -14.86 -10.22
CA SER A 256 23.87 -13.48 -10.12
C SER A 256 22.92 -12.56 -10.89
N ALA A 257 22.46 -13.03 -12.04
CA ALA A 257 21.48 -12.29 -12.81
C ALA A 257 20.20 -12.14 -11.99
N LYS A 258 19.78 -13.24 -11.36
CA LYS A 258 18.59 -13.23 -10.49
C LYS A 258 18.78 -12.26 -9.34
N LEU A 259 19.98 -12.23 -8.78
CA LEU A 259 20.29 -11.32 -7.69
C LEU A 259 20.13 -9.88 -8.12
N TYR A 260 20.64 -9.58 -9.32
CA TYR A 260 20.60 -8.23 -9.83
C TYR A 260 19.17 -7.76 -10.01
N LEU A 261 18.34 -8.60 -10.61
CA LEU A 261 16.95 -8.22 -10.88
C LEU A 261 16.17 -8.08 -9.56
N SER A 262 16.38 -9.02 -8.66
CA SER A 262 15.72 -8.94 -7.35
C SER A 262 16.18 -7.71 -6.57
N TRP A 263 17.46 -7.39 -6.67
CA TRP A 263 17.98 -6.19 -6.03
C TRP A 263 17.35 -4.92 -6.64
N LEU A 264 17.22 -4.88 -7.97
CA LEU A 264 16.61 -3.74 -8.64
C LEU A 264 15.21 -3.47 -8.11
N LEU A 265 14.48 -4.54 -7.86
CA LEU A 265 13.10 -4.39 -7.43
C LEU A 265 12.95 -4.09 -5.94
N ASP A 266 14.05 -4.13 -5.19
CA ASP A 266 13.97 -3.93 -3.75
C ASP A 266 13.47 -2.52 -3.47
N PRO A 267 12.60 -2.35 -2.46
CA PRO A 267 12.07 -1.01 -2.21
C PRO A 267 13.15 0.05 -1.98
N GLN A 268 14.24 -0.30 -1.31
CA GLN A 268 15.32 0.65 -1.10
C GLN A 268 16.01 1.05 -2.42
N THR A 269 16.23 0.06 -3.29
CA THR A 269 16.81 0.35 -4.61
C THR A 269 15.86 1.23 -5.39
N GLN A 270 14.56 0.96 -5.30
CA GLN A 270 13.57 1.69 -6.05
C GLN A 270 13.42 3.16 -5.64
N THR A 271 13.71 3.47 -4.38
CA THR A 271 13.57 4.82 -3.83
C THR A 271 14.88 5.55 -3.58
N GLN A 272 15.96 4.81 -3.33
CA GLN A 272 17.23 5.42 -2.96
C GLN A 272 18.29 5.41 -4.08
N VAL A 273 18.14 4.51 -5.05
CA VAL A 273 19.12 4.43 -6.13
C VAL A 273 18.51 4.91 -7.45
N SER A 274 17.41 4.28 -7.86
CA SER A 274 16.62 4.74 -8.98
C SER A 274 16.11 6.14 -8.64
N ARG A 275 16.24 7.09 -9.57
CA ARG A 275 15.96 8.50 -9.24
C ARG A 275 14.58 9.00 -9.64
N MET A 276 13.78 8.15 -10.31
CA MET A 276 12.43 8.54 -10.69
C MET A 276 11.39 7.56 -10.10
N TRP A 277 10.33 7.24 -10.84
CA TRP A 277 9.23 6.44 -10.26
C TRP A 277 9.58 4.96 -10.13
N SER A 278 8.82 4.27 -9.27
CA SER A 278 8.99 2.84 -9.04
C SER A 278 7.95 2.06 -9.85
N VAL A 279 8.29 0.82 -10.20
CA VAL A 279 7.35 -0.07 -10.85
C VAL A 279 6.44 -0.78 -9.84
N ARG A 280 6.69 -0.60 -8.55
CA ARG A 280 5.95 -1.35 -7.53
C ARG A 280 4.75 -0.62 -6.96
N THR A 281 3.68 -1.36 -6.69
CA THR A 281 2.46 -0.77 -6.18
C THR A 281 2.57 -0.47 -4.69
N ASP A 282 3.54 -1.08 -4.02
CA ASP A 282 3.70 -0.91 -2.57
C ASP A 282 4.84 0.02 -2.20
N VAL A 283 5.35 0.75 -3.18
CA VAL A 283 6.38 1.75 -2.96
C VAL A 283 5.78 3.14 -3.10
N ALA A 284 5.90 3.97 -2.07
CA ALA A 284 5.31 5.29 -2.15
C ALA A 284 6.00 6.12 -3.20
N PRO A 285 5.21 6.84 -4.01
CA PRO A 285 5.85 7.81 -4.91
C PRO A 285 6.52 8.88 -4.06
N PRO A 286 7.59 9.54 -4.58
CA PRO A 286 8.18 10.57 -3.74
C PRO A 286 7.18 11.65 -3.38
N ALA A 287 7.33 12.24 -2.21
CA ALA A 287 6.41 13.25 -1.73
C ALA A 287 6.23 14.33 -2.80
N GLY A 288 4.98 14.68 -3.06
CA GLY A 288 4.65 15.67 -4.07
C GLY A 288 4.26 15.04 -5.40
N TYR A 289 4.46 13.74 -5.54
CA TYR A 289 4.17 13.03 -6.78
C TYR A 289 3.14 11.93 -6.57
N LYS A 290 2.53 11.49 -7.66
CA LYS A 290 1.64 10.34 -7.67
C LYS A 290 2.34 9.16 -8.33
N HIS A 291 1.72 7.98 -8.31
CA HIS A 291 2.26 6.87 -9.09
C HIS A 291 2.22 7.25 -10.56
N ILE A 292 3.14 6.69 -11.35
CA ILE A 292 3.23 7.07 -12.75
C ILE A 292 1.91 6.76 -13.46
N TRP A 293 1.22 5.71 -13.03
CA TRP A 293 -0.02 5.32 -13.69
C TRP A 293 -1.22 6.17 -13.28
N GLU A 294 -0.98 7.17 -12.45
CA GLU A 294 -2.07 8.04 -11.98
C GLU A 294 -2.07 9.40 -12.67
N TYR A 295 -1.12 9.62 -13.58
CA TYR A 295 -1.07 10.88 -14.32
C TYR A 295 -1.87 10.75 -15.61
N SER A 296 -2.85 11.63 -15.80
CA SER A 296 -3.65 11.56 -17.01
C SER A 296 -2.86 12.02 -18.24
N ASN A 297 -1.78 12.78 -18.04
CA ASN A 297 -1.03 13.31 -19.19
C ASN A 297 0.24 12.53 -19.55
N THR A 298 0.30 11.28 -19.12
CA THR A 298 1.28 10.33 -19.66
C THR A 298 0.67 8.94 -19.59
N ARG A 299 1.19 8.04 -20.43
CA ARG A 299 0.76 6.64 -20.46
C ARG A 299 1.91 5.75 -20.90
N PRO A 300 2.57 5.09 -19.94
CA PRO A 300 3.68 4.19 -20.24
C PRO A 300 3.33 3.18 -21.34
N GLN A 301 2.11 2.65 -21.33
CA GLN A 301 1.71 1.66 -22.33
C GLN A 301 1.68 2.26 -23.74
N ALA A 302 1.45 3.58 -23.82
CA ALA A 302 1.43 4.25 -25.11
C ALA A 302 2.82 4.22 -25.77
N PHE A 303 3.87 4.32 -24.97
CA PHE A 303 5.23 4.23 -25.52
C PHE A 303 5.47 2.83 -26.06
N ALA A 304 5.05 1.82 -25.30
CA ALA A 304 5.22 0.44 -25.73
C ALA A 304 4.46 0.16 -27.03
N ASP A 305 3.23 0.66 -27.11
CA ASP A 305 2.41 0.48 -28.30
C ASP A 305 3.06 1.16 -29.51
N PHE A 306 3.58 2.36 -29.27
CA PHE A 306 4.32 3.12 -30.27
C PHE A 306 5.50 2.30 -30.81
N MET A 307 6.28 1.73 -29.89
CA MET A 307 7.51 1.03 -30.26
C MET A 307 7.24 -0.29 -30.99
N SER A 308 6.02 -0.82 -30.88
CA SER A 308 5.72 -2.09 -31.55
C SER A 308 5.58 -1.95 -33.07
N ASP A 309 5.20 -0.76 -33.54
CA ASP A 309 4.96 -0.56 -34.97
C ASP A 309 6.16 0.16 -35.59
N ARG A 310 7.15 -0.61 -36.04
CA ARG A 310 8.43 -0.03 -36.44
C ARG A 310 8.23 0.86 -37.66
N GLY A 311 7.29 0.49 -38.53
CA GLY A 311 6.99 1.26 -39.72
C GLY A 311 6.44 2.64 -39.38
N ALA A 312 5.54 2.69 -38.40
CA ALA A 312 4.97 3.97 -37.97
C ALA A 312 6.02 4.83 -37.31
N VAL A 313 6.86 4.22 -36.47
CA VAL A 313 7.96 4.94 -35.81
C VAL A 313 8.92 5.50 -36.87
N GLU A 314 9.29 4.66 -37.83
CA GLU A 314 10.19 5.07 -38.91
C GLU A 314 9.64 6.24 -39.73
N ARG A 315 8.37 6.15 -40.11
CA ARG A 315 7.77 7.23 -40.90
C ARG A 315 7.74 8.55 -40.14
N PHE A 316 7.47 8.49 -38.84
CA PHE A 316 7.45 9.73 -38.05
C PHE A 316 8.87 10.24 -37.85
N ARG A 317 9.81 9.34 -37.61
CA ARG A 317 11.22 9.71 -37.44
C ARG A 317 11.74 10.42 -38.67
N ALA A 318 11.44 9.86 -39.83
CA ALA A 318 11.95 10.43 -41.07
C ALA A 318 11.38 11.83 -41.31
N GLN A 319 10.11 12.04 -41.01
CA GLN A 319 9.52 13.38 -41.12
C GLN A 319 10.17 14.37 -40.15
N MET A 320 10.42 13.93 -38.92
CA MET A 320 11.13 14.78 -37.96
C MET A 320 12.54 15.12 -38.45
N SER A 321 13.19 14.19 -39.15
CA SER A 321 14.53 14.45 -39.69
C SER A 321 14.53 15.64 -40.65
N LEU A 322 13.44 15.80 -41.40
CA LEU A 322 13.35 16.91 -42.33
C LEU A 322 13.25 18.27 -41.62
N TYR A 323 12.73 18.26 -40.40
CA TYR A 323 12.64 19.49 -39.61
C TYR A 323 13.93 19.79 -38.87
N VAL A 324 14.57 18.78 -38.29
CA VAL A 324 15.73 19.00 -37.43
C VAL A 324 17.06 18.66 -38.08
N GLY A 325 17.03 18.03 -39.26
CA GLY A 325 18.26 17.60 -39.92
C GLY A 325 18.76 16.24 -39.47
N GLU A 326 19.77 15.70 -40.14
CA GLU A 326 20.34 14.42 -39.72
C GLU A 326 21.02 14.57 -38.36
N ALA A 327 21.01 13.49 -37.58
CA ALA A 327 21.62 13.50 -36.25
C ALA A 327 23.14 13.52 -36.36
N LYS A 328 23.74 14.65 -36.01
CA LYS A 328 25.15 14.89 -36.25
C LYS A 328 26.00 14.59 -35.02
N GLY A 329 27.27 14.26 -35.24
CA GLY A 329 28.21 14.05 -34.15
C GLY A 329 28.43 12.59 -33.84
N ASP A 330 29.43 12.28 -33.01
CA ASP A 330 29.74 10.90 -32.62
C ASP A 330 28.70 10.32 -31.66
N PRO A 331 28.54 8.99 -31.67
CA PRO A 331 27.66 8.34 -30.70
C PRO A 331 28.23 8.49 -29.28
N THR A 332 27.41 8.93 -28.33
CA THR A 332 27.96 9.27 -27.01
C THR A 332 28.53 8.10 -26.22
N PRO A 333 28.02 6.86 -26.41
CA PRO A 333 28.64 5.73 -25.70
C PRO A 333 30.01 5.32 -26.23
N GLY A 334 30.46 5.95 -27.31
CA GLY A 334 31.63 5.45 -28.03
C GLY A 334 31.17 4.33 -28.96
N TRP A 335 32.12 3.59 -29.51
CA TRP A 335 31.76 2.51 -30.44
C TRP A 335 32.23 1.18 -29.89
N LEU A 336 31.27 0.33 -29.52
CA LEU A 336 31.58 -0.89 -28.77
C LEU A 336 31.87 -2.11 -29.63
N GLY A 337 31.45 -2.07 -30.89
CA GLY A 337 31.68 -3.20 -31.79
C GLY A 337 30.68 -4.32 -31.53
N LEU A 338 31.00 -5.51 -32.03
CA LEU A 338 30.06 -6.62 -31.94
C LEU A 338 30.08 -7.36 -30.60
N HIS A 339 31.23 -7.39 -29.94
CA HIS A 339 31.39 -8.23 -28.76
C HIS A 339 32.09 -7.54 -27.59
N PRO A 340 31.51 -6.44 -27.10
CA PRO A 340 32.11 -5.80 -25.92
C PRO A 340 31.93 -6.71 -24.70
N GLU A 341 33.02 -7.01 -24.02
CA GLU A 341 32.97 -7.88 -22.84
C GLU A 341 33.15 -7.10 -21.54
N VAL A 342 33.57 -5.85 -21.67
CA VAL A 342 33.72 -4.93 -20.55
C VAL A 342 33.39 -3.52 -21.07
N PRO A 343 33.27 -2.54 -20.18
CA PRO A 343 33.04 -1.16 -20.63
C PRO A 343 34.24 -0.65 -21.41
N LEU A 344 34.03 0.41 -22.19
CA LEU A 344 35.12 1.04 -22.94
C LEU A 344 36.18 1.60 -21.99
N ALA A 345 37.42 1.70 -22.47
CA ALA A 345 38.52 2.20 -21.64
C ALA A 345 38.26 3.61 -21.12
N ALA B 1 17.06 -7.99 24.76
CA ALA B 1 15.62 -7.76 24.71
C ALA B 1 15.20 -7.05 23.42
N THR B 2 16.17 -6.61 22.64
CA THR B 2 15.87 -5.93 21.38
C THR B 2 15.81 -6.94 20.24
N VAL B 3 14.71 -6.92 19.49
CA VAL B 3 14.52 -7.84 18.39
C VAL B 3 14.18 -7.11 17.09
N ALA B 4 14.42 -7.78 15.98
CA ALA B 4 14.05 -7.25 14.66
C ALA B 4 12.85 -8.06 14.15
N PRO B 5 12.06 -7.47 13.25
CA PRO B 5 10.93 -8.18 12.67
C PRO B 5 11.33 -9.53 12.08
N ASP B 6 10.49 -10.54 12.29
CA ASP B 6 10.72 -11.86 11.72
C ASP B 6 10.76 -11.75 10.19
N THR B 7 11.83 -12.23 9.56
CA THR B 7 11.95 -12.17 8.10
C THR B 7 11.70 -13.54 7.48
N ARG B 8 11.47 -14.56 8.31
CA ARG B 8 11.24 -15.90 7.78
C ARG B 8 9.93 -15.93 7.03
N SER B 9 9.78 -16.90 6.12
CA SER B 9 8.50 -17.12 5.47
C SER B 9 7.59 -17.84 6.44
N LEU B 10 6.29 -17.85 6.14
CA LEU B 10 5.32 -18.53 7.00
C LEU B 10 5.64 -20.03 7.00
N ASP B 11 6.11 -20.55 5.87
CA ASP B 11 6.41 -21.97 5.82
C ASP B 11 7.66 -22.30 6.63
N GLU B 12 8.62 -21.38 6.69
CA GLU B 12 9.79 -21.56 7.54
C GLU B 12 9.40 -21.59 9.02
N ILE B 13 8.52 -20.69 9.42
CA ILE B 13 8.05 -20.71 10.82
C ILE B 13 7.28 -22.00 11.12
N TYR B 14 6.44 -22.40 10.17
CA TYR B 14 5.62 -23.59 10.29
C TYR B 14 6.48 -24.84 10.53
N GLN B 15 7.58 -24.94 9.78
CA GLN B 15 8.53 -26.05 9.96
C GLN B 15 9.13 -26.02 11.37
N SER B 16 9.47 -24.83 11.82
CA SER B 16 10.05 -24.67 13.15
C SER B 16 9.00 -25.00 14.21
N ALA B 17 7.75 -24.63 13.95
CA ALA B 17 6.68 -24.98 14.86
C ALA B 17 6.44 -26.49 14.87
N LEU B 18 6.59 -27.11 13.71
CA LEU B 18 6.37 -28.55 13.59
C LEU B 18 7.36 -29.32 14.43
N LYS B 19 8.60 -28.83 14.50
CA LYS B 19 9.63 -29.52 15.26
C LYS B 19 9.31 -29.46 16.75
N GLU B 20 8.43 -28.53 17.10
CA GLU B 20 8.17 -28.26 18.50
C GLU B 20 6.99 -29.08 18.99
N GLY B 21 6.33 -29.75 18.06
CA GLY B 21 5.23 -30.63 18.41
C GLY B 21 3.88 -30.19 17.86
N GLY B 22 3.78 -28.95 17.39
CA GLY B 22 2.56 -28.57 16.70
C GLY B 22 1.37 -28.13 17.52
N THR B 23 1.58 -27.59 18.73
CA THR B 23 0.44 -27.09 19.49
C THR B 23 0.73 -25.76 20.18
N VAL B 24 -0.27 -24.87 20.12
CA VAL B 24 -0.23 -23.59 20.81
C VAL B 24 -1.50 -23.36 21.63
N THR B 25 -1.35 -22.94 22.88
CA THR B 25 -2.51 -22.69 23.72
C THR B 25 -2.72 -21.19 23.87
N VAL B 26 -3.93 -20.75 23.58
CA VAL B 26 -4.28 -19.33 23.55
C VAL B 26 -5.46 -19.06 24.46
N TYR B 27 -5.26 -18.18 25.44
CA TYR B 27 -6.37 -17.65 26.23
C TYR B 27 -6.93 -16.45 25.48
N ALA B 28 -8.10 -16.63 24.85
CA ALA B 28 -8.70 -15.58 24.03
C ALA B 28 -9.98 -15.02 24.62
N GLY B 29 -10.11 -13.71 24.61
CA GLY B 29 -11.33 -13.04 25.04
C GLY B 29 -12.47 -13.30 24.08
N GLY B 30 -13.67 -13.47 24.61
CA GLY B 30 -14.85 -13.67 23.80
C GLY B 30 -16.06 -13.97 24.66
N ASP B 31 -17.22 -14.09 24.04
CA ASP B 31 -18.45 -14.37 24.77
C ASP B 31 -18.75 -15.87 24.79
N VAL B 32 -18.40 -16.58 23.71
CA VAL B 32 -18.65 -18.01 23.61
C VAL B 32 -17.54 -18.64 22.76
N GLN B 33 -17.27 -19.91 22.99
CA GLN B 33 -16.16 -20.59 22.31
C GLN B 33 -16.29 -20.57 20.79
N SER B 34 -17.53 -20.61 20.31
CA SER B 34 -17.83 -20.63 18.88
C SER B 34 -17.34 -19.37 18.14
N GLN B 35 -17.13 -18.29 18.87
CA GLN B 35 -16.64 -17.05 18.24
C GLN B 35 -15.23 -17.22 17.68
N GLN B 36 -14.52 -18.25 18.16
CA GLN B 36 -13.17 -18.53 17.69
C GLN B 36 -13.13 -19.73 16.75
N ALA B 37 -14.29 -20.28 16.44
CA ALA B 37 -14.38 -21.50 15.63
C ALA B 37 -13.83 -21.25 14.23
N GLY B 38 -14.05 -20.04 13.72
CA GLY B 38 -13.59 -19.68 12.39
C GLY B 38 -12.08 -19.53 12.30
N PHE B 39 -11.50 -18.86 13.29
CA PHE B 39 -10.05 -18.72 13.36
C PHE B 39 -9.35 -20.05 13.53
N LYS B 40 -9.88 -20.90 14.40
CA LYS B 40 -9.31 -22.22 14.65
C LYS B 40 -9.24 -23.04 13.38
N GLN B 41 -10.37 -23.10 12.69
CA GLN B 41 -10.46 -23.89 11.47
C GLN B 41 -9.51 -23.36 10.38
N ALA B 42 -9.45 -22.04 10.21
CA ALA B 42 -8.60 -21.44 9.18
C ALA B 42 -7.11 -21.68 9.46
N PHE B 43 -6.72 -21.50 10.72
CA PHE B 43 -5.34 -21.69 11.13
C PHE B 43 -4.89 -23.12 10.94
N GLU B 44 -5.75 -24.04 11.37
CA GLU B 44 -5.37 -25.45 11.33
C GLU B 44 -5.39 -25.98 9.89
N ASN B 45 -6.24 -25.41 9.05
CA ASN B 45 -6.22 -25.76 7.64
C ASN B 45 -4.96 -25.25 6.93
N ARG B 46 -4.50 -24.07 7.35
CA ARG B 46 -3.36 -23.42 6.70
C ARG B 46 -2.06 -24.09 7.10
N PHE B 47 -1.99 -24.55 8.34
CA PHE B 47 -0.80 -25.20 8.85
C PHE B 47 -1.19 -26.55 9.41
N PRO B 48 -1.39 -27.53 8.51
CA PRO B 48 -1.80 -28.87 8.95
C PRO B 48 -0.81 -29.46 9.96
N GLY B 49 -1.34 -30.05 11.01
CA GLY B 49 -0.51 -30.66 12.03
C GLY B 49 -0.26 -29.75 13.21
N ILE B 50 -0.68 -28.50 13.11
CA ILE B 50 -0.56 -27.59 14.25
C ILE B 50 -1.96 -27.35 14.78
N LYS B 51 -2.14 -27.62 16.08
CA LYS B 51 -3.44 -27.40 16.72
C LYS B 51 -3.50 -26.05 17.42
N LEU B 52 -4.58 -25.32 17.16
CA LEU B 52 -4.83 -24.07 17.88
C LEU B 52 -5.73 -24.37 19.06
N ASN B 53 -5.13 -24.58 20.23
CA ASN B 53 -5.87 -24.83 21.45
C ASN B 53 -6.33 -23.48 22.04
N VAL B 54 -7.31 -22.86 21.38
CA VAL B 54 -7.81 -21.56 21.83
C VAL B 54 -8.98 -21.78 22.80
N ILE B 55 -8.95 -21.04 23.90
CA ILE B 55 -9.89 -21.22 25.00
C ILE B 55 -10.58 -19.88 25.28
N VAL B 56 -11.88 -19.82 25.10
CA VAL B 56 -12.59 -18.55 25.20
C VAL B 56 -13.21 -18.26 26.57
N ASP B 57 -12.97 -17.05 27.08
CA ASP B 57 -13.61 -16.59 28.31
C ASP B 57 -13.70 -15.08 28.20
N TYR B 58 -14.53 -14.46 29.03
CA TYR B 58 -14.54 -13.01 29.10
C TYR B 58 -13.12 -12.50 29.37
N SER B 59 -12.72 -11.41 28.72
CA SER B 59 -11.36 -10.89 28.91
C SER B 59 -11.09 -10.52 30.36
N LYS B 60 -12.10 -10.00 31.04
CA LYS B 60 -11.97 -9.60 32.44
C LYS B 60 -11.79 -10.78 33.37
N TYR B 61 -12.07 -12.00 32.89
CA TYR B 61 -11.77 -13.19 33.67
C TYR B 61 -10.45 -13.83 33.22
N HIS B 62 -10.18 -13.86 31.92
CA HIS B 62 -8.88 -14.34 31.48
C HIS B 62 -7.72 -13.53 32.08
N ASP B 63 -7.84 -12.22 32.17
CA ASP B 63 -6.69 -11.45 32.65
C ASP B 63 -6.47 -11.71 34.15
N ALA B 64 -7.54 -11.83 34.94
CA ALA B 64 -7.40 -12.21 36.35
C ALA B 64 -6.79 -13.63 36.48
N ARG B 65 -7.19 -14.51 35.57
CA ARG B 65 -6.71 -15.88 35.54
C ARG B 65 -5.19 -15.91 35.31
N ILE B 66 -4.73 -15.09 34.37
CA ILE B 66 -3.31 -15.00 34.05
C ILE B 66 -2.51 -14.37 35.22
N ASP B 67 -3.05 -13.32 35.82
CA ASP B 67 -2.39 -12.73 36.98
C ASP B 67 -2.25 -13.77 38.08
N ASN B 68 -3.30 -14.55 38.30
CA ASN B 68 -3.26 -15.49 39.42
C ASN B 68 -2.30 -16.62 39.11
N GLN B 69 -2.28 -17.04 37.84
CA GLN B 69 -1.35 -18.09 37.44
C GLN B 69 0.10 -17.64 37.57
N LEU B 70 0.38 -16.41 37.18
CA LEU B 70 1.73 -15.88 37.32
C LEU B 70 2.12 -15.84 38.79
N ALA B 71 1.16 -15.44 39.62
CA ALA B 71 1.42 -15.30 41.04
C ALA B 71 1.71 -16.65 41.70
N THR B 72 1.08 -17.70 41.18
CA THR B 72 1.23 -19.01 41.78
C THR B 72 2.16 -19.93 40.99
N ASP B 73 2.76 -19.39 39.94
CA ASP B 73 3.68 -20.15 39.06
C ASP B 73 2.99 -21.36 38.44
N THR B 74 1.80 -21.12 37.87
CA THR B 74 1.02 -22.17 37.24
C THR B 74 0.52 -21.72 35.86
N LEU B 75 1.29 -20.86 35.21
CA LEU B 75 0.91 -20.33 33.90
C LEU B 75 0.66 -21.45 32.90
N ILE B 76 -0.49 -21.37 32.23
CA ILE B 76 -0.90 -22.41 31.29
C ILE B 76 -0.74 -22.01 29.81
N PRO B 77 -1.22 -20.82 29.41
CA PRO B 77 -1.21 -20.52 27.96
C PRO B 77 0.13 -20.09 27.38
N ASP B 78 0.26 -20.23 26.06
CA ASP B 78 1.41 -19.69 25.35
C ASP B 78 1.16 -18.26 24.93
N VAL B 79 -0.10 -17.96 24.64
CA VAL B 79 -0.51 -16.69 24.07
C VAL B 79 -1.73 -16.15 24.79
N VAL B 80 -1.79 -14.83 24.96
CA VAL B 80 -2.97 -14.19 25.51
C VAL B 80 -3.50 -13.18 24.50
N GLN B 81 -4.81 -13.15 24.34
CA GLN B 81 -5.43 -12.28 23.35
C GLN B 81 -6.74 -11.72 23.91
N LEU B 82 -6.77 -10.41 24.18
CA LEU B 82 -7.86 -9.80 24.97
C LEU B 82 -8.28 -8.42 24.50
N GLN B 83 -9.46 -7.98 24.96
CA GLN B 83 -9.87 -6.60 24.77
C GLN B 83 -9.51 -5.70 25.96
N THR B 84 -9.06 -6.32 27.07
CA THR B 84 -8.60 -5.54 28.23
C THR B 84 -7.19 -5.06 27.91
N VAL B 85 -7.11 -4.08 27.01
CA VAL B 85 -5.86 -3.72 26.39
C VAL B 85 -4.85 -3.12 27.38
N GLN B 86 -5.35 -2.57 28.48
CA GLN B 86 -4.46 -1.96 29.48
C GLN B 86 -3.59 -2.99 30.19
N ASP B 87 -3.94 -4.27 30.10
CA ASP B 87 -3.14 -5.32 30.71
C ASP B 87 -1.78 -5.50 30.03
N PHE B 88 -1.71 -5.19 28.74
CA PHE B 88 -0.52 -5.58 27.98
C PHE B 88 0.69 -4.70 28.32
N PRO B 89 0.51 -3.38 28.42
CA PRO B 89 1.65 -2.59 28.91
C PRO B 89 2.05 -2.99 30.33
N ARG B 90 1.07 -3.41 31.14
CA ARG B 90 1.37 -3.81 32.52
C ARG B 90 2.20 -5.10 32.56
N TRP B 91 1.76 -6.13 31.85
CA TRP B 91 2.52 -7.37 31.75
C TRP B 91 3.88 -7.14 31.12
N LYS B 92 3.95 -6.18 30.18
CA LYS B 92 5.25 -5.88 29.58
C LYS B 92 6.23 -5.40 30.64
N LYS B 93 5.78 -4.46 31.47
CA LYS B 93 6.62 -3.89 32.50
C LYS B 93 6.96 -4.93 33.58
N GLN B 94 6.06 -5.87 33.80
CA GLN B 94 6.31 -6.93 34.77
C GLN B 94 7.36 -7.92 34.26
N GLY B 95 7.61 -7.89 32.95
CA GLY B 95 8.65 -8.70 32.35
C GLY B 95 8.23 -10.10 31.94
N VAL B 96 6.93 -10.31 31.78
CA VAL B 96 6.43 -11.67 31.53
C VAL B 96 6.10 -11.91 30.06
N LEU B 97 6.32 -10.91 29.22
CA LEU B 97 6.00 -11.03 27.80
C LEU B 97 7.25 -11.24 26.96
N LEU B 98 7.12 -12.06 25.92
CA LEU B 98 8.23 -12.30 25.00
C LEU B 98 8.21 -11.28 23.87
N ASN B 99 9.27 -10.49 23.75
CA ASN B 99 9.37 -9.54 22.64
C ASN B 99 9.48 -10.31 21.34
N TYR B 100 8.49 -10.14 20.48
CA TYR B 100 8.50 -10.79 19.17
C TYR B 100 7.80 -9.91 18.17
N LYS B 101 8.53 -9.48 17.15
CA LYS B 101 7.97 -8.72 16.07
C LYS B 101 7.65 -9.68 14.93
N PRO B 102 6.36 -10.00 14.73
CA PRO B 102 6.00 -11.04 13.76
C PRO B 102 6.22 -10.57 12.33
N VAL B 103 6.07 -11.51 11.39
CA VAL B 103 6.12 -11.16 9.97
C VAL B 103 5.07 -10.10 9.63
N GLY B 104 5.51 -9.00 9.05
CA GLY B 104 4.62 -7.91 8.69
C GLY B 104 4.57 -6.78 9.71
N TRP B 105 5.33 -6.92 10.78
CA TRP B 105 5.29 -5.96 11.90
C TRP B 105 5.52 -4.52 11.41
N ASP B 106 6.38 -4.37 10.41
CA ASP B 106 6.69 -3.05 9.87
C ASP B 106 5.49 -2.42 9.15
N LYS B 107 4.51 -3.23 8.78
CA LYS B 107 3.34 -2.72 8.08
C LYS B 107 2.15 -2.49 9.02
N VAL B 108 2.32 -2.76 10.32
CA VAL B 108 1.25 -2.54 11.28
C VAL B 108 1.18 -1.05 11.66
N TYR B 109 -0.03 -0.51 11.61
CA TYR B 109 -0.31 0.87 12.03
C TYR B 109 0.29 1.05 13.43
N PRO B 110 1.16 2.06 13.61
CA PRO B 110 2.01 2.12 14.81
C PRO B 110 1.29 2.05 16.16
N GLU B 111 0.10 2.63 16.28
CA GLU B 111 -0.57 2.58 17.59
C GLU B 111 -1.10 1.17 17.86
N PHE B 112 -1.10 0.32 16.84
CA PHE B 112 -1.56 -1.07 16.99
C PHE B 112 -0.44 -2.07 17.25
N ARG B 113 0.70 -1.60 17.73
CA ARG B 113 1.82 -2.48 18.05
CA ARG B 113 1.79 -2.50 18.08
C ARG B 113 2.72 -1.85 19.09
N ASP B 114 3.24 -2.67 20.00
CA ASP B 114 4.23 -2.21 20.96
C ASP B 114 5.58 -2.04 20.26
N ALA B 115 6.26 -0.95 20.55
CA ALA B 115 7.51 -0.59 19.86
C ALA B 115 8.64 -1.61 20.03
N ASP B 116 8.60 -2.35 21.13
CA ASP B 116 9.63 -3.34 21.43
C ASP B 116 9.24 -4.75 20.98
N GLY B 117 8.00 -4.92 20.52
CA GLY B 117 7.51 -6.24 20.15
C GLY B 117 6.82 -6.99 21.28
N ALA B 118 6.50 -6.30 22.39
CA ALA B 118 5.93 -6.99 23.54
C ALA B 118 4.54 -7.55 23.26
N TRP B 119 3.79 -6.86 22.38
CA TRP B 119 2.43 -7.27 22.02
C TRP B 119 2.10 -6.67 20.66
N ILE B 120 1.04 -7.18 20.04
CA ILE B 120 0.60 -6.70 18.72
C ILE B 120 -0.91 -6.64 18.66
N GLY B 121 -1.43 -5.67 17.92
CA GLY B 121 -2.85 -5.69 17.60
C GLY B 121 -3.07 -6.83 16.61
N ALA B 122 -4.03 -7.71 16.90
CA ALA B 122 -4.27 -8.88 16.06
C ALA B 122 -5.19 -8.55 14.87
N TYR B 123 -6.24 -7.80 15.17
CA TYR B 123 -7.23 -7.35 14.20
C TYR B 123 -8.12 -6.31 14.85
N VAL B 124 -8.93 -5.62 14.06
CA VAL B 124 -9.80 -4.57 14.57
C VAL B 124 -11.22 -5.08 14.73
N ILE B 125 -11.80 -4.77 15.88
CA ILE B 125 -13.20 -5.02 16.19
C ILE B 125 -13.93 -3.68 16.34
N ALA B 126 -15.19 -3.63 15.93
CA ALA B 126 -15.98 -2.44 16.20
C ALA B 126 -17.37 -2.81 16.67
N PHE B 127 -17.89 -1.99 17.59
CA PHE B 127 -19.25 -2.13 18.11
C PHE B 127 -20.10 -0.97 17.61
N SER B 128 -21.19 -1.30 16.94
CA SER B 128 -22.09 -0.29 16.42
C SER B 128 -23.42 -0.94 16.08
N ASN B 129 -24.15 -0.36 15.14
CA ASN B 129 -25.48 -0.87 14.78
C ASN B 129 -25.48 -2.25 14.14
N LEU B 130 -26.36 -3.10 14.65
CA LEU B 130 -26.70 -4.34 13.98
C LEU B 130 -28.23 -4.41 13.86
N VAL B 131 -28.72 -4.49 12.63
CA VAL B 131 -30.14 -4.39 12.35
C VAL B 131 -30.70 -5.61 11.63
N ASN B 132 -31.97 -5.92 11.89
CA ASN B 132 -32.67 -6.98 11.16
C ASN B 132 -33.20 -6.39 9.88
N THR B 133 -32.66 -6.83 8.75
CA THR B 133 -32.98 -6.21 7.47
C THR B 133 -34.33 -6.66 6.90
N GLN B 134 -34.96 -7.64 7.54
CA GLN B 134 -36.29 -8.08 7.11
C GLN B 134 -37.38 -7.40 7.92
N LEU B 135 -37.07 -7.04 9.16
CA LEU B 135 -38.02 -6.33 10.01
C LEU B 135 -37.94 -4.83 9.74
N LEU B 136 -36.75 -4.36 9.40
CA LEU B 136 -36.53 -2.95 9.16
C LEU B 136 -36.07 -2.72 7.72
N ASN B 137 -36.80 -1.90 6.98
CA ASN B 137 -36.35 -1.53 5.65
C ASN B 137 -35.17 -0.57 5.80
N GLU B 138 -34.36 -0.45 4.75
CA GLU B 138 -33.10 0.28 4.84
C GLU B 138 -33.26 1.72 5.28
N LYS B 139 -34.32 2.38 4.81
CA LYS B 139 -34.54 3.78 5.13
C LYS B 139 -34.86 3.95 6.62
N SER B 140 -35.28 2.88 7.28
CA SER B 140 -35.61 2.98 8.69
C SER B 140 -34.60 2.29 9.60
N TRP B 141 -33.45 1.87 9.06
CA TRP B 141 -32.38 1.33 9.90
C TRP B 141 -31.92 2.41 10.87
N PRO B 142 -31.98 2.12 12.19
CA PRO B 142 -31.43 3.10 13.12
C PRO B 142 -29.90 3.13 13.00
N ARG B 143 -29.34 4.33 12.91
CA ARG B 143 -27.91 4.46 12.70
C ARG B 143 -27.25 5.36 13.73
N GLU B 144 -27.96 6.40 14.15
CA GLU B 144 -27.50 7.32 15.18
C GLU B 144 -28.09 6.94 16.53
N ALA B 145 -27.43 7.34 17.62
CA ALA B 145 -27.87 6.92 18.94
C ALA B 145 -29.33 7.28 19.21
N ASN B 146 -29.73 8.51 18.91
CA ASN B 146 -31.10 8.95 19.19
C ASN B 146 -32.15 8.33 18.28
N ASP B 147 -31.74 7.66 17.19
CA ASP B 147 -32.71 6.94 16.38
C ASP B 147 -33.39 5.87 17.24
N TYR B 148 -32.66 5.35 18.22
CA TYR B 148 -33.16 4.26 19.04
C TYR B 148 -34.23 4.69 20.03
N LEU B 149 -34.47 6.00 20.13
CA LEU B 149 -35.50 6.50 21.03
C LEU B 149 -36.86 6.66 20.33
N ARG B 150 -36.93 6.33 19.04
CA ARG B 150 -38.19 6.53 18.33
C ARG B 150 -39.24 5.50 18.78
N PRO B 151 -40.51 5.90 18.76
CA PRO B 151 -41.60 5.08 19.31
C PRO B 151 -41.71 3.66 18.73
N ASP B 152 -41.46 3.46 17.44
CA ASP B 152 -41.69 2.12 16.91
C ASP B 152 -40.55 1.15 17.24
N LEU B 153 -39.55 1.62 17.99
CA LEU B 153 -38.50 0.72 18.46
C LEU B 153 -38.69 0.36 19.94
N LYS B 154 -39.71 0.91 20.57
CA LYS B 154 -39.98 0.60 21.98
C LYS B 154 -40.35 -0.88 22.09
N GLY B 155 -39.69 -1.58 23.01
CA GLY B 155 -39.95 -3.00 23.19
C GLY B 155 -39.33 -3.89 22.12
N ASN B 156 -38.58 -3.28 21.20
CA ASN B 156 -37.99 -4.04 20.09
C ASN B 156 -36.46 -4.04 20.12
N LEU B 157 -35.90 -3.64 21.25
CA LEU B 157 -34.45 -3.54 21.37
C LEU B 157 -33.89 -4.56 22.36
N ILE B 158 -32.78 -5.18 21.97
CA ILE B 158 -32.02 -6.04 22.86
C ILE B 158 -30.59 -5.51 22.90
N LEU B 159 -30.04 -5.41 24.10
CA LEU B 159 -28.76 -4.73 24.34
C LEU B 159 -27.87 -5.54 25.28
N ALA B 160 -26.57 -5.57 24.99
CA ALA B 160 -25.61 -6.17 25.89
C ALA B 160 -25.47 -5.31 27.16
N TYR B 161 -25.36 -5.97 28.31
CA TYR B 161 -25.16 -5.23 29.57
C TYR B 161 -23.87 -4.42 29.52
N PRO B 162 -23.96 -3.09 29.61
CA PRO B 162 -22.73 -2.30 29.57
C PRO B 162 -21.88 -2.51 30.82
N ASN B 163 -22.49 -2.93 31.93
CA ASN B 163 -21.74 -3.18 33.16
C ASN B 163 -21.16 -4.60 33.23
N ASP B 164 -21.22 -5.32 32.11
CA ASP B 164 -20.62 -6.66 32.05
C ASP B 164 -19.48 -6.73 31.01
N ASP B 165 -19.28 -5.66 30.24
CA ASP B 165 -18.31 -5.67 29.14
C ASP B 165 -17.86 -4.23 28.90
N ASP B 166 -16.57 -3.96 29.08
CA ASP B 166 -16.08 -2.58 29.06
C ASP B 166 -16.06 -1.98 27.66
N ALA B 167 -16.05 -2.80 26.62
CA ALA B 167 -16.13 -2.26 25.25
C ALA B 167 -17.55 -1.76 24.97
N VAL B 168 -18.55 -2.53 25.40
CA VAL B 168 -19.94 -2.10 25.39
C VAL B 168 -20.07 -0.81 26.21
N LEU B 169 -19.49 -0.82 27.41
CA LEU B 169 -19.53 0.32 28.31
C LEU B 169 -19.01 1.58 27.62
N PHE B 170 -17.89 1.46 26.91
CA PHE B 170 -17.28 2.62 26.28
C PHE B 170 -18.18 3.24 25.21
N TRP B 171 -19.01 2.42 24.55
CA TRP B 171 -19.99 2.99 23.61
C TRP B 171 -20.84 4.03 24.32
N TYR B 172 -21.33 3.67 25.49
CA TYR B 172 -22.14 4.63 26.25
C TYR B 172 -21.33 5.83 26.74
N LYS B 173 -20.06 5.62 27.08
CA LYS B 173 -19.22 6.70 27.55
C LYS B 173 -19.15 7.77 26.45
N GLN B 174 -18.94 7.34 25.20
CA GLN B 174 -18.88 8.30 24.11
C GLN B 174 -20.23 9.00 23.88
N ILE B 175 -21.32 8.26 24.02
CA ILE B 175 -22.63 8.82 23.73
C ILE B 175 -23.07 9.78 24.85
N VAL B 176 -22.74 9.44 26.10
CA VAL B 176 -23.04 10.36 27.19
C VAL B 176 -22.19 11.61 27.06
N ASP B 177 -20.94 11.46 26.60
CA ASP B 177 -20.09 12.62 26.34
C ASP B 177 -20.76 13.60 25.39
N LYS B 178 -21.43 13.07 24.36
CA LYS B 178 -22.04 13.91 23.34
C LYS B 178 -23.46 14.38 23.71
N TYR B 179 -24.27 13.51 24.31
CA TYR B 179 -25.70 13.81 24.50
C TYR B 179 -26.13 13.90 25.97
N GLY B 180 -25.22 13.57 26.87
CA GLY B 180 -25.51 13.63 28.29
C GLY B 180 -26.27 12.44 28.83
N TRP B 181 -26.49 12.44 30.14
CA TRP B 181 -27.15 11.32 30.78
C TRP B 181 -28.60 11.18 30.34
N GLU B 182 -29.19 12.27 29.83
CA GLU B 182 -30.60 12.20 29.42
C GLU B 182 -30.79 11.15 28.33
N PHE B 183 -29.75 10.87 27.54
CA PHE B 183 -29.87 9.83 26.54
C PHE B 183 -30.12 8.48 27.21
N VAL B 184 -29.35 8.19 28.26
CA VAL B 184 -29.48 6.90 28.94
C VAL B 184 -30.83 6.82 29.64
N GLU B 185 -31.27 7.93 30.23
CA GLU B 185 -32.58 7.97 30.89
C GLU B 185 -33.70 7.68 29.89
N LYS B 186 -33.67 8.34 28.72
CA LYS B 186 -34.71 8.13 27.73
C LYS B 186 -34.62 6.72 27.12
N LEU B 187 -33.41 6.18 26.99
CA LEU B 187 -33.29 4.83 26.45
C LEU B 187 -33.99 3.80 27.32
N GLN B 188 -33.94 3.96 28.64
CA GLN B 188 -34.60 2.97 29.50
C GLN B 188 -36.13 2.98 29.32
N GLU B 189 -36.69 4.13 28.93
CA GLU B 189 -38.14 4.21 28.70
C GLU B 189 -38.54 3.44 27.42
N GLN B 190 -37.54 3.00 26.66
CA GLN B 190 -37.78 2.17 25.48
C GLN B 190 -37.96 0.72 25.88
N ASP B 191 -37.83 0.46 27.18
CA ASP B 191 -37.94 -0.90 27.71
C ASP B 191 -37.03 -1.91 26.97
N PRO B 192 -35.73 -1.58 26.83
CA PRO B 192 -34.79 -2.51 26.21
C PRO B 192 -34.60 -3.76 27.07
N VAL B 193 -34.29 -4.86 26.40
CA VAL B 193 -33.93 -6.09 27.07
C VAL B 193 -32.42 -6.21 27.12
N TYR B 194 -31.87 -6.34 28.32
CA TYR B 194 -30.42 -6.48 28.50
C TYR B 194 -30.04 -7.94 28.70
N VAL B 195 -28.90 -8.31 28.11
CA VAL B 195 -28.41 -9.67 28.23
C VAL B 195 -26.90 -9.67 28.41
N ARG B 196 -26.37 -10.70 29.07
CA ARG B 196 -24.92 -10.93 29.10
C ARG B 196 -24.49 -11.58 27.79
N GLY B 197 -23.27 -11.30 27.33
CA GLY B 197 -22.73 -11.86 26.12
C GLY B 197 -23.03 -10.98 24.91
N THR B 198 -21.99 -10.39 24.30
CA THR B 198 -22.23 -9.47 23.18
C THR B 198 -22.70 -10.24 21.94
N ASN B 199 -22.59 -11.55 21.98
CA ASN B 199 -23.10 -12.38 20.89
C ASN B 199 -24.63 -12.49 20.89
N VAL B 200 -25.21 -12.38 22.07
CA VAL B 200 -26.62 -12.71 22.25
C VAL B 200 -27.59 -11.76 21.57
N PRO B 201 -27.34 -10.44 21.65
CA PRO B 201 -28.21 -9.53 20.90
C PRO B 201 -28.32 -9.89 19.41
N GLY B 202 -27.21 -10.14 18.74
CA GLY B 202 -27.25 -10.50 17.34
C GLY B 202 -27.98 -11.80 17.10
N ALA B 203 -27.82 -12.75 18.02
CA ALA B 203 -28.49 -14.04 17.86
C ALA B 203 -30.01 -13.90 17.89
N GLN B 204 -30.52 -13.09 18.81
CA GLN B 204 -31.97 -12.95 18.96
C GLN B 204 -32.58 -12.03 17.90
N ILE B 205 -31.79 -11.09 17.39
CA ILE B 205 -32.23 -10.26 16.27
C ILE B 205 -32.37 -11.11 15.01
N THR B 206 -31.44 -12.06 14.84
CA THR B 206 -31.48 -12.97 13.71
C THR B 206 -32.76 -13.80 13.65
N THR B 207 -33.25 -14.23 14.82
CA THR B 207 -34.48 -15.02 14.88
C THR B 207 -35.72 -14.13 14.74
N GLY B 208 -35.52 -12.82 14.70
CA GLY B 208 -36.63 -11.91 14.54
C GLY B 208 -37.34 -11.51 15.83
N LYS B 209 -36.77 -11.87 16.98
CA LYS B 209 -37.43 -11.55 18.24
C LYS B 209 -37.23 -10.07 18.60
N TYR B 210 -36.16 -9.49 18.07
CA TYR B 210 -35.86 -8.06 18.21
C TYR B 210 -35.39 -7.48 16.88
N SER B 211 -35.39 -6.16 16.79
CA SER B 211 -35.16 -5.48 15.52
C SER B 211 -33.75 -4.90 15.37
N ALA B 212 -33.13 -4.50 16.47
CA ALA B 212 -31.84 -3.78 16.39
C ALA B 212 -31.10 -3.75 17.72
N THR B 213 -29.81 -3.43 17.63
CA THR B 213 -28.95 -3.18 18.77
C THR B 213 -27.81 -2.25 18.30
N PHE B 214 -27.25 -1.44 19.20
CA PHE B 214 -26.22 -0.49 18.77
C PHE B 214 -24.84 -0.80 19.34
N THR B 215 -24.69 -1.94 20.02
CA THR B 215 -23.39 -2.32 20.55
C THR B 215 -22.98 -3.73 20.17
N SER B 216 -22.94 -3.97 18.86
CA SER B 216 -22.60 -5.29 18.36
C SER B 216 -21.54 -5.17 17.27
N SER B 217 -20.72 -6.21 17.14
CA SER B 217 -19.83 -6.33 16.00
C SER B 217 -20.59 -7.05 14.90
N GLY B 218 -19.96 -7.28 13.76
CA GLY B 218 -20.65 -7.93 12.67
C GLY B 218 -19.77 -7.88 11.44
N ALA B 219 -20.09 -8.69 10.44
CA ALA B 219 -19.29 -8.73 9.21
C ALA B 219 -19.47 -7.46 8.38
N LEU B 220 -18.35 -6.88 7.94
CA LEU B 220 -18.38 -5.73 7.03
C LEU B 220 -18.84 -6.17 5.65
N VAL B 221 -18.55 -7.42 5.33
CA VAL B 221 -18.98 -8.07 4.09
C VAL B 221 -19.90 -9.24 4.42
N PRO B 222 -21.20 -8.95 4.56
CA PRO B 222 -22.23 -9.93 4.95
C PRO B 222 -22.51 -10.97 3.87
N ALA B 223 -23.00 -12.13 4.28
CA ALA B 223 -23.46 -13.14 3.34
C ALA B 223 -24.70 -12.62 2.62
N ALA B 224 -24.97 -13.16 1.44
CA ALA B 224 -26.12 -12.72 0.65
C ALA B 224 -27.45 -12.93 1.36
N GLY B 225 -28.29 -11.90 1.36
CA GLY B 225 -29.62 -12.02 1.93
C GLY B 225 -29.64 -12.08 3.43
N SER B 226 -28.52 -11.74 4.07
CA SER B 226 -28.38 -11.86 5.51
C SER B 226 -29.47 -11.10 6.25
N VAL B 227 -30.05 -11.72 7.27
CA VAL B 227 -31.16 -11.10 7.98
C VAL B 227 -30.64 -9.98 8.86
N THR B 228 -29.36 -10.04 9.23
CA THR B 228 -28.75 -8.96 9.98
C THR B 228 -27.71 -8.23 9.12
N ARG B 229 -27.46 -6.97 9.47
CA ARG B 229 -26.45 -6.16 8.80
C ARG B 229 -25.77 -5.23 9.81
N PHE B 230 -24.44 -5.25 9.81
CA PHE B 230 -23.68 -4.28 10.58
C PHE B 230 -23.68 -2.97 9.80
N VAL B 231 -24.11 -1.88 10.45
CA VAL B 231 -24.24 -0.59 9.78
C VAL B 231 -23.68 0.52 10.65
N LEU B 232 -22.78 1.33 10.08
CA LEU B 232 -22.15 2.41 10.84
C LEU B 232 -23.03 3.65 10.94
N PRO B 233 -22.83 4.45 11.99
CA PRO B 233 -23.51 5.75 12.02
C PRO B 233 -22.96 6.65 10.95
N LYS B 234 -23.78 7.61 10.49
CA LYS B 234 -23.29 8.63 9.58
C LYS B 234 -22.45 9.67 10.30
N THR B 235 -22.85 10.03 11.51
CA THR B 235 -22.16 11.09 12.22
C THR B 235 -21.80 10.73 13.67
N ASP B 236 -22.66 9.96 14.34
CA ASP B 236 -22.47 9.66 15.77
C ASP B 236 -21.27 8.74 16.00
N PRO B 237 -20.71 8.76 17.21
CA PRO B 237 -19.53 7.92 17.49
C PRO B 237 -19.83 6.43 17.52
N PHE B 238 -18.83 5.63 17.20
CA PHE B 238 -18.93 4.19 17.45
C PHE B 238 -17.63 3.71 18.06
N VAL B 239 -17.63 2.47 18.56
CA VAL B 239 -16.47 1.97 19.27
C VAL B 239 -15.64 1.05 18.37
N SER B 240 -14.32 1.20 18.44
CA SER B 240 -13.43 0.29 17.73
C SER B 240 -12.11 0.15 18.49
N TRP B 241 -11.44 -0.97 18.31
CA TRP B 241 -10.13 -1.15 18.92
C TRP B 241 -9.38 -2.29 18.26
N ALA B 242 -8.08 -2.32 18.45
CA ALA B 242 -7.31 -3.47 18.02
C ALA B 242 -7.23 -4.45 19.19
N GLN B 243 -7.75 -5.65 18.98
CA GLN B 243 -7.63 -6.72 19.95
C GLN B 243 -6.13 -7.03 20.12
N ARG B 244 -5.65 -7.06 21.35
CA ARG B 244 -4.22 -7.20 21.56
C ARG B 244 -3.80 -8.63 21.88
N ALA B 245 -2.64 -9.02 21.38
CA ALA B 245 -2.11 -10.35 21.57
C ALA B 245 -0.63 -10.32 21.94
N ALA B 246 -0.23 -11.28 22.75
CA ALA B 246 1.16 -11.38 23.18
C ALA B 246 1.54 -12.81 23.52
N ILE B 247 2.82 -13.11 23.39
CA ILE B 247 3.40 -14.37 23.77
C ILE B 247 4.03 -14.24 25.16
N PHE B 248 3.84 -15.24 26.01
CA PHE B 248 4.53 -15.22 27.30
C PHE B 248 5.98 -15.66 27.15
N LYS B 249 6.86 -14.96 27.86
CA LYS B 249 8.28 -15.29 27.90
C LYS B 249 8.47 -16.75 28.31
N GLN B 250 7.61 -17.24 29.19
N GLN B 250 7.55 -17.23 29.14
CA GLN B 250 7.72 -18.62 29.67
CA GLN B 250 7.62 -18.59 29.69
C GLN B 250 6.91 -19.62 28.85
C GLN B 250 6.90 -19.62 28.85
N ALA B 251 6.43 -19.21 27.68
CA ALA B 251 5.64 -20.10 26.82
C ALA B 251 6.37 -21.41 26.54
N LYS B 252 5.66 -22.53 26.69
CA LYS B 252 6.23 -23.84 26.40
C LYS B 252 6.40 -24.03 24.89
N HIS B 253 5.60 -23.29 24.12
CA HIS B 253 5.61 -23.46 22.66
C HIS B 253 5.83 -22.16 21.92
N PRO B 254 7.03 -21.57 22.07
CA PRO B 254 7.30 -20.24 21.52
C PRO B 254 7.23 -20.22 20.00
N GLU B 255 7.69 -21.27 19.34
CA GLU B 255 7.67 -21.26 17.87
C GLU B 255 6.26 -21.36 17.29
N SER B 256 5.41 -22.20 17.88
CA SER B 256 4.03 -22.28 17.44
C SER B 256 3.30 -20.98 17.76
N ALA B 257 3.68 -20.36 18.88
CA ALA B 257 3.13 -19.06 19.24
C ALA B 257 3.49 -18.01 18.19
N LYS B 258 4.76 -18.02 17.77
CA LYS B 258 5.25 -17.11 16.75
C LYS B 258 4.51 -17.32 15.44
N LEU B 259 4.23 -18.59 15.13
CA LEU B 259 3.48 -18.93 13.93
C LEU B 259 2.07 -18.34 13.99
N TYR B 260 1.47 -18.42 15.17
CA TYR B 260 0.11 -17.90 15.35
C TYR B 260 0.09 -16.39 15.17
N LEU B 261 1.02 -15.67 15.80
CA LEU B 261 1.03 -14.22 15.67
C LEU B 261 1.38 -13.79 14.24
N SER B 262 2.35 -14.45 13.62
CA SER B 262 2.69 -14.12 12.24
C SER B 262 1.54 -14.43 11.28
N TRP B 263 0.84 -15.55 11.52
CA TRP B 263 -0.35 -15.88 10.74
C TRP B 263 -1.47 -14.84 10.92
N LEU B 264 -1.67 -14.35 12.14
CA LEU B 264 -2.70 -13.34 12.35
C LEU B 264 -2.48 -12.11 11.46
N LEU B 265 -1.22 -11.71 11.30
CA LEU B 265 -0.89 -10.49 10.57
C LEU B 265 -0.83 -10.72 9.06
N ASP B 266 -0.97 -11.96 8.61
CA ASP B 266 -0.86 -12.23 7.18
C ASP B 266 -1.99 -11.53 6.44
N PRO B 267 -1.69 -10.95 5.26
CA PRO B 267 -2.80 -10.27 4.59
C PRO B 267 -4.04 -11.14 4.34
N GLN B 268 -3.87 -12.42 4.02
CA GLN B 268 -5.04 -13.29 3.79
C GLN B 268 -5.87 -13.48 5.05
N THR B 269 -5.22 -13.65 6.19
CA THR B 269 -5.93 -13.76 7.45
C THR B 269 -6.67 -12.46 7.73
N GLN B 270 -6.01 -11.34 7.47
CA GLN B 270 -6.59 -10.05 7.75
C GLN B 270 -7.79 -9.77 6.84
N THR B 271 -7.86 -10.40 5.66
CA THR B 271 -8.97 -10.16 4.74
C THR B 271 -10.02 -11.28 4.66
N GLN B 272 -9.61 -12.53 4.86
CA GLN B 272 -10.53 -13.66 4.71
C GLN B 272 -11.01 -14.30 6.00
N VAL B 273 -10.29 -14.07 7.09
CA VAL B 273 -10.66 -14.72 8.35
C VAL B 273 -11.24 -13.70 9.31
N SER B 274 -10.47 -12.65 9.58
CA SER B 274 -10.94 -11.51 10.35
C SER B 274 -12.11 -10.85 9.59
N ARG B 275 -13.21 -10.56 10.27
CA ARG B 275 -14.41 -10.12 9.55
C ARG B 275 -14.63 -8.61 9.55
N MET B 276 -13.77 -7.88 10.25
CA MET B 276 -13.86 -6.44 10.24
C MET B 276 -12.55 -5.83 9.71
N TRP B 277 -12.07 -4.75 10.32
CA TRP B 277 -10.90 -4.04 9.81
C TRP B 277 -9.57 -4.69 10.08
N SER B 278 -8.56 -4.28 9.33
CA SER B 278 -7.21 -4.78 9.47
C SER B 278 -6.34 -3.81 10.27
N VAL B 279 -5.34 -4.34 10.97
CA VAL B 279 -4.36 -3.51 11.66
C VAL B 279 -3.22 -3.03 10.74
N ARG B 280 -3.20 -3.51 9.49
CA ARG B 280 -2.07 -3.22 8.57
C ARG B 280 -2.34 -2.05 7.63
N THR B 281 -1.31 -1.27 7.35
CA THR B 281 -1.44 -0.10 6.49
C THR B 281 -1.43 -0.47 5.02
N ASP B 282 -0.98 -1.69 4.70
CA ASP B 282 -0.86 -2.10 3.30
C ASP B 282 -1.94 -3.10 2.89
N VAL B 283 -2.95 -3.25 3.73
CA VAL B 283 -4.12 -4.09 3.47
C VAL B 283 -5.32 -3.21 3.18
N ALA B 284 -5.91 -3.36 1.99
CA ALA B 284 -7.02 -2.51 1.60
C ALA B 284 -8.22 -2.74 2.50
N PRO B 285 -8.88 -1.63 2.89
CA PRO B 285 -10.14 -1.80 3.61
C PRO B 285 -11.13 -2.55 2.72
N PRO B 286 -12.10 -3.26 3.31
CA PRO B 286 -13.06 -3.95 2.43
C PRO B 286 -13.77 -2.94 1.56
N ALA B 287 -14.13 -3.33 0.34
CA ALA B 287 -14.74 -2.42 -0.61
C ALA B 287 -15.91 -1.69 0.01
N GLY B 288 -15.93 -0.37 -0.16
CA GLY B 288 -16.97 0.47 0.40
C GLY B 288 -16.59 1.10 1.72
N TYR B 289 -15.46 0.68 2.28
CA TYR B 289 -15.03 1.18 3.60
C TYR B 289 -13.67 1.87 3.53
N LYS B 290 -13.37 2.61 4.60
CA LYS B 290 -12.06 3.22 4.79
C LYS B 290 -11.26 2.44 5.83
N HIS B 291 -9.98 2.78 6.00
CA HIS B 291 -9.19 2.24 7.12
C HIS B 291 -9.87 2.69 8.40
N ILE B 292 -9.75 1.92 9.48
CA ILE B 292 -10.43 2.30 10.71
C ILE B 292 -9.93 3.66 11.22
N TRP B 293 -8.66 3.99 10.97
CA TRP B 293 -8.11 5.26 11.43
C TRP B 293 -8.50 6.46 10.58
N GLU B 294 -9.33 6.23 9.56
CA GLU B 294 -9.79 7.31 8.71
C GLU B 294 -11.21 7.75 9.04
N TYR B 295 -11.82 7.13 10.06
CA TYR B 295 -13.17 7.52 10.47
C TYR B 295 -13.11 8.61 11.53
N SER B 296 -13.74 9.74 11.28
CA SER B 296 -13.72 10.83 12.25
C SER B 296 -14.60 10.53 13.47
N ASN B 297 -15.51 9.57 13.34
CA ASN B 297 -16.42 9.25 14.47
C ASN B 297 -16.06 7.98 15.25
N THR B 298 -14.80 7.56 15.16
CA THR B 298 -14.27 6.55 16.06
C THR B 298 -12.78 6.84 16.32
N ARG B 299 -12.25 6.34 17.42
CA ARG B 299 -10.85 6.55 17.79
C ARG B 299 -10.39 5.33 18.57
N PRO B 300 -9.75 4.34 17.91
CA PRO B 300 -9.29 3.15 18.65
C PRO B 300 -8.45 3.48 19.88
N GLN B 301 -7.63 4.51 19.77
CA GLN B 301 -6.77 4.90 20.88
C GLN B 301 -7.59 5.41 22.07
N ALA B 302 -8.77 5.96 21.81
CA ALA B 302 -9.62 6.49 22.88
C ALA B 302 -10.10 5.37 23.80
N PHE B 303 -10.35 4.19 23.23
CA PHE B 303 -10.74 3.06 24.05
C PHE B 303 -9.56 2.62 24.90
N ALA B 304 -8.36 2.59 24.31
CA ALA B 304 -7.18 2.22 25.09
C ALA B 304 -6.94 3.22 26.23
N ASP B 305 -7.12 4.51 25.93
CA ASP B 305 -6.94 5.53 26.96
C ASP B 305 -8.01 5.41 28.06
N PHE B 306 -9.24 5.17 27.65
CA PHE B 306 -10.35 4.92 28.61
C PHE B 306 -9.99 3.77 29.56
N MET B 307 -9.52 2.66 29.00
CA MET B 307 -9.25 1.45 29.76
C MET B 307 -8.08 1.54 30.74
N SER B 308 -7.19 2.50 30.54
CA SER B 308 -6.02 2.64 31.41
C SER B 308 -6.37 3.19 32.79
N ASP B 309 -7.49 3.92 32.89
CA ASP B 309 -7.88 4.57 34.16
C ASP B 309 -9.00 3.77 34.80
N ARG B 310 -8.65 2.78 35.60
CA ARG B 310 -9.64 1.83 36.09
C ARG B 310 -10.68 2.49 37.03
N GLY B 311 -10.25 3.49 37.78
CA GLY B 311 -11.15 4.23 38.67
C GLY B 311 -12.21 4.96 37.89
N ALA B 312 -11.80 5.61 36.79
CA ALA B 312 -12.75 6.32 35.96
C ALA B 312 -13.71 5.35 35.28
N VAL B 313 -13.19 4.22 34.80
CA VAL B 313 -14.06 3.23 34.22
C VAL B 313 -15.07 2.71 35.25
N GLU B 314 -14.59 2.40 36.45
CA GLU B 314 -15.45 1.90 37.52
C GLU B 314 -16.57 2.89 37.88
N ARG B 315 -16.24 4.17 38.02
CA ARG B 315 -17.23 5.17 38.37
C ARG B 315 -18.29 5.30 37.29
N PHE B 316 -17.89 5.22 36.02
CA PHE B 316 -18.85 5.28 34.94
C PHE B 316 -19.68 3.99 34.88
N ARG B 317 -19.04 2.84 35.07
CA ARG B 317 -19.77 1.57 35.05
C ARG B 317 -20.85 1.54 36.13
N ALA B 318 -20.49 1.97 37.32
CA ALA B 318 -21.40 1.91 38.45
C ALA B 318 -22.61 2.80 38.22
N GLN B 319 -22.39 3.98 37.64
CA GLN B 319 -23.50 4.83 37.28
C GLN B 319 -24.41 4.17 36.22
N MET B 320 -23.81 3.54 35.22
CA MET B 320 -24.63 2.83 34.24
C MET B 320 -25.43 1.72 34.90
N SER B 321 -24.85 1.08 35.92
CA SER B 321 -25.55 0.01 36.63
C SER B 321 -26.87 0.49 37.23
N LEU B 322 -26.90 1.74 37.68
CA LEU B 322 -28.11 2.28 38.29
C LEU B 322 -29.23 2.43 37.26
N TYR B 323 -28.88 2.59 35.99
CA TYR B 323 -29.88 2.70 34.93
C TYR B 323 -30.36 1.33 34.42
N VAL B 324 -29.45 0.37 34.26
CA VAL B 324 -29.80 -0.87 33.57
C VAL B 324 -30.00 -2.05 34.52
N GLY B 325 -29.64 -1.86 35.79
CA GLY B 325 -29.72 -2.94 36.76
C GLY B 325 -28.47 -3.79 36.77
N GLU B 326 -28.36 -4.69 37.75
CA GLU B 326 -27.21 -5.60 37.79
C GLU B 326 -27.27 -6.54 36.60
N ALA B 327 -26.10 -6.97 36.11
CA ALA B 327 -26.03 -7.87 34.97
C ALA B 327 -26.54 -9.24 35.40
N LYS B 328 -27.70 -9.64 34.88
CA LYS B 328 -28.35 -10.87 35.33
C LYS B 328 -28.04 -12.04 34.42
N GLY B 329 -28.07 -13.25 34.97
CA GLY B 329 -27.86 -14.44 34.18
C GLY B 329 -26.47 -15.05 34.29
N ASP B 330 -26.33 -16.28 33.78
CA ASP B 330 -25.07 -16.99 33.82
C ASP B 330 -24.08 -16.34 32.84
N PRO B 331 -22.78 -16.45 33.12
CA PRO B 331 -21.76 -15.98 32.17
C PRO B 331 -21.77 -16.84 30.92
N THR B 332 -21.78 -16.21 29.75
CA THR B 332 -21.97 -16.98 28.50
C THR B 332 -20.84 -17.97 28.18
N PRO B 333 -19.59 -17.68 28.61
CA PRO B 333 -18.55 -18.69 28.35
C PRO B 333 -18.64 -19.94 29.24
N GLY B 334 -19.58 -19.96 30.18
CA GLY B 334 -19.55 -21.00 31.19
C GLY B 334 -18.54 -20.59 32.24
N TRP B 335 -18.18 -21.51 33.12
CA TRP B 335 -17.25 -21.20 34.21
C TRP B 335 -15.99 -22.07 34.10
N LEU B 336 -14.86 -21.43 33.77
CA LEU B 336 -13.65 -22.17 33.43
C LEU B 336 -12.73 -22.48 34.61
N GLY B 337 -12.88 -21.76 35.71
CA GLY B 337 -12.04 -21.98 36.87
C GLY B 337 -10.67 -21.37 36.74
N LEU B 338 -9.74 -21.80 37.58
CA LEU B 338 -8.42 -21.18 37.63
C LEU B 338 -7.44 -21.69 36.57
N HIS B 339 -7.57 -22.94 36.16
CA HIS B 339 -6.56 -23.55 35.28
C HIS B 339 -7.14 -24.36 34.12
N PRO B 340 -7.95 -23.72 33.27
CA PRO B 340 -8.46 -24.44 32.10
C PRO B 340 -7.32 -24.72 31.12
N GLU B 341 -7.18 -25.97 30.70
CA GLU B 341 -6.10 -26.36 29.79
C GLU B 341 -6.63 -26.70 28.39
N VAL B 342 -7.95 -26.83 28.30
CA VAL B 342 -8.65 -27.09 27.04
C VAL B 342 -9.97 -26.33 27.10
N PRO B 343 -10.68 -26.23 25.97
CA PRO B 343 -12.00 -25.60 25.99
C PRO B 343 -12.98 -26.38 26.83
N LEU B 344 -14.06 -25.75 27.28
CA LEU B 344 -15.08 -26.44 28.09
C LEU B 344 -15.75 -27.58 27.34
N ALA B 345 -16.25 -28.54 28.09
CA ALA B 345 -16.92 -29.72 27.55
C ALA B 345 -18.12 -29.34 26.69
N ALA C 1 -12.66 11.70 -24.88
CA ALA C 1 -12.92 12.50 -23.69
C ALA C 1 -12.20 11.92 -22.48
N THR C 2 -11.60 12.77 -21.66
CA THR C 2 -10.92 12.30 -20.45
C THR C 2 -11.90 12.36 -19.29
N VAL C 3 -12.06 11.25 -18.60
CA VAL C 3 -13.00 11.18 -17.49
C VAL C 3 -12.35 10.70 -16.21
N ALA C 4 -12.96 11.07 -15.09
CA ALA C 4 -12.54 10.59 -13.79
C ALA C 4 -13.62 9.63 -13.29
N PRO C 5 -13.26 8.74 -12.36
CA PRO C 5 -14.27 7.84 -11.79
C PRO C 5 -15.50 8.60 -11.30
N ASP C 6 -16.68 8.05 -11.54
CA ASP C 6 -17.94 8.64 -11.11
C ASP C 6 -17.94 8.79 -9.59
N THR C 7 -18.31 9.97 -9.11
CA THR C 7 -18.28 10.24 -7.67
C THR C 7 -19.64 10.10 -7.00
N ARG C 8 -20.68 9.89 -7.80
CA ARG C 8 -22.04 9.77 -7.26
C ARG C 8 -22.19 8.46 -6.48
N SER C 9 -23.18 8.41 -5.60
CA SER C 9 -23.56 7.13 -4.99
C SER C 9 -24.43 6.39 -6.00
N LEU C 10 -24.67 5.09 -5.77
CA LEU C 10 -25.55 4.35 -6.65
C LEU C 10 -26.95 4.97 -6.64
N ASP C 11 -27.38 5.51 -5.50
CA ASP C 11 -28.73 6.05 -5.46
C ASP C 11 -28.85 7.34 -6.26
N GLU C 12 -27.80 8.14 -6.29
CA GLU C 12 -27.80 9.37 -7.08
C GLU C 12 -27.86 9.07 -8.57
N ILE C 13 -27.10 8.06 -9.00
CA ILE C 13 -27.19 7.65 -10.40
C ILE C 13 -28.57 7.12 -10.71
N TYR C 14 -29.10 6.33 -9.78
CA TYR C 14 -30.42 5.71 -9.92
C TYR C 14 -31.53 6.74 -10.09
N GLN C 15 -31.48 7.81 -9.30
CA GLN C 15 -32.47 8.88 -9.41
C GLN C 15 -32.43 9.46 -10.83
N SER C 16 -31.23 9.64 -11.37
CA SER C 16 -31.05 10.20 -12.71
C SER C 16 -31.47 9.23 -13.82
N ALA C 17 -31.20 7.94 -13.62
CA ALA C 17 -31.60 6.93 -14.59
C ALA C 17 -33.12 6.82 -14.67
N LEU C 18 -33.81 7.07 -13.57
CA LEU C 18 -35.27 6.95 -13.55
C LEU C 18 -35.92 7.88 -14.58
N LYS C 19 -35.21 8.96 -14.91
CA LYS C 19 -35.67 9.94 -15.89
C LYS C 19 -35.69 9.41 -17.33
N GLU C 20 -35.01 8.30 -17.58
CA GLU C 20 -34.77 7.81 -18.94
C GLU C 20 -35.79 6.80 -19.47
N GLY C 21 -36.81 6.47 -18.67
CA GLY C 21 -37.85 5.60 -19.18
C GLY C 21 -38.00 4.27 -18.47
N GLY C 22 -37.03 3.95 -17.61
CA GLY C 22 -37.11 2.78 -16.77
C GLY C 22 -36.66 1.47 -17.38
N THR C 23 -35.83 1.56 -18.42
CA THR C 23 -35.23 0.37 -19.02
C THR C 23 -33.79 0.62 -19.45
N VAL C 24 -32.94 -0.36 -19.21
CA VAL C 24 -31.60 -0.34 -19.79
C VAL C 24 -31.47 -1.65 -20.53
N THR C 25 -30.98 -1.59 -21.77
CA THR C 25 -30.89 -2.79 -22.59
C THR C 25 -29.45 -3.26 -22.70
N VAL C 26 -29.24 -4.53 -22.41
CA VAL C 26 -27.91 -5.12 -22.38
C VAL C 26 -27.86 -6.36 -23.27
N TYR C 27 -26.94 -6.35 -24.24
CA TYR C 27 -26.63 -7.56 -24.98
C TYR C 27 -25.54 -8.29 -24.19
N ALA C 28 -25.92 -9.39 -23.54
CA ALA C 28 -24.99 -10.15 -22.71
C ALA C 28 -24.69 -11.53 -23.29
N GLY C 29 -23.41 -11.89 -23.29
CA GLY C 29 -22.96 -13.22 -23.69
C GLY C 29 -23.40 -14.27 -22.68
N GLY C 30 -23.78 -15.43 -23.20
CA GLY C 30 -24.17 -16.56 -22.36
C GLY C 30 -24.70 -17.69 -23.22
N ASP C 31 -24.99 -18.82 -22.60
CA ASP C 31 -25.48 -19.99 -23.33
C ASP C 31 -27.00 -20.02 -23.34
N VAL C 32 -27.60 -19.56 -22.25
CA VAL C 32 -29.04 -19.57 -22.09
C VAL C 32 -29.47 -18.35 -21.27
N GLN C 33 -30.69 -17.86 -21.51
CA GLN C 33 -31.15 -16.64 -20.86
C GLN C 33 -31.14 -16.76 -19.34
N SER C 34 -31.38 -17.98 -18.85
CA SER C 34 -31.45 -18.21 -17.41
C SER C 34 -30.14 -17.91 -16.69
N GLN C 35 -29.04 -17.89 -17.43
CA GLN C 35 -27.74 -17.58 -16.82
C GLN C 35 -27.66 -16.15 -16.31
N GLN C 36 -28.53 -15.29 -16.83
CA GLN C 36 -28.57 -13.90 -16.40
C GLN C 36 -29.73 -13.65 -15.44
N ALA C 37 -30.46 -14.70 -15.08
CA ALA C 37 -31.66 -14.56 -14.27
C ALA C 37 -31.35 -13.99 -12.88
N GLY C 38 -30.20 -14.39 -12.32
CA GLY C 38 -29.79 -13.91 -11.02
C GLY C 38 -29.37 -12.44 -10.99
N PHE C 39 -28.62 -12.03 -12.00
CA PHE C 39 -28.21 -10.62 -12.12
C PHE C 39 -29.44 -9.75 -12.32
N LYS C 40 -30.33 -10.20 -13.21
CA LYS C 40 -31.55 -9.45 -13.49
C LYS C 40 -32.37 -9.20 -12.22
N GLN C 41 -32.66 -10.27 -11.49
CA GLN C 41 -33.49 -10.18 -10.30
C GLN C 41 -32.82 -9.31 -9.24
N ALA C 42 -31.51 -9.48 -9.06
CA ALA C 42 -30.76 -8.70 -8.08
C ALA C 42 -30.76 -7.20 -8.41
N PHE C 43 -30.55 -6.88 -9.68
CA PHE C 43 -30.57 -5.49 -10.13
C PHE C 43 -31.95 -4.86 -9.96
N GLU C 44 -32.99 -5.58 -10.37
CA GLU C 44 -34.34 -5.02 -10.36
C GLU C 44 -34.94 -4.94 -8.96
N ASN C 45 -34.53 -5.85 -8.08
CA ASN C 45 -34.93 -5.77 -6.68
C ASN C 45 -34.29 -4.56 -6.02
N ARG C 46 -33.06 -4.26 -6.43
CA ARG C 46 -32.29 -3.17 -5.83
C ARG C 46 -32.78 -1.83 -6.37
N PHE C 47 -33.17 -1.82 -7.65
CA PHE C 47 -33.60 -0.59 -8.32
C PHE C 47 -35.00 -0.67 -8.90
N PRO C 48 -36.01 -0.49 -8.05
CA PRO C 48 -37.40 -0.46 -8.48
C PRO C 48 -37.63 0.61 -9.55
N GLY C 49 -38.32 0.27 -10.62
CA GLY C 49 -38.63 1.22 -11.66
C GLY C 49 -37.65 1.21 -12.82
N ILE C 50 -36.55 0.47 -12.69
CA ILE C 50 -35.65 0.26 -13.83
C ILE C 50 -35.57 -1.21 -14.18
N LYS C 51 -35.86 -1.51 -15.45
CA LYS C 51 -35.84 -2.88 -15.95
C LYS C 51 -34.46 -3.17 -16.46
N LEU C 52 -33.90 -4.32 -16.09
CA LEU C 52 -32.67 -4.75 -16.73
C LEU C 52 -33.09 -5.61 -17.90
N ASN C 53 -33.20 -4.99 -19.07
CA ASN C 53 -33.58 -5.73 -20.26
C ASN C 53 -32.37 -6.44 -20.83
N VAL C 54 -31.91 -7.48 -20.14
CA VAL C 54 -30.73 -8.20 -20.58
C VAL C 54 -31.14 -9.34 -21.51
N ILE C 55 -30.42 -9.46 -22.62
CA ILE C 55 -30.74 -10.38 -23.70
C ILE C 55 -29.53 -11.27 -23.96
N VAL C 56 -29.69 -12.57 -23.76
CA VAL C 56 -28.56 -13.48 -23.86
C VAL C 56 -28.41 -14.17 -25.21
N ASP C 57 -27.19 -14.16 -25.73
CA ASP C 57 -26.84 -14.92 -26.92
C ASP C 57 -25.37 -15.24 -26.80
N TYR C 58 -24.90 -16.20 -27.58
CA TYR C 58 -23.46 -16.46 -27.67
C TYR C 58 -22.73 -15.16 -28.00
N SER C 59 -21.58 -14.95 -27.38
CA SER C 59 -20.79 -13.74 -27.62
C SER C 59 -20.42 -13.58 -29.09
N LYS C 60 -20.16 -14.70 -29.75
CA LYS C 60 -19.75 -14.69 -31.16
C LYS C 60 -20.87 -14.27 -32.11
N TYR C 61 -22.09 -14.27 -31.62
CA TYR C 61 -23.22 -13.76 -32.37
C TYR C 61 -23.57 -12.33 -31.97
N HIS C 62 -23.51 -12.03 -30.67
CA HIS C 62 -23.74 -10.66 -30.24
C HIS C 62 -22.74 -9.67 -30.86
N ASP C 63 -21.47 -10.04 -30.96
CA ASP C 63 -20.51 -9.05 -31.47
C ASP C 63 -20.76 -8.81 -32.95
N ALA C 64 -21.11 -9.84 -33.69
CA ALA C 64 -21.46 -9.65 -35.10
C ALA C 64 -22.71 -8.80 -35.24
N ARG C 65 -23.67 -9.04 -34.34
CA ARG C 65 -24.93 -8.33 -34.31
C ARG C 65 -24.66 -6.84 -34.09
N ILE C 66 -23.76 -6.53 -33.15
CA ILE C 66 -23.42 -5.14 -32.90
C ILE C 66 -22.68 -4.51 -34.08
N ASP C 67 -21.73 -5.23 -34.67
CA ASP C 67 -21.04 -4.69 -35.84
C ASP C 67 -22.03 -4.35 -36.95
N ASN C 68 -23.01 -5.22 -37.19
CA ASN C 68 -23.94 -5.01 -38.28
C ASN C 68 -24.89 -3.85 -37.97
N GLN C 69 -25.30 -3.75 -36.70
CA GLN C 69 -26.16 -2.65 -36.30
C GLN C 69 -25.40 -1.33 -36.44
N LEU C 70 -24.13 -1.32 -36.07
CA LEU C 70 -23.33 -0.12 -36.22
C LEU C 70 -23.20 0.27 -37.70
N ALA C 71 -23.03 -0.72 -38.56
CA ALA C 71 -22.85 -0.47 -40.00
C ALA C 71 -24.13 0.06 -40.65
N THR C 72 -25.29 -0.35 -40.14
CA THR C 72 -26.57 0.03 -40.72
C THR C 72 -27.28 1.13 -39.93
N ASP C 73 -26.62 1.62 -38.88
CA ASP C 73 -27.19 2.66 -38.01
C ASP C 73 -28.52 2.22 -37.40
N THR C 74 -28.52 1.01 -36.83
CA THR C 74 -29.70 0.45 -36.18
C THR C 74 -29.36 -0.12 -34.80
N LEU C 75 -28.38 0.47 -34.13
CA LEU C 75 -27.92 0.01 -32.82
C LEU C 75 -29.07 -0.03 -31.80
N ILE C 76 -29.19 -1.16 -31.11
CA ILE C 76 -30.31 -1.35 -30.17
C ILE C 76 -29.92 -1.23 -28.68
N PRO C 77 -28.85 -1.91 -28.24
CA PRO C 77 -28.57 -1.92 -26.80
C PRO C 77 -27.85 -0.68 -26.27
N ASP C 78 -27.95 -0.48 -24.96
CA ASP C 78 -27.18 0.55 -24.30
C ASP C 78 -25.81 0.03 -23.91
N VAL C 79 -25.75 -1.27 -23.62
CA VAL C 79 -24.55 -1.89 -23.09
C VAL C 79 -24.24 -3.22 -23.78
N VAL C 80 -22.96 -3.49 -24.00
CA VAL C 80 -22.56 -4.79 -24.49
C VAL C 80 -21.61 -5.45 -23.50
N GLN C 81 -21.81 -6.75 -23.28
CA GLN C 81 -21.04 -7.48 -22.27
C GLN C 81 -20.74 -8.88 -22.78
N LEU C 82 -19.47 -9.17 -23.06
CA LEU C 82 -19.12 -10.37 -23.81
C LEU C 82 -17.82 -11.05 -23.35
N GLN C 83 -17.62 -12.29 -23.80
CA GLN C 83 -16.35 -12.98 -23.58
C GLN C 83 -15.41 -12.82 -24.76
N THR C 84 -15.92 -12.26 -25.85
CA THR C 84 -15.08 -11.97 -27.01
C THR C 84 -14.29 -10.68 -26.74
N VAL C 85 -13.31 -10.80 -25.85
CA VAL C 85 -12.69 -9.61 -25.24
C VAL C 85 -11.92 -8.76 -26.25
N GLN C 86 -11.53 -9.37 -27.37
CA GLN C 86 -10.78 -8.63 -28.39
C GLN C 86 -11.63 -7.57 -29.11
N ASP C 87 -12.95 -7.68 -29.02
CA ASP C 87 -13.83 -6.69 -29.67
C ASP C 87 -13.72 -5.33 -29.03
N PHE C 88 -13.38 -5.31 -27.75
CA PHE C 88 -13.53 -4.06 -27.02
C PHE C 88 -12.47 -3.02 -27.39
N PRO C 89 -11.19 -3.42 -27.48
CA PRO C 89 -10.22 -2.45 -27.99
C PRO C 89 -10.53 -2.02 -29.43
N ARG C 90 -11.12 -2.92 -30.21
CA ARG C 90 -11.47 -2.60 -31.58
C ARG C 90 -12.59 -1.58 -31.63
N TRP C 91 -13.66 -1.83 -30.87
CA TRP C 91 -14.77 -0.87 -30.80
C TRP C 91 -14.33 0.46 -30.21
N LYS C 92 -13.38 0.42 -29.27
CA LYS C 92 -12.85 1.64 -28.68
C LYS C 92 -12.19 2.48 -29.76
N LYS C 93 -11.36 1.83 -30.57
CA LYS C 93 -10.63 2.53 -31.61
C LYS C 93 -11.56 3.09 -32.68
N GLN C 94 -12.67 2.39 -32.91
CA GLN C 94 -13.66 2.85 -33.89
C GLN C 94 -14.42 4.08 -33.39
N GLY C 95 -14.34 4.33 -32.09
CA GLY C 95 -14.98 5.51 -31.53
C GLY C 95 -16.44 5.34 -31.13
N VAL C 96 -16.88 4.10 -30.94
CA VAL C 96 -18.30 3.86 -30.66
C VAL C 96 -18.60 3.63 -29.18
N LEU C 97 -17.57 3.66 -28.36
CA LEU C 97 -17.73 3.41 -26.92
C LEU C 97 -17.68 4.68 -26.09
N LEU C 98 -18.51 4.73 -25.06
CA LEU C 98 -18.52 5.86 -24.14
C LEU C 98 -17.48 5.67 -23.04
N ASN C 99 -16.53 6.59 -22.95
CA ASN C 99 -15.58 6.54 -21.84
C ASN C 99 -16.32 6.81 -20.53
N TYR C 100 -16.33 5.82 -19.64
CA TYR C 100 -16.98 5.97 -18.35
C TYR C 100 -16.27 5.12 -17.31
N LYS C 101 -15.74 5.78 -16.28
CA LYS C 101 -15.13 5.09 -15.15
C LYS C 101 -16.17 5.00 -14.05
N PRO C 102 -16.71 3.80 -13.80
CA PRO C 102 -17.80 3.64 -12.85
C PRO C 102 -17.31 3.85 -11.42
N VAL C 103 -18.25 3.90 -10.48
CA VAL C 103 -17.90 3.97 -9.07
C VAL C 103 -17.07 2.74 -8.70
N GLY C 104 -15.90 2.95 -8.13
CA GLY C 104 -15.02 1.84 -7.78
C GLY C 104 -13.94 1.52 -8.81
N TRP C 105 -13.90 2.31 -9.90
CA TRP C 105 -12.96 2.07 -10.99
C TRP C 105 -11.51 1.98 -10.49
N ASP C 106 -11.19 2.76 -9.46
CA ASP C 106 -9.83 2.76 -8.91
C ASP C 106 -9.46 1.44 -8.23
N LYS C 107 -10.47 0.67 -7.84
CA LYS C 107 -10.22 -0.60 -7.15
C LYS C 107 -10.26 -1.82 -8.07
N VAL C 108 -10.51 -1.60 -9.36
CA VAL C 108 -10.50 -2.70 -10.31
C VAL C 108 -9.04 -3.05 -10.65
N TYR C 109 -8.70 -4.35 -10.57
CA TYR C 109 -7.39 -4.84 -10.99
C TYR C 109 -7.09 -4.30 -12.39
N PRO C 110 -5.91 -3.67 -12.57
CA PRO C 110 -5.62 -2.84 -13.75
C PRO C 110 -5.80 -3.54 -15.10
N GLU C 111 -5.51 -4.84 -15.17
CA GLU C 111 -5.66 -5.48 -16.48
C GLU C 111 -7.14 -5.73 -16.79
N PHE C 112 -8.01 -5.53 -15.80
CA PHE C 112 -9.45 -5.70 -15.98
C PHE C 112 -10.19 -4.40 -16.26
N ARG C 113 -9.48 -3.38 -16.71
CA ARG C 113 -10.11 -2.11 -17.01
C ARG C 113 -9.35 -1.41 -18.13
N ASP C 114 -10.07 -0.74 -19.01
CA ASP C 114 -9.43 0.14 -19.98
C ASP C 114 -8.96 1.42 -19.31
N ALA C 115 -7.76 1.88 -19.67
CA ALA C 115 -7.16 3.03 -19.01
C ALA C 115 -7.98 4.31 -19.16
N ASP C 116 -8.76 4.38 -20.23
CA ASP C 116 -9.58 5.56 -20.52
C ASP C 116 -11.03 5.45 -20.07
N GLY C 117 -11.43 4.26 -19.60
CA GLY C 117 -12.82 4.02 -19.24
C GLY C 117 -13.66 3.48 -20.39
N ALA C 118 -13.01 3.02 -21.46
CA ALA C 118 -13.76 2.57 -22.63
C ALA C 118 -14.55 1.29 -22.33
N TRP C 119 -14.01 0.48 -21.42
CA TRP C 119 -14.68 -0.75 -21.03
C TRP C 119 -14.19 -1.15 -19.65
N ILE C 120 -14.92 -2.06 -19.02
CA ILE C 120 -14.60 -2.53 -17.68
C ILE C 120 -14.85 -4.04 -17.58
N GLY C 121 -14.04 -4.73 -16.77
CA GLY C 121 -14.33 -6.11 -16.41
C GLY C 121 -15.53 -6.15 -15.46
N ALA C 122 -16.52 -6.97 -15.78
CA ALA C 122 -17.74 -7.04 -14.98
C ALA C 122 -17.63 -8.06 -13.85
N TYR C 123 -17.08 -9.22 -14.17
CA TYR C 123 -16.92 -10.29 -13.20
C TYR C 123 -15.96 -11.30 -13.81
N VAL C 124 -15.43 -12.21 -12.98
CA VAL C 124 -14.50 -13.21 -13.47
C VAL C 124 -15.19 -14.56 -13.60
N ILE C 125 -14.98 -15.21 -14.73
CA ILE C 125 -15.44 -16.56 -14.98
C ILE C 125 -14.24 -17.49 -15.12
N ALA C 126 -14.38 -18.73 -14.68
CA ALA C 126 -13.34 -19.70 -14.97
C ALA C 126 -13.93 -21.03 -15.42
N PHE C 127 -13.24 -21.69 -16.36
CA PHE C 127 -13.66 -23.00 -16.82
C PHE C 127 -12.68 -24.05 -16.33
N SER C 128 -13.20 -25.04 -15.61
CA SER C 128 -12.37 -26.11 -15.11
C SER C 128 -13.25 -27.31 -14.75
N ASN C 129 -12.77 -28.15 -13.84
CA ASN C 129 -13.47 -29.38 -13.46
C ASN C 129 -14.82 -29.17 -12.78
N LEU C 130 -15.82 -29.88 -13.26
CA LEU C 130 -17.09 -29.97 -12.55
C LEU C 130 -17.44 -31.44 -12.36
N VAL C 131 -17.60 -31.85 -11.11
CA VAL C 131 -17.77 -33.27 -10.80
C VAL C 131 -19.06 -33.55 -10.07
N ASN C 132 -19.59 -34.75 -10.28
CA ASN C 132 -20.73 -35.25 -9.52
C ASN C 132 -20.23 -35.88 -8.22
N THR C 133 -20.58 -35.27 -7.11
CA THR C 133 -20.05 -35.67 -5.82
C THR C 133 -20.75 -36.91 -5.25
N GLN C 134 -21.82 -37.33 -5.89
CA GLN C 134 -22.54 -38.53 -5.45
C GLN C 134 -22.03 -39.76 -6.18
N LEU C 135 -21.54 -39.57 -7.40
CA LEU C 135 -20.97 -40.66 -8.16
C LEU C 135 -19.49 -40.82 -7.82
N LEU C 136 -18.81 -39.70 -7.55
CA LEU C 136 -17.38 -39.73 -7.27
C LEU C 136 -17.04 -39.20 -5.88
N ASN C 137 -16.36 -40.01 -5.08
CA ASN C 137 -15.85 -39.54 -3.79
C ASN C 137 -14.65 -38.61 -4.02
N GLU C 138 -14.33 -37.80 -3.01
CA GLU C 138 -13.34 -36.72 -3.18
C GLU C 138 -11.97 -37.19 -3.66
N LYS C 139 -11.52 -38.34 -3.16
CA LYS C 139 -10.24 -38.90 -3.60
C LYS C 139 -10.23 -39.27 -5.08
N SER C 140 -11.41 -39.45 -5.68
CA SER C 140 -11.45 -39.84 -7.08
C SER C 140 -11.93 -38.73 -8.01
N TRP C 141 -12.08 -37.52 -7.50
CA TRP C 141 -12.38 -36.38 -8.37
C TRP C 141 -11.25 -36.15 -9.34
N PRO C 142 -11.55 -36.17 -10.64
CA PRO C 142 -10.50 -35.83 -11.61
C PRO C 142 -10.18 -34.33 -11.54
N ARG C 143 -8.90 -33.98 -11.48
CA ARG C 143 -8.49 -32.59 -11.33
C ARG C 143 -7.49 -32.16 -12.40
N GLU C 144 -6.63 -33.10 -12.80
CA GLU C 144 -5.66 -32.85 -13.86
C GLU C 144 -6.19 -33.39 -15.18
N ALA C 145 -5.72 -32.85 -16.30
CA ALA C 145 -6.23 -33.27 -17.59
C ALA C 145 -6.11 -34.78 -17.77
N ASN C 146 -4.97 -35.33 -17.40
CA ASN C 146 -4.75 -36.76 -17.64
C ASN C 146 -5.55 -37.68 -16.72
N ASP C 147 -6.18 -37.14 -15.68
CA ASP C 147 -7.09 -37.92 -14.84
C ASP C 147 -8.28 -38.43 -15.65
N TYR C 148 -8.68 -37.64 -16.64
CA TYR C 148 -9.83 -37.94 -17.47
C TYR C 148 -9.59 -39.09 -18.45
N LEU C 149 -8.33 -39.52 -18.55
CA LEU C 149 -7.99 -40.64 -19.43
C LEU C 149 -8.03 -41.98 -18.72
N ARG C 150 -8.35 -42.00 -17.44
CA ARG C 150 -8.35 -43.25 -16.70
C ARG C 150 -9.53 -44.12 -17.13
N PRO C 151 -9.35 -45.45 -17.09
CA PRO C 151 -10.34 -46.39 -17.62
C PRO C 151 -11.76 -46.20 -17.07
N ASP C 152 -11.90 -45.89 -15.79
CA ASP C 152 -13.25 -45.84 -15.20
C ASP C 152 -14.02 -44.55 -15.51
N LEU C 153 -13.42 -43.65 -16.28
CA LEU C 153 -14.15 -42.48 -16.76
C LEU C 153 -14.58 -42.63 -18.21
N LYS C 154 -14.26 -43.77 -18.81
CA LYS C 154 -14.67 -44.02 -20.19
C LYS C 154 -16.19 -44.10 -20.25
N GLY C 155 -16.78 -43.32 -21.15
CA GLY C 155 -18.22 -43.30 -21.29
C GLY C 155 -18.94 -42.52 -20.21
N ASN C 156 -18.18 -41.88 -19.32
CA ASN C 156 -18.78 -41.13 -18.22
C ASN C 156 -18.51 -39.63 -18.29
N LEU C 157 -18.06 -39.16 -19.44
CA LEU C 157 -17.72 -37.75 -19.62
C LEU C 157 -18.66 -37.06 -20.61
N ILE C 158 -19.06 -35.84 -20.28
CA ILE C 158 -19.80 -34.98 -21.20
C ILE C 158 -19.07 -33.64 -21.28
N LEU C 159 -18.91 -33.13 -22.49
CA LEU C 159 -18.04 -31.98 -22.76
C LEU C 159 -18.70 -30.96 -23.70
N ALA C 160 -18.50 -29.68 -23.44
CA ALA C 160 -18.95 -28.64 -24.35
C ALA C 160 -18.10 -28.68 -25.63
N TYR C 161 -18.73 -28.46 -26.78
CA TYR C 161 -17.98 -28.43 -28.03
C TYR C 161 -16.92 -27.32 -28.02
N PRO C 162 -15.62 -27.70 -28.14
CA PRO C 162 -14.59 -26.66 -28.17
C PRO C 162 -14.66 -25.81 -29.45
N ASN C 163 -15.28 -26.33 -30.50
CA ASN C 163 -15.42 -25.56 -31.74
C ASN C 163 -16.68 -24.70 -31.80
N ASP C 164 -17.38 -24.59 -30.67
CA ASP C 164 -18.55 -23.73 -30.59
C ASP C 164 -18.39 -22.57 -29.61
N ASP C 165 -17.28 -22.55 -28.88
CA ASP C 165 -17.06 -21.57 -27.81
C ASP C 165 -15.55 -21.40 -27.61
N ASP C 166 -15.04 -20.20 -27.84
CA ASP C 166 -13.58 -20.00 -27.85
C ASP C 166 -12.95 -20.08 -26.45
N ALA C 167 -13.74 -19.87 -25.41
CA ALA C 167 -13.20 -20.00 -24.07
C ALA C 167 -12.99 -21.48 -23.75
N VAL C 168 -13.94 -22.30 -24.16
CA VAL C 168 -13.79 -23.75 -24.08
C VAL C 168 -12.57 -24.16 -24.90
N LEU C 169 -12.48 -23.61 -26.13
CA LEU C 169 -11.37 -23.91 -27.01
C LEU C 169 -10.02 -23.61 -26.36
N PHE C 170 -9.91 -22.50 -25.65
CA PHE C 170 -8.65 -22.12 -25.04
C PHE C 170 -8.18 -23.12 -23.97
N TRP C 171 -9.12 -23.79 -23.30
CA TRP C 171 -8.74 -24.85 -22.36
C TRP C 171 -7.89 -25.89 -23.11
N TYR C 172 -8.36 -26.28 -24.28
CA TYR C 172 -7.64 -27.28 -25.06
C TYR C 172 -6.33 -26.72 -25.59
N LYS C 173 -6.31 -25.44 -25.94
CA LYS C 173 -5.06 -24.83 -26.40
C LYS C 173 -3.99 -24.94 -25.33
N GLN C 174 -4.35 -24.64 -24.09
CA GLN C 174 -3.38 -24.73 -23.01
C GLN C 174 -2.94 -26.18 -22.78
N ILE C 175 -3.87 -27.12 -22.87
CA ILE C 175 -3.54 -28.51 -22.58
C ILE C 175 -2.72 -29.14 -23.72
N VAL C 176 -3.04 -28.81 -24.97
CA VAL C 176 -2.23 -29.31 -26.08
C VAL C 176 -0.82 -28.71 -26.02
N ASP C 177 -0.73 -27.44 -25.63
CA ASP C 177 0.58 -26.81 -25.44
C ASP C 177 1.43 -27.61 -24.46
N LYS C 178 0.80 -28.09 -23.39
CA LYS C 178 1.52 -28.81 -22.34
C LYS C 178 1.70 -30.30 -22.63
N TYR C 179 0.68 -30.95 -23.19
CA TYR C 179 0.68 -32.41 -23.31
C TYR C 179 0.65 -32.92 -24.74
N GLY C 180 0.52 -32.03 -25.71
CA GLY C 180 0.52 -32.42 -27.11
C GLY C 180 -0.81 -32.93 -27.59
N TRP C 181 -0.90 -33.20 -28.90
CA TRP C 181 -2.14 -33.66 -29.50
C TRP C 181 -2.53 -35.05 -29.02
N GLU C 182 -1.58 -35.78 -28.48
CA GLU C 182 -1.83 -37.14 -27.97
C GLU C 182 -2.90 -37.11 -26.90
N PHE C 183 -2.98 -36.02 -26.15
CA PHE C 183 -4.03 -35.89 -25.15
C PHE C 183 -5.40 -35.88 -25.81
N VAL C 184 -5.52 -35.11 -26.88
CA VAL C 184 -6.81 -35.00 -27.54
C VAL C 184 -7.19 -36.35 -28.16
N GLU C 185 -6.20 -37.03 -28.73
CA GLU C 185 -6.40 -38.34 -29.34
C GLU C 185 -6.88 -39.37 -28.33
N LYS C 186 -6.23 -39.41 -27.16
CA LYS C 186 -6.54 -40.39 -26.14
C LYS C 186 -7.92 -40.10 -25.54
N LEU C 187 -8.24 -38.82 -25.45
CA LEU C 187 -9.53 -38.40 -24.91
C LEU C 187 -10.70 -38.90 -25.72
N GLN C 188 -10.56 -38.95 -27.04
CA GLN C 188 -11.66 -39.42 -27.87
C GLN C 188 -11.93 -40.89 -27.59
N GLU C 189 -10.89 -41.62 -27.17
CA GLU C 189 -11.04 -43.04 -26.86
C GLU C 189 -11.82 -43.26 -25.56
N GLN C 190 -12.07 -42.18 -24.83
CA GLN C 190 -12.93 -42.25 -23.65
C GLN C 190 -14.39 -42.22 -24.07
N ASP C 191 -14.62 -42.08 -25.37
CA ASP C 191 -15.98 -41.90 -25.89
C ASP C 191 -16.75 -40.78 -25.18
N PRO C 192 -16.15 -39.57 -25.11
CA PRO C 192 -16.88 -38.45 -24.52
C PRO C 192 -18.09 -38.05 -25.35
N VAL C 193 -19.11 -37.53 -24.68
CA VAL C 193 -20.28 -36.96 -25.34
C VAL C 193 -20.16 -35.44 -25.44
N TYR C 194 -20.22 -34.90 -26.66
CA TYR C 194 -20.11 -33.46 -26.87
C TYR C 194 -21.48 -32.82 -27.07
N VAL C 195 -21.65 -31.61 -26.52
CA VAL C 195 -22.91 -30.87 -26.61
C VAL C 195 -22.62 -29.39 -26.80
N ARG C 196 -23.54 -28.67 -27.44
CA ARG C 196 -23.45 -27.21 -27.48
C ARG C 196 -23.96 -26.61 -26.18
N GLY C 197 -23.38 -25.46 -25.78
CA GLY C 197 -23.79 -24.78 -24.58
C GLY C 197 -23.03 -25.24 -23.35
N THR C 198 -22.22 -24.36 -22.76
CA THR C 198 -21.37 -24.74 -21.63
C THR C 198 -22.20 -25.02 -20.37
N ASN C 199 -23.47 -24.65 -20.42
CA ASN C 199 -24.41 -24.99 -19.35
C ASN C 199 -24.83 -26.45 -19.36
N VAL C 200 -24.84 -27.05 -20.55
CA VAL C 200 -25.44 -28.37 -20.70
C VAL C 200 -24.68 -29.52 -20.01
N PRO C 201 -23.34 -29.53 -20.08
CA PRO C 201 -22.62 -30.60 -19.37
C PRO C 201 -22.98 -30.69 -17.89
N GLY C 202 -22.97 -29.53 -17.23
CA GLY C 202 -23.27 -29.48 -15.81
C GLY C 202 -24.68 -29.94 -15.47
N ALA C 203 -25.62 -29.62 -16.36
CA ALA C 203 -27.01 -30.02 -16.20
C ALA C 203 -27.17 -31.54 -16.24
N GLN C 204 -26.46 -32.18 -17.16
CA GLN C 204 -26.56 -33.62 -17.33
C GLN C 204 -25.74 -34.38 -16.29
N ILE C 205 -24.69 -33.75 -15.76
CA ILE C 205 -23.96 -34.34 -14.64
C ILE C 205 -24.81 -34.30 -13.37
N THR C 206 -25.55 -33.21 -13.20
CA THR C 206 -26.44 -33.05 -12.06
C THR C 206 -27.49 -34.17 -11.99
N THR C 207 -27.99 -34.59 -13.14
CA THR C 207 -28.98 -35.66 -13.15
C THR C 207 -28.34 -37.03 -12.98
N GLY C 208 -27.01 -37.07 -12.97
CA GLY C 208 -26.29 -38.31 -12.78
C GLY C 208 -25.99 -39.15 -14.03
N LYS C 209 -26.25 -38.61 -15.22
CA LYS C 209 -25.98 -39.36 -16.44
C LYS C 209 -24.49 -39.39 -16.80
N TYR C 210 -23.76 -38.38 -16.33
CA TYR C 210 -22.30 -38.34 -16.52
C TYR C 210 -21.67 -37.95 -15.18
N SER C 211 -20.36 -38.19 -15.05
CA SER C 211 -19.69 -38.02 -13.77
C SER C 211 -18.88 -36.72 -13.66
N ALA C 212 -18.35 -36.23 -14.77
CA ALA C 212 -17.45 -35.09 -14.74
C ALA C 212 -17.29 -34.43 -16.09
N THR C 213 -16.78 -33.20 -16.04
CA THR C 213 -16.41 -32.44 -17.24
C THR C 213 -15.31 -31.47 -16.82
N PHE C 214 -14.44 -31.08 -17.74
CA PHE C 214 -13.30 -30.24 -17.34
C PHE C 214 -13.34 -28.82 -17.94
N THR C 215 -14.41 -28.45 -18.61
CA THR C 215 -14.54 -27.08 -19.14
C THR C 215 -15.87 -26.44 -18.73
N SER C 216 -16.08 -26.34 -17.42
CA SER C 216 -17.32 -25.78 -16.91
C SER C 216 -17.04 -24.73 -15.82
N SER C 217 -17.93 -23.76 -15.70
CA SER C 217 -17.89 -22.84 -14.56
C SER C 217 -18.71 -23.42 -13.43
N GLY C 218 -18.75 -22.73 -12.30
CA GLY C 218 -19.51 -23.20 -11.14
C GLY C 218 -19.27 -22.31 -9.94
N ALA C 219 -20.14 -22.44 -8.93
CA ALA C 219 -20.01 -21.62 -7.74
C ALA C 219 -18.76 -22.01 -6.97
N LEU C 220 -17.97 -21.01 -6.56
CA LEU C 220 -16.81 -21.24 -5.70
C LEU C 220 -17.23 -21.68 -4.30
N VAL C 221 -18.40 -21.20 -3.89
CA VAL C 221 -19.03 -21.56 -2.63
C VAL C 221 -20.32 -22.27 -2.97
N PRO C 222 -20.25 -23.60 -3.11
CA PRO C 222 -21.45 -24.35 -3.51
C PRO C 222 -22.52 -24.34 -2.43
N ALA C 223 -23.78 -24.45 -2.83
CA ALA C 223 -24.87 -24.55 -1.89
C ALA C 223 -24.77 -25.85 -1.12
N ALA C 224 -25.35 -25.88 0.08
CA ALA C 224 -25.32 -27.07 0.91
C ALA C 224 -26.03 -28.23 0.21
N GLY C 225 -25.39 -29.39 0.20
CA GLY C 225 -25.96 -30.57 -0.43
C GLY C 225 -25.87 -30.57 -1.95
N SER C 226 -25.05 -29.70 -2.52
CA SER C 226 -24.91 -29.62 -3.97
C SER C 226 -24.42 -30.92 -4.59
N VAL C 227 -25.06 -31.35 -5.66
CA VAL C 227 -24.72 -32.60 -6.30
C VAL C 227 -23.43 -32.43 -7.13
N THR C 228 -23.20 -31.21 -7.61
CA THR C 228 -22.00 -30.92 -8.38
C THR C 228 -21.07 -29.99 -7.59
N ARG C 229 -19.78 -30.05 -7.92
CA ARG C 229 -18.81 -29.20 -7.27
C ARG C 229 -17.73 -28.79 -8.26
N PHE C 230 -17.47 -27.48 -8.35
CA PHE C 230 -16.38 -26.92 -9.14
C PHE C 230 -15.05 -27.14 -8.42
N VAL C 231 -14.09 -27.74 -9.11
CA VAL C 231 -12.81 -28.08 -8.49
C VAL C 231 -11.64 -27.72 -9.39
N LEU C 232 -10.71 -26.94 -8.86
CA LEU C 232 -9.54 -26.53 -9.63
C LEU C 232 -8.52 -27.65 -9.65
N PRO C 233 -7.66 -27.65 -10.68
CA PRO C 233 -6.54 -28.58 -10.77
C PRO C 233 -5.53 -28.33 -9.65
N LYS C 234 -4.71 -29.31 -9.33
CA LYS C 234 -3.60 -29.06 -8.41
C LYS C 234 -2.48 -28.31 -9.12
N THR C 235 -2.20 -28.71 -10.36
CA THR C 235 -1.07 -28.15 -11.11
C THR C 235 -1.43 -27.77 -12.55
N ASP C 236 -2.33 -28.51 -13.18
CA ASP C 236 -2.61 -28.29 -14.61
C ASP C 236 -3.32 -26.96 -14.85
N PRO C 237 -3.21 -26.42 -16.07
CA PRO C 237 -3.81 -25.11 -16.33
C PRO C 237 -5.34 -25.13 -16.33
N PHE C 238 -5.96 -23.99 -16.03
CA PHE C 238 -7.37 -23.81 -16.28
C PHE C 238 -7.60 -22.46 -16.91
N VAL C 239 -8.82 -22.23 -17.40
CA VAL C 239 -9.15 -21.01 -18.12
C VAL C 239 -9.92 -20.04 -17.24
N SER C 240 -9.54 -18.76 -17.31
CA SER C 240 -10.24 -17.70 -16.62
C SER C 240 -10.09 -16.41 -17.41
N TRP C 241 -11.06 -15.51 -17.22
CA TRP C 241 -11.03 -14.18 -17.84
C TRP C 241 -12.03 -13.26 -17.14
N ALA C 242 -11.84 -11.96 -17.31
CA ALA C 242 -12.83 -11.00 -16.87
C ALA C 242 -13.73 -10.66 -18.04
N GLN C 243 -15.01 -10.96 -17.88
CA GLN C 243 -16.03 -10.60 -18.86
C GLN C 243 -16.01 -9.08 -19.03
N ARG C 244 -15.96 -8.60 -20.27
CA ARG C 244 -15.85 -7.16 -20.51
C ARG C 244 -17.22 -6.54 -20.83
N ALA C 245 -17.44 -5.33 -20.32
CA ALA C 245 -18.70 -4.63 -20.54
C ALA C 245 -18.38 -3.22 -20.97
N ALA C 246 -19.22 -2.65 -21.82
CA ALA C 246 -19.01 -1.29 -22.28
C ALA C 246 -20.32 -0.61 -22.59
N ILE C 247 -20.32 0.71 -22.45
CA ILE C 247 -21.48 1.51 -22.82
C ILE C 247 -21.23 2.07 -24.22
N PHE C 248 -22.25 2.04 -25.07
CA PHE C 248 -22.11 2.64 -26.39
C PHE C 248 -22.26 4.14 -26.30
N LYS C 249 -21.43 4.83 -27.06
CA LYS C 249 -21.50 6.28 -27.10
C LYS C 249 -22.89 6.76 -27.48
N GLN C 250 -23.57 6.04 -28.36
CA GLN C 250 -24.92 6.45 -28.76
C GLN C 250 -26.05 5.78 -27.97
N ALA C 251 -25.75 5.25 -26.79
CA ALA C 251 -26.77 4.65 -25.94
C ALA C 251 -27.95 5.61 -25.72
N LYS C 252 -29.16 5.09 -25.85
CA LYS C 252 -30.37 5.87 -25.65
C LYS C 252 -30.60 6.16 -24.18
N HIS C 253 -30.05 5.32 -23.31
CA HIS C 253 -30.25 5.43 -21.87
C HIS C 253 -28.91 5.42 -21.15
N PRO C 254 -28.12 6.48 -21.34
CA PRO C 254 -26.75 6.53 -20.83
C PRO C 254 -26.65 6.51 -19.30
N GLU C 255 -27.56 7.20 -18.62
CA GLU C 255 -27.48 7.22 -17.17
C GLU C 255 -27.83 5.84 -16.60
N SER C 256 -28.80 5.18 -17.22
CA SER C 256 -29.19 3.84 -16.83
C SER C 256 -28.05 2.85 -17.10
N ALA C 257 -27.34 3.05 -18.21
CA ALA C 257 -26.17 2.25 -18.52
C ALA C 257 -25.09 2.44 -17.45
N LYS C 258 -24.87 3.69 -17.07
CA LYS C 258 -23.89 4.00 -16.03
C LYS C 258 -24.28 3.35 -14.71
N LEU C 259 -25.58 3.32 -14.42
CA LEU C 259 -26.08 2.68 -13.21
C LEU C 259 -25.76 1.20 -13.27
N TYR C 260 -25.96 0.59 -14.43
CA TYR C 260 -25.69 -0.84 -14.58
C TYR C 260 -24.21 -1.13 -14.33
N LEU C 261 -23.33 -0.37 -14.95
CA LEU C 261 -21.89 -0.63 -14.75
C LEU C 261 -21.44 -0.32 -13.31
N SER C 262 -21.93 0.77 -12.75
CA SER C 262 -21.54 1.09 -11.38
C SER C 262 -22.08 0.02 -10.43
N TRP C 263 -23.29 -0.46 -10.71
CA TRP C 263 -23.85 -1.56 -9.94
C TRP C 263 -23.00 -2.83 -10.09
N LEU C 264 -22.49 -3.10 -11.29
CA LEU C 264 -21.63 -4.27 -11.45
C LEU C 264 -20.44 -4.22 -10.49
N LEU C 265 -19.85 -3.04 -10.33
CA LEU C 265 -18.65 -2.88 -9.52
C LEU C 265 -18.95 -2.72 -8.03
N ASP C 266 -20.22 -2.60 -7.68
CA ASP C 266 -20.59 -2.36 -6.27
C ASP C 266 -20.18 -3.54 -5.42
N PRO C 267 -19.67 -3.27 -4.18
CA PRO C 267 -19.18 -4.36 -3.33
C PRO C 267 -20.21 -5.46 -3.09
N GLN C 268 -21.48 -5.10 -2.97
CA GLN C 268 -22.54 -6.09 -2.79
C GLN C 268 -22.69 -7.03 -4.00
N THR C 269 -22.66 -6.46 -5.20
CA THR C 269 -22.76 -7.25 -6.41
C THR C 269 -21.55 -8.17 -6.57
N GLN C 270 -20.37 -7.63 -6.32
CA GLN C 270 -19.14 -8.40 -6.46
C GLN C 270 -19.01 -9.49 -5.41
N THR C 271 -19.69 -9.31 -4.27
CA THR C 271 -19.56 -10.29 -3.19
C THR C 271 -20.76 -11.24 -3.10
N GLN C 272 -21.95 -10.81 -3.48
CA GLN C 272 -23.12 -11.65 -3.29
C GLN C 272 -23.73 -12.22 -4.59
N VAL C 273 -23.45 -11.56 -5.70
CA VAL C 273 -24.09 -11.89 -6.97
C VAL C 273 -23.16 -12.66 -7.89
N SER C 274 -21.94 -12.16 -8.07
CA SER C 274 -20.91 -12.93 -8.77
C SER C 274 -20.65 -14.22 -8.02
N ARG C 275 -20.65 -15.36 -8.70
CA ARG C 275 -20.52 -16.63 -8.01
C ARG C 275 -19.09 -17.16 -8.08
N MET C 276 -18.24 -16.47 -8.85
CA MET C 276 -16.84 -16.85 -8.93
C MET C 276 -15.99 -15.68 -8.45
N TRP C 277 -14.88 -15.39 -9.11
CA TRP C 277 -13.98 -14.33 -8.63
C TRP C 277 -14.47 -12.92 -8.93
N SER C 278 -13.93 -11.97 -8.18
CA SER C 278 -14.24 -10.56 -8.36
C SER C 278 -13.12 -9.88 -9.15
N VAL C 279 -13.46 -8.82 -9.87
CA VAL C 279 -12.47 -8.01 -10.57
C VAL C 279 -11.79 -6.98 -9.67
N ARG C 280 -12.28 -6.85 -8.43
CA ARG C 280 -11.77 -5.80 -7.54
C ARG C 280 -10.66 -6.32 -6.64
N THR C 281 -9.67 -5.46 -6.38
CA THR C 281 -8.54 -5.82 -5.55
C THR C 281 -8.88 -5.77 -4.07
N ASP C 282 -9.97 -5.08 -3.73
CA ASP C 282 -10.34 -4.90 -2.31
C ASP C 282 -11.53 -5.77 -1.91
N VAL C 283 -11.84 -6.75 -2.75
CA VAL C 283 -12.86 -7.76 -2.44
C VAL C 283 -12.17 -9.09 -2.16
N ALA C 284 -12.36 -9.61 -0.95
CA ALA C 284 -11.71 -10.86 -0.56
C ALA C 284 -12.28 -12.03 -1.33
N PRO C 285 -11.41 -12.92 -1.83
CA PRO C 285 -11.90 -14.16 -2.43
C PRO C 285 -12.59 -15.01 -1.36
N PRO C 286 -13.49 -15.91 -1.78
CA PRO C 286 -14.13 -16.83 -0.84
C PRO C 286 -13.08 -17.71 -0.17
N ALA C 287 -13.35 -18.15 1.06
CA ALA C 287 -12.39 -18.95 1.82
C ALA C 287 -11.84 -20.12 0.99
N GLY C 288 -10.52 -20.29 1.04
CA GLY C 288 -9.89 -21.36 0.30
C GLY C 288 -9.32 -20.93 -1.05
N TYR C 289 -9.62 -19.71 -1.47
CA TYR C 289 -9.15 -19.23 -2.77
C TYR C 289 -8.30 -17.98 -2.65
N LYS C 290 -7.51 -17.74 -3.69
CA LYS C 290 -6.74 -16.52 -3.85
C LYS C 290 -7.41 -15.66 -4.90
N HIS C 291 -6.90 -14.44 -5.11
CA HIS C 291 -7.35 -13.64 -6.24
C HIS C 291 -7.03 -14.39 -7.54
N ILE C 292 -7.82 -14.17 -8.58
CA ILE C 292 -7.63 -14.92 -9.82
C ILE C 292 -6.23 -14.63 -10.41
N TRP C 293 -5.73 -13.42 -10.19
CA TRP C 293 -4.42 -13.05 -10.73
C TRP C 293 -3.24 -13.60 -9.94
N GLU C 294 -3.52 -14.38 -8.89
CA GLU C 294 -2.47 -14.97 -8.07
C GLU C 294 -2.25 -16.46 -8.32
N TYR C 295 -2.98 -17.04 -9.26
CA TYR C 295 -2.80 -18.44 -9.64
C TYR C 295 -1.79 -18.56 -10.78
N SER C 296 -0.73 -19.32 -10.58
CA SER C 296 0.25 -19.46 -11.66
C SER C 296 -0.25 -20.34 -12.80
N ASN C 297 -1.27 -21.14 -12.53
CA ASN C 297 -1.78 -22.06 -13.55
C ASN C 297 -3.02 -21.56 -14.27
N THR C 298 -3.24 -20.25 -14.20
CA THR C 298 -4.20 -19.64 -15.10
C THR C 298 -3.71 -18.25 -15.38
N ARG C 299 -4.12 -17.72 -16.52
CA ARG C 299 -3.71 -16.39 -16.91
C ARG C 299 -4.76 -15.72 -17.79
N PRO C 300 -5.61 -14.90 -17.15
CA PRO C 300 -6.67 -14.16 -17.85
C PRO C 300 -6.13 -13.42 -19.07
N GLN C 301 -4.94 -12.85 -18.95
CA GLN C 301 -4.34 -12.12 -20.08
C GLN C 301 -3.96 -13.05 -21.23
N ALA C 302 -3.67 -14.31 -20.92
CA ALA C 302 -3.32 -15.28 -21.97
C ALA C 302 -4.54 -15.53 -22.88
N PHE C 303 -5.73 -15.53 -22.28
CA PHE C 303 -6.96 -15.67 -23.03
C PHE C 303 -7.18 -14.46 -23.94
N ALA C 304 -6.96 -13.26 -23.40
CA ALA C 304 -7.12 -12.05 -24.20
C ALA C 304 -6.16 -12.07 -25.39
N ASP C 305 -4.92 -12.48 -25.15
CA ASP C 305 -3.92 -12.53 -26.21
C ASP C 305 -4.30 -13.57 -27.27
N PHE C 306 -4.78 -14.71 -26.82
CA PHE C 306 -5.29 -15.78 -27.69
C PHE C 306 -6.38 -15.24 -28.60
N MET C 307 -7.35 -14.55 -28.00
CA MET C 307 -8.52 -14.08 -28.73
C MET C 307 -8.18 -12.99 -29.71
N SER C 308 -7.04 -12.34 -29.53
CA SER C 308 -6.66 -11.24 -30.40
C SER C 308 -6.18 -11.71 -31.78
N ASP C 309 -5.69 -12.94 -31.87
CA ASP C 309 -5.14 -13.48 -33.13
C ASP C 309 -6.15 -14.41 -33.79
N ARG C 310 -7.06 -13.87 -34.60
CA ARG C 310 -8.21 -14.65 -35.06
C ARG C 310 -7.77 -15.81 -35.97
N GLY C 311 -6.71 -15.60 -36.75
CA GLY C 311 -6.20 -16.65 -37.63
C GLY C 311 -5.67 -17.81 -36.82
N ALA C 312 -4.94 -17.51 -35.74
CA ALA C 312 -4.40 -18.56 -34.89
C ALA C 312 -5.53 -19.32 -34.20
N VAL C 313 -6.55 -18.59 -33.74
CA VAL C 313 -7.69 -19.25 -33.11
C VAL C 313 -8.40 -20.17 -34.11
N GLU C 314 -8.64 -19.66 -35.31
CA GLU C 314 -9.29 -20.43 -36.37
C GLU C 314 -8.54 -21.71 -36.71
N ARG C 315 -7.22 -21.61 -36.83
CA ARG C 315 -6.42 -22.79 -37.18
C ARG C 315 -6.47 -23.86 -36.10
N PHE C 316 -6.46 -23.44 -34.84
CA PHE C 316 -6.56 -24.39 -33.77
C PHE C 316 -7.96 -24.97 -33.66
N ARG C 317 -8.97 -24.12 -33.85
CA ARG C 317 -10.36 -24.55 -33.78
C ARG C 317 -10.64 -25.61 -34.85
N ALA C 318 -10.13 -25.37 -36.05
CA ALA C 318 -10.35 -26.27 -37.16
C ALA C 318 -9.71 -27.64 -36.91
N GLN C 319 -8.52 -27.64 -36.35
CA GLN C 319 -7.88 -28.91 -35.99
C GLN C 319 -8.68 -29.67 -34.93
N MET C 320 -9.18 -28.95 -33.93
CA MET C 320 -10.00 -29.58 -32.90
C MET C 320 -11.27 -30.18 -33.49
N SER C 321 -11.84 -29.52 -34.50
CA SER C 321 -13.04 -30.02 -35.18
C SER C 321 -12.79 -31.41 -35.78
N LEU C 322 -11.57 -31.67 -36.25
CA LEU C 322 -11.26 -32.96 -36.85
C LEU C 322 -11.27 -34.08 -35.79
N TYR C 323 -11.02 -33.70 -34.54
CA TYR C 323 -11.03 -34.69 -33.46
C TYR C 323 -12.45 -34.90 -32.93
N VAL C 324 -13.21 -33.82 -32.79
CA VAL C 324 -14.50 -33.91 -32.09
C VAL C 324 -15.71 -33.91 -33.01
N GLY C 325 -15.51 -33.65 -34.30
CA GLY C 325 -16.61 -33.56 -35.25
C GLY C 325 -17.18 -32.16 -35.27
N GLU C 326 -18.06 -31.88 -36.22
CA GLU C 326 -18.72 -30.59 -36.29
C GLU C 326 -19.65 -30.41 -35.09
N ALA C 327 -19.81 -29.17 -34.67
CA ALA C 327 -20.68 -28.88 -33.54
C ALA C 327 -22.12 -29.11 -33.93
N LYS C 328 -22.74 -30.15 -33.38
CA LYS C 328 -24.10 -30.50 -33.74
C LYS C 328 -25.14 -30.02 -32.75
N GLY C 329 -26.35 -29.85 -33.26
CA GLY C 329 -27.47 -29.42 -32.44
C GLY C 329 -27.73 -27.95 -32.63
N ASP C 330 -28.89 -27.55 -32.10
CA ASP C 330 -29.38 -26.18 -32.13
C ASP C 330 -28.56 -25.30 -31.19
N PRO C 331 -28.45 -23.98 -31.51
CA PRO C 331 -27.78 -23.04 -30.61
C PRO C 331 -28.62 -22.90 -29.36
N THR C 332 -28.00 -23.01 -28.20
CA THR C 332 -28.79 -23.08 -26.98
C THR C 332 -29.56 -21.78 -26.66
N PRO C 333 -29.03 -20.61 -27.06
CA PRO C 333 -29.83 -19.41 -26.80
C PRO C 333 -31.06 -19.26 -27.69
N GLY C 334 -31.24 -20.17 -28.65
CA GLY C 334 -32.25 -19.95 -29.66
C GLY C 334 -31.69 -19.05 -30.75
N TRP C 335 -32.56 -18.53 -31.60
CA TRP C 335 -32.09 -17.69 -32.71
C TRP C 335 -32.67 -16.28 -32.63
N LEU C 336 -31.82 -15.29 -32.38
CA LEU C 336 -32.30 -13.95 -32.07
C LEU C 336 -32.47 -13.05 -33.29
N GLY C 337 -31.79 -13.38 -34.38
CA GLY C 337 -31.90 -12.57 -35.58
C GLY C 337 -31.06 -11.31 -35.46
N LEU C 338 -31.31 -10.32 -36.31
CA LEU C 338 -30.47 -9.13 -36.37
C LEU C 338 -30.77 -8.04 -35.33
N HIS C 339 -32.03 -7.93 -34.91
CA HIS C 339 -32.44 -6.79 -34.09
C HIS C 339 -33.32 -7.24 -32.93
N PRO C 340 -32.79 -8.12 -32.07
CA PRO C 340 -33.58 -8.52 -30.90
C PRO C 340 -33.75 -7.33 -29.96
N GLU C 341 -34.98 -7.06 -29.53
CA GLU C 341 -35.29 -5.91 -28.69
C GLU C 341 -35.58 -6.36 -27.26
N VAL C 342 -35.86 -7.66 -27.11
CA VAL C 342 -36.14 -8.28 -25.81
C VAL C 342 -35.69 -9.73 -25.87
N PRO C 343 -35.69 -10.44 -24.73
CA PRO C 343 -35.36 -11.87 -24.78
C PRO C 343 -36.37 -12.63 -25.62
N LEU C 344 -35.99 -13.81 -26.11
CA LEU C 344 -36.91 -14.63 -26.89
C LEU C 344 -38.13 -15.01 -26.06
N ALA C 345 -39.24 -15.29 -26.74
CA ALA C 345 -40.49 -15.64 -26.07
C ALA C 345 -40.34 -16.88 -25.19
N ALA D 1 -16.59 20.06 15.07
CA ALA D 1 -15.43 20.19 15.96
C ALA D 1 -14.26 19.34 15.47
N THR D 2 -14.52 18.52 14.47
CA THR D 2 -13.52 17.64 13.85
C THR D 2 -12.91 18.32 12.63
N VAL D 3 -11.60 18.21 12.43
CA VAL D 3 -10.98 18.91 11.30
C VAL D 3 -10.37 17.98 10.24
N ALA D 4 -10.30 18.46 9.00
CA ALA D 4 -9.68 17.72 7.91
C ALA D 4 -8.40 18.36 7.41
N PRO D 5 -7.52 17.57 6.78
CA PRO D 5 -6.29 18.12 6.21
C PRO D 5 -6.56 19.32 5.31
N ASP D 6 -5.70 20.34 5.41
CA ASP D 6 -5.84 21.53 4.59
C ASP D 6 -5.82 21.16 3.12
N THR D 7 -6.77 21.70 2.36
CA THR D 7 -6.95 21.35 0.95
C THR D 7 -6.23 22.35 0.05
N ARG D 8 -5.81 23.46 0.62
CA ARG D 8 -5.13 24.51 -0.13
C ARG D 8 -3.71 24.17 -0.56
N SER D 9 -3.24 24.87 -1.60
CA SER D 9 -1.84 24.85 -1.97
C SER D 9 -1.13 25.77 -1.00
N LEU D 10 0.20 25.70 -0.93
CA LEU D 10 0.94 26.60 -0.05
C LEU D 10 0.71 28.05 -0.45
N ASP D 11 0.58 28.30 -1.74
N ASP D 11 0.60 28.26 -1.76
CA ASP D 11 0.39 29.68 -2.18
CA ASP D 11 0.35 29.59 -2.33
C ASP D 11 -1.01 30.19 -1.82
C ASP D 11 -0.98 30.16 -1.85
N GLU D 12 -2.00 29.30 -1.80
CA GLU D 12 -3.33 29.72 -1.38
C GLU D 12 -3.36 30.08 0.11
N ILE D 13 -2.68 29.28 0.94
CA ILE D 13 -2.56 29.62 2.37
C ILE D 13 -1.77 30.92 2.52
N TYR D 14 -0.69 31.01 1.76
CA TYR D 14 0.18 32.19 1.74
C TYR D 14 -0.59 33.47 1.37
N GLN D 15 -1.48 33.37 0.38
CA GLN D 15 -2.30 34.52 -0.01
C GLN D 15 -3.13 35.01 1.16
N SER D 16 -3.72 34.08 1.90
CA SER D 16 -4.55 34.39 3.07
C SER D 16 -3.72 34.94 4.23
N ALA D 17 -2.53 34.39 4.40
CA ALA D 17 -1.63 34.81 5.49
C ALA D 17 -1.17 36.26 5.32
N LEU D 18 -1.08 36.73 4.09
CA LEU D 18 -0.63 38.08 3.80
C LEU D 18 -1.51 39.13 4.45
N LYS D 19 -2.77 38.76 4.69
CA LYS D 19 -3.74 39.65 5.30
C LYS D 19 -3.42 39.95 6.76
N GLU D 20 -2.50 39.17 7.34
CA GLU D 20 -2.26 39.22 8.78
C GLU D 20 -1.14 40.14 9.27
N GLY D 21 -0.46 40.84 8.38
CA GLY D 21 0.52 41.84 8.81
C GLY D 21 1.97 41.58 8.49
N GLY D 22 2.26 40.36 8.02
CA GLY D 22 3.58 39.98 7.55
C GLY D 22 4.58 39.44 8.56
N THR D 23 4.10 38.95 9.70
CA THR D 23 4.97 38.30 10.66
C THR D 23 4.28 37.12 11.34
N VAL D 24 5.01 36.02 11.49
CA VAL D 24 4.54 34.93 12.33
C VAL D 24 5.62 34.64 13.35
N THR D 25 5.23 34.50 14.62
CA THR D 25 6.21 34.32 15.67
C THR D 25 6.26 32.90 16.20
N VAL D 26 7.48 32.36 16.28
CA VAL D 26 7.69 30.98 16.70
C VAL D 26 8.62 30.86 17.90
N TYR D 27 8.15 30.25 18.99
CA TYR D 27 9.04 29.86 20.07
C TYR D 27 9.61 28.49 19.77
N ALA D 28 10.89 28.44 19.39
CA ALA D 28 11.50 27.17 18.99
C ALA D 28 12.59 26.72 19.94
N GLY D 29 12.55 25.46 20.32
CA GLY D 29 13.62 24.89 21.13
C GLY D 29 14.90 24.75 20.34
N GLY D 30 16.02 25.01 21.00
CA GLY D 30 17.35 24.87 20.43
C GLY D 30 18.40 25.36 21.39
N ASP D 31 19.68 25.22 21.01
CA ASP D 31 20.77 25.65 21.87
C ASP D 31 21.20 27.07 21.53
N VAL D 32 21.09 27.42 20.25
CA VAL D 32 21.48 28.74 19.78
C VAL D 32 20.58 29.17 18.61
N GLN D 33 20.41 30.47 18.44
CA GLN D 33 19.50 30.98 17.44
C GLN D 33 19.90 30.52 16.02
N SER D 34 21.20 30.35 15.78
CA SER D 34 21.69 29.98 14.45
C SER D 34 21.18 28.62 13.98
N GLN D 35 20.76 27.78 14.92
CA GLN D 35 20.26 26.46 14.56
C GLN D 35 18.96 26.57 13.74
N GLN D 36 18.30 27.72 13.82
CA GLN D 36 17.06 27.93 13.08
C GLN D 36 17.26 28.82 11.85
N ALA D 37 18.51 29.22 11.61
CA ALA D 37 18.82 30.15 10.53
C ALA D 37 18.49 29.58 9.14
N GLY D 38 18.71 28.29 8.97
CA GLY D 38 18.46 27.66 7.69
C GLY D 38 16.98 27.63 7.38
N PHE D 39 16.20 27.26 8.40
CA PHE D 39 14.75 27.23 8.30
C PHE D 39 14.17 28.61 8.04
N LYS D 40 14.65 29.59 8.80
CA LYS D 40 14.19 30.97 8.65
C LYS D 40 14.40 31.45 7.22
N GLN D 41 15.63 31.26 6.73
CA GLN D 41 15.97 31.71 5.39
C GLN D 41 15.16 31.00 4.31
N ALA D 42 15.00 29.69 4.45
CA ALA D 42 14.27 28.95 3.44
C ALA D 42 12.82 29.43 3.39
N PHE D 43 12.22 29.63 4.56
CA PHE D 43 10.84 30.07 4.67
C PHE D 43 10.62 31.44 4.05
N GLU D 44 11.49 32.36 4.40
CA GLU D 44 11.35 33.75 3.99
C GLU D 44 11.68 33.92 2.50
N ASN D 45 12.54 33.05 1.98
CA ASN D 45 12.78 33.06 0.53
C ASN D 45 11.54 32.61 -0.24
N ARG D 46 10.80 31.68 0.35
CA ARG D 46 9.61 31.11 -0.28
C ARG D 46 8.39 32.04 -0.22
N PHE D 47 8.30 32.78 0.89
CA PHE D 47 7.17 33.65 1.17
C PHE D 47 7.62 35.09 1.39
N PRO D 48 7.81 35.84 0.30
CA PRO D 48 8.40 37.19 0.31
C PRO D 48 7.79 38.19 1.27
N GLY D 49 6.48 38.19 1.44
CA GLY D 49 5.84 39.15 2.33
C GLY D 49 5.72 38.76 3.80
N ILE D 50 6.12 37.54 4.14
CA ILE D 50 6.05 37.07 5.52
C ILE D 50 7.39 36.79 6.20
N LYS D 51 7.59 37.38 7.39
CA LYS D 51 8.80 37.16 8.16
C LYS D 51 8.60 36.03 9.19
N LEU D 52 9.57 35.13 9.28
CA LEU D 52 9.52 34.07 10.29
C LEU D 52 10.25 34.54 11.55
N ASN D 53 9.49 35.08 12.49
CA ASN D 53 10.06 35.57 13.73
C ASN D 53 10.23 34.40 14.69
N VAL D 54 11.22 33.56 14.40
CA VAL D 54 11.51 32.38 15.22
C VAL D 54 12.53 32.73 16.30
N ILE D 55 12.24 32.30 17.53
CA ILE D 55 13.03 32.67 18.69
C ILE D 55 13.49 31.43 19.44
N VAL D 56 14.81 31.22 19.50
CA VAL D 56 15.35 29.97 20.04
C VAL D 56 15.74 30.09 21.51
N ASP D 57 15.31 29.11 22.31
CA ASP D 57 15.71 29.00 23.71
C ASP D 57 15.68 27.52 24.02
N TYR D 58 16.29 27.12 25.12
CA TYR D 58 16.16 25.73 25.57
C TYR D 58 14.69 25.38 25.69
N SER D 59 14.33 24.15 25.30
CA SER D 59 12.93 23.76 25.39
C SER D 59 12.41 23.81 26.82
N LYS D 60 13.27 23.47 27.78
CA LYS D 60 12.87 23.47 29.19
C LYS D 60 12.62 24.89 29.74
N TYR D 61 13.04 25.92 29.02
CA TYR D 61 12.72 27.29 29.41
C TYR D 61 11.54 27.80 28.59
N HIS D 62 11.48 27.47 27.29
CA HIS D 62 10.33 27.86 26.51
C HIS D 62 9.02 27.30 27.06
N ASP D 63 9.02 26.05 27.53
CA ASP D 63 7.73 25.51 27.97
C ASP D 63 7.30 26.18 29.28
N ALA D 64 8.24 26.46 30.17
CA ALA D 64 7.90 27.21 31.39
C ALA D 64 7.44 28.63 31.05
N ARG D 65 8.07 29.21 30.03
CA ARG D 65 7.74 30.56 29.58
C ARG D 65 6.30 30.62 29.06
N ILE D 66 5.91 29.62 28.27
CA ILE D 66 4.57 29.54 27.73
C ILE D 66 3.53 29.27 28.83
N ASP D 67 3.82 28.35 29.75
CA ASP D 67 2.92 28.08 30.87
C ASP D 67 2.64 29.39 31.62
N ASN D 68 3.69 30.17 31.83
CA ASN D 68 3.54 31.40 32.61
C ASN D 68 2.81 32.49 31.82
N GLN D 69 3.08 32.55 30.52
CA GLN D 69 2.38 33.49 29.67
C GLN D 69 0.90 33.14 29.62
N LEU D 70 0.60 31.84 29.58
CA LEU D 70 -0.79 31.39 29.61
C LEU D 70 -1.48 31.79 30.91
N ALA D 71 -0.75 31.65 32.03
CA ALA D 71 -1.28 31.96 33.36
C ALA D 71 -1.55 33.45 33.55
N THR D 72 -0.72 34.28 32.92
CA THR D 72 -0.84 35.74 33.08
C THR D 72 -1.50 36.42 31.89
N ASP D 73 -1.93 35.63 30.90
CA ASP D 73 -2.55 36.14 29.68
C ASP D 73 -1.65 37.12 28.93
N THR D 74 -0.40 36.71 28.72
CA THR D 74 0.56 37.51 27.99
C THR D 74 1.23 36.64 26.92
N LEU D 75 0.48 35.66 26.41
CA LEU D 75 0.99 34.70 25.43
C LEU D 75 1.51 35.45 24.21
N ILE D 76 2.74 35.14 23.80
CA ILE D 76 3.36 35.90 22.72
C ILE D 76 3.38 35.20 21.37
N PRO D 77 3.84 33.95 21.31
CA PRO D 77 4.04 33.30 20.00
C PRO D 77 2.76 32.80 19.36
N ASP D 78 2.80 32.58 18.04
CA ASP D 78 1.71 31.94 17.33
C ASP D 78 1.91 30.44 17.38
N VAL D 79 3.17 30.02 17.39
N VAL D 79 3.18 30.04 17.40
CA VAL D 79 3.49 28.60 17.35
CA VAL D 79 3.55 28.62 17.31
C VAL D 79 4.60 28.25 18.34
C VAL D 79 4.63 28.24 18.34
N VAL D 80 4.51 27.04 18.89
CA VAL D 80 5.55 26.51 19.76
C VAL D 80 6.10 25.23 19.12
N GLN D 81 7.42 25.04 19.23
CA GLN D 81 8.10 23.89 18.61
C GLN D 81 9.25 23.44 19.54
N LEU D 82 9.12 22.28 20.17
CA LEU D 82 10.03 21.90 21.25
C LEU D 82 10.41 20.43 21.24
N GLN D 83 11.44 20.06 22.01
CA GLN D 83 11.76 18.65 22.23
C GLN D 83 11.12 18.10 23.50
N THR D 84 10.53 18.98 24.30
CA THR D 84 9.80 18.55 25.49
C THR D 84 8.43 18.03 25.07
N VAL D 85 8.42 16.85 24.48
CA VAL D 85 7.24 16.37 23.77
C VAL D 85 6.03 16.12 24.67
N GLN D 86 6.28 15.91 25.96
CA GLN D 86 5.20 15.65 26.92
C GLN D 86 4.34 16.91 27.17
N ASP D 87 4.87 18.09 26.85
CA ASP D 87 4.09 19.31 27.01
C ASP D 87 2.91 19.32 26.05
N PHE D 88 3.03 18.66 24.91
CA PHE D 88 2.03 18.88 23.89
C PHE D 88 0.66 18.24 24.20
N PRO D 89 0.64 16.98 24.66
CA PRO D 89 -0.66 16.46 25.12
C PRO D 89 -1.23 17.26 26.31
N ARG D 90 -0.36 17.83 27.13
CA ARG D 90 -0.80 18.61 28.28
C ARG D 90 -1.48 19.91 27.83
N TRP D 91 -0.82 20.64 26.92
CA TRP D 91 -1.42 21.85 26.37
C TRP D 91 -2.69 21.51 25.59
N LYS D 92 -2.73 20.36 24.94
CA LYS D 92 -3.91 19.94 24.19
C LYS D 92 -5.10 19.84 25.14
N LYS D 93 -4.87 19.16 26.26
CA LYS D 93 -5.90 18.92 27.26
C LYS D 93 -6.36 20.23 27.87
N GLN D 94 -5.46 21.19 27.98
CA GLN D 94 -5.79 22.51 28.54
C GLN D 94 -6.65 23.35 27.58
N GLY D 95 -6.68 22.93 26.32
CA GLY D 95 -7.51 23.57 25.32
C GLY D 95 -6.86 24.75 24.64
N VAL D 96 -5.54 24.86 24.74
CA VAL D 96 -4.86 26.04 24.23
C VAL D 96 -4.24 25.83 22.85
N LEU D 97 -4.35 24.62 22.30
CA LEU D 97 -3.77 24.36 20.99
C LEU D 97 -4.86 24.33 19.93
N LEU D 98 -4.58 24.91 18.77
CA LEU D 98 -5.50 24.92 17.65
C LEU D 98 -5.34 23.67 16.81
N ASN D 99 -6.41 22.90 16.65
CA ASN D 99 -6.38 21.72 15.79
C ASN D 99 -6.18 22.12 14.35
N TYR D 100 -5.06 21.72 13.77
CA TYR D 100 -4.80 22.01 12.37
C TYR D 100 -3.99 20.90 11.76
N LYS D 101 -4.58 20.25 10.76
CA LYS D 101 -3.90 19.24 9.99
C LYS D 101 -3.36 19.92 8.75
N PRO D 102 -2.04 20.12 8.69
CA PRO D 102 -1.43 20.88 7.59
C PRO D 102 -1.45 20.10 6.30
N VAL D 103 -1.10 20.75 5.20
CA VAL D 103 -0.98 20.05 3.93
C VAL D 103 0.06 18.95 4.08
N GLY D 104 -0.33 17.72 3.74
CA GLY D 104 0.57 16.58 3.85
C GLY D 104 0.38 15.75 5.12
N TRP D 105 -0.57 16.14 5.95
CA TRP D 105 -0.83 15.46 7.23
C TRP D 105 -1.05 13.96 7.06
N ASP D 106 -1.69 13.57 5.95
CA ASP D 106 -1.96 12.16 5.70
C ASP D 106 -0.68 11.36 5.47
N LYS D 107 0.39 12.03 5.06
CA LYS D 107 1.66 11.35 4.77
C LYS D 107 2.64 11.37 5.95
N VAL D 108 2.24 12.00 7.06
CA VAL D 108 3.11 12.01 8.24
C VAL D 108 2.99 10.67 8.95
N TYR D 109 4.13 10.06 9.28
CA TYR D 109 4.14 8.82 10.08
C TYR D 109 3.25 9.02 11.30
N PRO D 110 2.27 8.12 11.52
CA PRO D 110 1.17 8.31 12.46
C PRO D 110 1.61 8.61 13.89
N GLU D 111 2.75 8.06 14.28
CA GLU D 111 3.26 8.28 15.63
C GLU D 111 3.80 9.71 15.77
N PHE D 112 3.98 10.40 14.66
CA PHE D 112 4.48 11.77 14.65
C PHE D 112 3.40 12.81 14.41
N ARG D 113 2.15 12.47 14.72
CA ARG D 113 1.04 13.42 14.54
C ARG D 113 -0.03 13.17 15.60
N ASP D 114 -0.63 14.24 16.13
CA ASP D 114 -1.80 14.09 16.99
C ASP D 114 -3.01 13.76 16.13
N ALA D 115 -3.85 12.84 16.59
CA ALA D 115 -4.99 12.38 15.79
C ALA D 115 -6.01 13.47 15.49
N ASP D 116 -6.09 14.47 16.37
CA ASP D 116 -7.06 15.56 16.20
C ASP D 116 -6.46 16.73 15.46
N GLY D 117 -5.15 16.70 15.26
CA GLY D 117 -4.46 17.83 14.64
C GLY D 117 -3.93 18.83 15.65
N ALA D 118 -3.88 18.42 16.91
CA ALA D 118 -3.46 19.34 17.98
C ALA D 118 -1.99 19.74 17.84
N TRP D 119 -1.19 18.84 17.28
CA TRP D 119 0.23 19.10 17.07
C TRP D 119 0.75 18.20 15.96
N ILE D 120 1.92 18.52 15.44
CA ILE D 120 2.51 17.73 14.36
C ILE D 120 4.02 17.60 14.60
N GLY D 121 4.59 16.47 14.19
CA GLY D 121 6.04 16.32 14.15
C GLY D 121 6.60 17.19 13.02
N ALA D 122 7.58 18.02 13.34
CA ALA D 122 8.14 18.95 12.35
C ALA D 122 9.30 18.34 11.56
N TYR D 123 10.18 17.65 12.26
CA TYR D 123 11.36 17.03 11.66
C TYR D 123 11.93 16.07 12.68
N VAL D 124 12.81 15.18 12.23
CA VAL D 124 13.40 14.23 13.14
C VAL D 124 14.81 14.65 13.51
N ILE D 125 15.11 14.58 14.81
CA ILE D 125 16.44 14.77 15.33
C ILE D 125 16.94 13.46 15.94
N ALA D 126 18.24 13.20 15.83
CA ALA D 126 18.83 12.08 16.55
C ALA D 126 20.15 12.47 17.19
N PHE D 127 20.43 11.90 18.37
CA PHE D 127 21.69 12.10 19.05
C PHE D 127 22.50 10.80 19.04
N SER D 128 23.70 10.85 18.48
CA SER D 128 24.57 9.68 18.45
C SER D 128 26.00 10.17 18.20
N ASN D 129 26.86 9.32 17.65
CA ASN D 129 28.26 9.65 17.44
C ASN D 129 28.51 10.80 16.46
N LEU D 130 29.37 11.73 16.86
CA LEU D 130 29.90 12.70 15.93
C LEU D 130 31.41 12.62 16.04
N VAL D 131 32.08 12.31 14.93
CA VAL D 131 33.50 12.04 14.97
C VAL D 131 34.28 12.97 14.05
N ASN D 132 35.51 13.28 14.44
CA ASN D 132 36.40 14.04 13.57
C ASN D 132 37.10 13.08 12.62
N THR D 133 36.76 13.18 11.33
CA THR D 133 37.21 12.21 10.33
C THR D 133 38.63 12.46 9.87
N GLN D 134 39.19 13.58 10.29
CA GLN D 134 40.57 13.90 9.94
C GLN D 134 41.51 13.44 11.07
N LEU D 135 41.00 13.39 12.29
CA LEU D 135 41.78 12.87 13.42
C LEU D 135 41.67 11.36 13.49
N LEU D 136 40.50 10.84 13.13
CA LEU D 136 40.22 9.41 13.21
C LEU D 136 39.87 8.80 11.87
N ASN D 137 40.59 7.76 11.47
CA ASN D 137 40.23 7.02 10.26
C ASN D 137 38.96 6.21 10.52
N GLU D 138 38.30 5.80 9.44
CA GLU D 138 36.98 5.17 9.55
C GLU D 138 37.00 3.92 10.43
N LYS D 139 38.09 3.15 10.36
CA LYS D 139 38.19 1.94 11.18
C LYS D 139 38.24 2.23 12.67
N SER D 140 38.63 3.44 13.05
CA SER D 140 38.74 3.78 14.47
C SER D 140 37.66 4.75 14.95
N TRP D 141 36.66 5.02 14.12
CA TRP D 141 35.53 5.84 14.57
C TRP D 141 34.82 5.12 15.72
N PRO D 142 34.67 5.79 16.89
CA PRO D 142 33.87 5.15 17.94
C PRO D 142 32.40 5.10 17.53
N ARG D 143 31.78 3.93 17.69
CA ARG D 143 30.39 3.77 17.27
C ARG D 143 29.53 3.19 18.38
N GLU D 144 30.10 2.28 19.18
CA GLU D 144 29.40 1.70 20.31
C GLU D 144 29.80 2.44 21.57
N ALA D 145 28.94 2.39 22.58
CA ALA D 145 29.19 3.14 23.81
C ALA D 145 30.55 2.82 24.43
N ASN D 146 30.89 1.53 24.51
CA ASN D 146 32.13 1.14 25.15
C ASN D 146 33.38 1.48 24.34
N ASP D 147 33.22 1.84 23.07
CA ASP D 147 34.35 2.31 22.28
C ASP D 147 34.95 3.57 22.91
N TYR D 148 34.10 4.37 23.54
CA TYR D 148 34.52 5.64 24.14
C TYR D 148 35.37 5.44 25.40
N LEU D 149 35.45 4.21 25.88
CA LEU D 149 36.28 3.88 27.05
C LEU D 149 37.71 3.46 26.67
N ARG D 150 38.01 3.44 25.38
CA ARG D 150 39.33 2.99 24.94
C ARG D 150 40.41 4.01 25.31
N PRO D 151 41.62 3.53 25.59
CA PRO D 151 42.68 4.40 26.10
C PRO D 151 42.99 5.64 25.24
N ASP D 152 42.94 5.52 23.92
CA ASP D 152 43.36 6.66 23.11
C ASP D 152 42.28 7.74 22.97
N LEU D 153 41.14 7.56 23.62
CA LEU D 153 40.13 8.62 23.65
C LEU D 153 40.16 9.37 24.97
N LYS D 154 41.04 8.93 25.87
CA LYS D 154 41.13 9.61 27.15
C LYS D 154 41.64 11.03 26.92
N GLY D 155 40.91 12.00 27.45
CA GLY D 155 41.24 13.39 27.24
C GLY D 155 40.85 13.95 25.89
N ASN D 156 40.20 13.13 25.06
CA ASN D 156 39.84 13.55 23.69
C ASN D 156 38.34 13.62 23.46
N LEU D 157 37.58 13.63 24.55
CA LEU D 157 36.13 13.62 24.45
C LEU D 157 35.51 14.92 25.00
N ILE D 158 34.51 15.45 24.30
CA ILE D 158 33.74 16.56 24.80
C ILE D 158 32.26 16.17 24.73
N LEU D 159 31.53 16.43 25.79
CA LEU D 159 30.19 15.89 25.93
C LEU D 159 29.20 16.94 26.44
N ALA D 160 27.99 16.94 25.90
CA ALA D 160 26.94 17.81 26.42
C ALA D 160 26.55 17.39 27.82
N TYR D 161 26.29 18.35 28.69
CA TYR D 161 25.80 18.02 30.04
C TYR D 161 24.47 17.28 29.99
N PRO D 162 24.44 16.03 30.48
CA PRO D 162 23.17 15.30 30.48
C PRO D 162 22.16 15.86 31.46
N ASN D 163 22.63 16.57 32.48
CA ASN D 163 21.72 17.18 33.45
C ASN D 163 21.28 18.59 33.02
N ASP D 164 21.57 18.95 31.77
CA ASP D 164 21.11 20.23 31.24
C ASP D 164 20.16 20.07 30.03
N ASP D 165 19.95 18.83 29.58
CA ASP D 165 19.17 18.55 28.37
C ASP D 165 18.63 17.13 28.44
N ASP D 166 17.30 16.98 28.44
CA ASP D 166 16.73 15.65 28.70
C ASP D 166 16.91 14.67 27.53
N ALA D 167 17.11 15.18 26.31
CA ALA D 167 17.36 14.28 25.18
C ALA D 167 18.76 13.66 25.29
N VAL D 168 19.72 14.47 25.71
CA VAL D 168 21.06 13.99 26.05
C VAL D 168 20.99 12.99 27.20
N LEU D 169 20.22 13.35 28.22
CA LEU D 169 20.04 12.48 29.38
C LEU D 169 19.54 11.10 28.99
N PHE D 170 18.57 11.06 28.07
CA PHE D 170 17.98 9.78 27.67
C PHE D 170 18.99 8.86 27.01
N TRP D 171 20.00 9.43 26.34
CA TRP D 171 21.07 8.60 25.80
C TRP D 171 21.71 7.77 26.92
N TYR D 172 22.03 8.42 28.04
CA TYR D 172 22.64 7.73 29.14
C TYR D 172 21.66 6.76 29.76
N LYS D 173 20.38 7.11 29.76
CA LYS D 173 19.39 6.20 30.34
C LYS D 173 19.40 4.87 29.61
N GLN D 174 19.43 4.92 28.28
CA GLN D 174 19.43 3.70 27.51
C GLN D 174 20.72 2.91 27.74
N ILE D 175 21.83 3.62 27.87
CA ILE D 175 23.13 2.96 27.99
C ILE D 175 23.30 2.38 29.40
N VAL D 176 22.82 3.10 30.42
CA VAL D 176 22.87 2.53 31.77
C VAL D 176 21.93 1.33 31.89
N ASP D 177 20.79 1.39 31.20
CA ASP D 177 19.89 0.22 31.16
C ASP D 177 20.61 -1.02 30.60
N LYS D 178 21.44 -0.82 29.59
CA LYS D 178 22.09 -1.93 28.92
C LYS D 178 23.37 -2.39 29.62
N TYR D 179 24.17 -1.44 30.11
CA TYR D 179 25.52 -1.75 30.59
C TYR D 179 25.77 -1.47 32.07
N GLY D 180 24.80 -0.86 32.72
CA GLY D 180 24.89 -0.53 34.15
C GLY D 180 25.62 0.77 34.46
N TRP D 181 25.62 1.16 35.74
CA TRP D 181 26.27 2.40 36.13
C TRP D 181 27.78 2.36 35.93
N GLU D 182 28.32 1.16 35.81
CA GLU D 182 29.76 1.01 35.59
C GLU D 182 30.21 1.76 34.34
N PHE D 183 29.32 1.88 33.36
CA PHE D 183 29.67 2.63 32.17
C PHE D 183 29.93 4.09 32.49
N VAL D 184 29.05 4.70 33.28
CA VAL D 184 29.22 6.11 33.60
C VAL D 184 30.45 6.32 34.46
N GLU D 185 30.71 5.40 35.40
CA GLU D 185 31.88 5.51 36.24
C GLU D 185 33.16 5.44 35.41
N LYS D 186 33.22 4.49 34.48
CA LYS D 186 34.44 4.33 33.68
C LYS D 186 34.61 5.53 32.74
N LEU D 187 33.50 6.08 32.27
CA LEU D 187 33.55 7.23 31.37
C LEU D 187 34.22 8.43 32.05
N GLN D 188 33.95 8.63 33.34
CA GLN D 188 34.56 9.78 34.02
C GLN D 188 36.08 9.61 34.07
N GLU D 189 36.56 8.37 34.06
CA GLU D 189 38.00 8.13 34.09
C GLU D 189 38.64 8.51 32.76
N GLN D 190 37.83 8.75 31.73
CA GLN D 190 38.33 9.23 30.44
C GLN D 190 38.57 10.74 30.46
N ASP D 191 38.32 11.36 31.62
CA ASP D 191 38.44 12.83 31.76
C ASP D 191 37.67 13.60 30.67
N PRO D 192 36.38 13.30 30.50
CA PRO D 192 35.63 14.06 29.50
C PRO D 192 35.45 15.52 29.91
N VAL D 193 35.33 16.38 28.91
CA VAL D 193 34.99 17.79 29.16
C VAL D 193 33.50 17.97 28.93
N TYR D 194 32.77 18.44 29.94
CA TYR D 194 31.33 18.66 29.79
C TYR D 194 31.00 20.12 29.53
N VAL D 195 30.01 20.35 28.66
CA VAL D 195 29.61 21.70 28.27
C VAL D 195 28.09 21.81 28.17
N ARG D 196 27.57 23.01 28.41
CA ARG D 196 26.17 23.28 28.09
C ARG D 196 26.01 23.52 26.58
N GLY D 197 24.85 23.17 26.02
CA GLY D 197 24.59 23.38 24.60
C GLY D 197 25.02 22.19 23.76
N THR D 198 24.07 21.50 23.14
CA THR D 198 24.39 20.31 22.37
C THR D 198 25.11 20.67 21.07
N ASN D 199 25.13 21.96 20.74
CA ASN D 199 25.87 22.47 19.58
C ASN D 199 27.36 22.54 19.84
N VAL D 200 27.75 22.69 21.11
CA VAL D 200 29.13 23.00 21.42
C VAL D 200 30.13 21.85 21.21
N PRO D 201 29.77 20.61 21.58
CA PRO D 201 30.70 19.52 21.28
C PRO D 201 31.09 19.44 19.79
N GLY D 202 30.11 19.52 18.89
CA GLY D 202 30.42 19.44 17.46
C GLY D 202 31.29 20.59 17.00
N ALA D 203 31.04 21.78 17.56
CA ALA D 203 31.83 22.94 17.22
C ALA D 203 33.29 22.72 17.65
N GLN D 204 33.49 22.14 18.84
CA GLN D 204 34.83 21.92 19.37
C GLN D 204 35.55 20.74 18.74
N ILE D 205 34.80 19.73 18.32
CA ILE D 205 35.39 18.63 17.59
C ILE D 205 35.87 19.12 16.23
N THR D 206 35.08 20.01 15.62
CA THR D 206 35.44 20.60 14.35
C THR D 206 36.79 21.33 14.44
N THR D 207 37.08 21.94 15.58
CA THR D 207 38.32 22.71 15.73
C THR D 207 39.52 21.79 15.90
N GLY D 208 39.26 20.50 16.02
CA GLY D 208 40.33 19.53 16.18
C GLY D 208 40.80 19.40 17.61
N LYS D 209 40.13 20.10 18.52
CA LYS D 209 40.51 20.06 19.93
C LYS D 209 40.05 18.77 20.61
N TYR D 210 39.00 18.16 20.05
CA TYR D 210 38.50 16.87 20.53
C TYR D 210 38.19 15.96 19.35
N SER D 211 38.05 14.67 19.62
CA SER D 211 37.92 13.68 18.54
C SER D 211 36.50 13.18 18.29
N ALA D 212 35.70 13.13 19.34
CA ALA D 212 34.38 12.52 19.22
C ALA D 212 33.45 12.89 20.37
N THR D 213 32.17 12.63 20.13
CA THR D 213 31.13 12.76 21.15
C THR D 213 30.00 11.82 20.75
N PHE D 214 29.22 11.33 21.72
CA PHE D 214 28.19 10.36 21.40
C PHE D 214 26.76 10.88 21.62
N THR D 215 26.61 12.18 21.91
CA THR D 215 25.25 12.76 22.06
C THR D 215 25.10 14.01 21.19
N SER D 216 25.32 13.85 19.89
CA SER D 216 25.24 14.97 18.97
C SER D 216 24.41 14.62 17.74
N SER D 217 23.73 15.61 17.18
CA SER D 217 23.10 15.47 15.87
C SER D 217 24.08 15.87 14.77
N GLY D 218 23.65 15.75 13.52
CA GLY D 218 24.51 16.08 12.40
C GLY D 218 23.82 15.66 11.10
N ALA D 219 24.30 16.17 9.97
CA ALA D 219 23.68 15.87 8.69
C ALA D 219 23.86 14.39 8.35
N LEU D 220 22.79 13.75 7.89
CA LEU D 220 22.88 12.38 7.39
C LEU D 220 23.65 12.33 6.08
N VAL D 221 23.53 13.39 5.28
CA VAL D 221 24.31 13.45 4.04
C VAL D 221 25.21 14.68 4.05
N PRO D 222 26.34 14.59 4.73
CA PRO D 222 27.27 15.73 4.79
C PRO D 222 27.93 15.91 3.43
N ALA D 223 28.43 17.10 3.14
CA ALA D 223 29.15 17.28 1.89
C ALA D 223 30.40 16.42 1.87
N ALA D 224 30.86 16.08 0.68
CA ALA D 224 32.07 15.26 0.52
C ALA D 224 33.27 15.93 1.18
N GLY D 225 34.01 15.14 1.95
CA GLY D 225 35.17 15.62 2.70
C GLY D 225 34.90 16.36 4.00
N SER D 226 33.68 16.28 4.53
CA SER D 226 33.34 16.96 5.78
C SER D 226 34.21 16.48 6.94
N VAL D 227 34.69 17.42 7.77
CA VAL D 227 35.62 17.05 8.83
C VAL D 227 34.92 16.34 9.96
N THR D 228 33.65 16.65 10.19
CA THR D 228 32.90 15.93 11.20
C THR D 228 31.87 15.08 10.48
N ARG D 229 31.52 13.96 11.09
CA ARG D 229 30.56 13.06 10.51
C ARG D 229 29.70 12.44 11.58
N PHE D 230 28.40 12.50 11.36
CA PHE D 230 27.42 11.79 12.18
C PHE D 230 27.43 10.33 11.77
N VAL D 231 27.61 9.45 12.75
CA VAL D 231 27.72 8.02 12.50
C VAL D 231 26.91 7.21 13.51
N LEU D 232 26.07 6.32 13.02
CA LEU D 232 25.25 5.49 13.92
C LEU D 232 26.05 4.32 14.47
N PRO D 233 25.64 3.81 15.65
CA PRO D 233 26.22 2.58 16.19
C PRO D 233 25.89 1.40 15.28
N LYS D 234 26.69 0.34 15.35
CA LYS D 234 26.34 -0.89 14.65
C LYS D 234 25.24 -1.61 15.43
N THR D 235 25.33 -1.59 16.76
CA THR D 235 24.41 -2.32 17.62
C THR D 235 23.80 -1.53 18.76
N ASP D 236 24.57 -0.63 19.36
CA ASP D 236 24.14 0.06 20.57
C ASP D 236 23.03 1.06 20.31
N PRO D 237 22.29 1.41 21.36
CA PRO D 237 21.15 2.33 21.18
C PRO D 237 21.58 3.76 20.88
N PHE D 238 20.72 4.49 20.20
CA PHE D 238 20.89 5.93 20.05
C PHE D 238 19.55 6.61 20.27
N VAL D 239 19.56 7.93 20.38
CA VAL D 239 18.35 8.66 20.69
C VAL D 239 17.77 9.34 19.45
N SER D 240 16.45 9.29 19.31
CA SER D 240 15.78 10.00 18.23
C SER D 240 14.36 10.39 18.63
N TRP D 241 13.85 11.44 18.00
CA TRP D 241 12.48 11.87 18.24
C TRP D 241 12.07 12.81 17.14
N ALA D 242 10.75 13.01 16.99
CA ALA D 242 10.22 14.04 16.13
C ALA D 242 9.96 15.29 16.96
N GLN D 243 10.61 16.40 16.58
CA GLN D 243 10.36 17.68 17.23
C GLN D 243 8.89 18.03 16.99
N ARG D 244 8.17 18.41 18.06
CA ARG D 244 6.74 18.67 17.93
C ARG D 244 6.46 20.16 17.80
N ALA D 245 5.46 20.51 16.98
CA ALA D 245 5.06 21.89 16.73
C ALA D 245 3.54 22.02 16.82
N ALA D 246 3.06 23.16 17.29
CA ALA D 246 1.63 23.39 17.46
C ALA D 246 1.30 24.87 17.34
N ILE D 247 0.06 25.13 16.93
CA ILE D 247 -0.47 26.48 16.88
C ILE D 247 -1.35 26.76 18.09
N PHE D 248 -1.21 27.94 18.69
CA PHE D 248 -2.10 28.30 19.78
C PHE D 248 -3.44 28.81 19.24
N LYS D 249 -4.52 28.42 19.90
CA LYS D 249 -5.85 28.90 19.54
C LYS D 249 -5.88 30.42 19.57
N GLN D 250 -5.11 31.01 20.49
CA GLN D 250 -5.16 32.46 20.67
C GLN D 250 -4.19 33.15 19.70
N ALA D 251 -3.64 32.40 18.76
CA ALA D 251 -2.67 32.97 17.81
C ALA D 251 -3.21 34.21 17.10
N LYS D 252 -2.41 35.27 17.08
CA LYS D 252 -2.81 36.51 16.40
C LYS D 252 -2.76 36.36 14.88
N HIS D 253 -1.95 35.41 14.42
CA HIS D 253 -1.70 35.21 12.99
C HIS D 253 -1.95 33.76 12.63
N PRO D 254 -3.20 33.31 12.70
CA PRO D 254 -3.54 31.89 12.53
C PRO D 254 -3.24 31.38 11.13
N GLU D 255 -3.54 32.16 10.10
CA GLU D 255 -3.27 31.71 8.73
C GLU D 255 -1.77 31.62 8.49
N SER D 256 -1.03 32.57 9.06
CA SER D 256 0.42 32.53 8.97
C SER D 256 0.97 31.33 9.74
N ALA D 257 0.36 31.01 10.87
CA ALA D 257 0.76 29.82 11.63
C ALA D 257 0.50 28.56 10.80
N LYS D 258 -0.68 28.51 10.20
CA LYS D 258 -1.05 27.39 9.33
C LYS D 258 -0.08 27.27 8.17
N LEU D 259 0.35 28.41 7.63
CA LEU D 259 1.32 28.42 6.56
C LEU D 259 2.64 27.82 7.02
N TYR D 260 3.05 28.18 8.23
CA TYR D 260 4.31 27.71 8.78
C TYR D 260 4.35 26.18 8.95
N LEU D 261 3.30 25.59 9.52
CA LEU D 261 3.27 24.15 9.71
C LEU D 261 3.17 23.41 8.38
N SER D 262 2.35 23.92 7.46
CA SER D 262 2.22 23.30 6.14
C SER D 262 3.54 23.37 5.39
N TRP D 263 4.26 24.47 5.56
CA TRP D 263 5.57 24.58 4.96
C TRP D 263 6.55 23.56 5.54
N LEU D 264 6.51 23.33 6.85
CA LEU D 264 7.41 22.35 7.44
C LEU D 264 7.24 20.99 6.77
N LEU D 265 6.00 20.63 6.48
CA LEU D 265 5.68 19.31 5.95
C LEU D 265 5.86 19.23 4.44
N ASP D 266 6.14 20.36 3.81
CA ASP D 266 6.23 20.40 2.35
C ASP D 266 7.37 19.52 1.84
N PRO D 267 7.16 18.83 0.72
CA PRO D 267 8.23 17.93 0.28
C PRO D 267 9.58 18.63 0.15
N GLN D 268 9.62 19.87 -0.32
CA GLN D 268 10.90 20.57 -0.46
C GLN D 268 11.56 20.82 0.90
N THR D 269 10.75 21.19 1.90
CA THR D 269 11.30 21.38 3.24
C THR D 269 11.81 20.06 3.82
N GLN D 270 11.01 19.02 3.69
CA GLN D 270 11.38 17.72 4.26
C GLN D 270 12.57 17.06 3.55
N THR D 271 12.82 17.41 2.29
CA THR D 271 13.92 16.79 1.57
C THR D 271 15.15 17.69 1.49
N GLN D 272 14.94 19.00 1.44
CA GLN D 272 16.04 19.93 1.19
C GLN D 272 16.46 20.79 2.38
N VAL D 273 15.58 20.97 3.36
CA VAL D 273 15.89 21.89 4.46
C VAL D 273 16.23 21.13 5.73
N SER D 274 15.33 20.23 6.14
CA SER D 274 15.61 19.29 7.23
C SER D 274 16.83 18.41 6.88
N ARG D 275 17.78 18.29 7.80
CA ARG D 275 19.05 17.61 7.51
C ARG D 275 19.19 16.17 8.02
N MET D 276 18.22 15.68 8.78
CA MET D 276 18.26 14.30 9.22
C MET D 276 17.02 13.61 8.67
N TRP D 277 16.37 12.74 9.45
CA TRP D 277 15.25 11.98 8.90
C TRP D 277 14.03 12.86 8.74
N SER D 278 13.12 12.42 7.87
CA SER D 278 11.85 13.11 7.61
C SER D 278 10.73 12.47 8.43
N VAL D 279 9.71 13.26 8.76
CA VAL D 279 8.54 12.72 9.42
C VAL D 279 7.53 12.07 8.48
N ARG D 280 7.73 12.20 7.16
CA ARG D 280 6.78 11.72 6.17
C ARG D 280 7.16 10.31 5.68
N THR D 281 6.15 9.48 5.45
CA THR D 281 6.38 8.10 5.02
C THR D 281 6.76 8.01 3.56
N ASP D 282 6.50 9.09 2.82
CA ASP D 282 6.73 9.10 1.37
C ASP D 282 7.99 9.88 1.01
N VAL D 283 8.82 10.19 2.01
CA VAL D 283 10.11 10.79 1.75
C VAL D 283 11.19 9.74 2.00
N ALA D 284 11.91 9.34 0.95
CA ALA D 284 12.90 8.28 1.13
C ALA D 284 14.06 8.79 1.95
N PRO D 285 14.54 7.98 2.90
CA PRO D 285 15.77 8.31 3.62
C PRO D 285 16.95 8.30 2.65
N PRO D 286 18.03 9.03 2.97
CA PRO D 286 19.24 9.02 2.14
C PRO D 286 19.81 7.62 2.03
N ALA D 287 20.47 7.30 0.92
CA ALA D 287 21.07 5.99 0.72
C ALA D 287 21.92 5.61 1.91
N GLY D 288 21.81 4.38 2.37
CA GLY D 288 22.58 3.95 3.52
C GLY D 288 21.76 4.03 4.79
N TYR D 289 20.58 4.64 4.70
CA TYR D 289 19.71 4.74 5.87
C TYR D 289 18.33 4.13 5.62
N LYS D 290 17.67 3.79 6.73
CA LYS D 290 16.27 3.37 6.72
C LYS D 290 15.44 4.51 7.30
N HIS D 291 14.12 4.36 7.31
CA HIS D 291 13.30 5.30 8.04
C HIS D 291 13.64 5.21 9.52
N ILE D 292 13.47 6.31 10.25
CA ILE D 292 13.85 6.32 11.65
C ILE D 292 13.06 5.28 12.46
N TRP D 293 11.81 5.03 12.06
CA TRP D 293 10.97 4.06 12.77
C TRP D 293 11.31 2.62 12.42
N GLU D 294 12.34 2.42 11.59
CA GLU D 294 12.73 1.06 11.19
C GLU D 294 14.00 0.56 11.88
N TYR D 295 14.58 1.38 12.76
CA TYR D 295 15.77 0.98 13.49
C TYR D 295 15.41 0.33 14.81
N SER D 296 15.91 -0.87 15.04
CA SER D 296 15.60 -1.55 16.29
C SER D 296 16.37 -0.96 17.47
N ASN D 297 17.44 -0.20 17.20
CA ASN D 297 18.26 0.35 18.28
C ASN D 297 18.01 1.83 18.57
N THR D 298 16.86 2.33 18.15
CA THR D 298 16.34 3.61 18.61
C THR D 298 14.83 3.51 18.61
N ARG D 299 14.20 4.31 19.47
CA ARG D 299 12.76 4.27 19.59
C ARG D 299 12.22 5.62 19.99
N PRO D 300 11.74 6.40 19.01
CA PRO D 300 11.15 7.71 19.30
C PRO D 300 10.08 7.64 20.40
N GLN D 301 9.28 6.57 20.41
CA GLN D 301 8.24 6.44 21.43
C GLN D 301 8.80 6.23 22.84
N ALA D 302 9.98 5.61 22.94
CA ALA D 302 10.60 5.40 24.24
C ALA D 302 11.04 6.73 24.86
N PHE D 303 11.47 7.66 24.02
CA PHE D 303 11.82 8.99 24.48
C PHE D 303 10.58 9.72 25.00
N ALA D 304 9.48 9.63 24.26
CA ALA D 304 8.22 10.24 24.70
C ALA D 304 7.74 9.65 26.01
N ASP D 305 7.84 8.32 26.15
CA ASP D 305 7.43 7.68 27.40
C ASP D 305 8.31 8.14 28.55
N PHE D 306 9.61 8.21 28.31
CA PHE D 306 10.59 8.72 29.28
C PHE D 306 10.21 10.11 29.74
N MET D 307 9.93 10.99 28.79
CA MET D 307 9.65 12.39 29.09
C MET D 307 8.31 12.59 29.81
N SER D 308 7.38 11.64 29.71
CA SER D 308 6.08 11.79 30.37
C SER D 308 6.17 11.58 31.90
N ASP D 309 7.19 10.86 32.35
CA ASP D 309 7.32 10.57 33.78
C ASP D 309 8.38 11.47 34.42
N ARG D 310 7.96 12.65 34.86
CA ARG D 310 8.92 13.67 35.27
C ARG D 310 9.70 13.23 36.53
N GLY D 311 9.08 12.48 37.41
CA GLY D 311 9.78 11.98 38.58
C GLY D 311 10.91 11.02 38.25
N ALA D 312 10.65 10.11 37.31
CA ALA D 312 11.66 9.14 36.93
C ALA D 312 12.83 9.84 36.23
N VAL D 313 12.51 10.83 35.39
CA VAL D 313 13.55 11.62 34.73
C VAL D 313 14.40 12.35 35.78
N GLU D 314 13.73 12.98 36.74
CA GLU D 314 14.41 13.70 37.80
C GLU D 314 15.37 12.82 38.61
N ARG D 315 14.90 11.64 38.99
CA ARG D 315 15.72 10.74 39.77
C ARG D 315 16.95 10.27 38.98
N PHE D 316 16.76 10.04 37.69
CA PHE D 316 17.90 9.64 36.90
C PHE D 316 18.85 10.81 36.68
N ARG D 317 18.29 11.98 36.45
CA ARG D 317 19.10 13.19 36.25
C ARG D 317 19.96 13.49 37.46
N ALA D 318 19.37 13.38 38.66
CA ALA D 318 20.08 13.70 39.88
C ALA D 318 21.25 12.76 40.09
N GLN D 319 21.04 11.47 39.79
CA GLN D 319 22.14 10.52 39.88
C GLN D 319 23.25 10.83 38.89
N MET D 320 22.89 11.15 37.65
CA MET D 320 23.89 11.50 36.65
C MET D 320 24.68 12.73 37.12
N SER D 321 24.01 13.66 37.81
CA SER D 321 24.69 14.85 38.33
C SER D 321 25.80 14.50 39.31
N LEU D 322 25.62 13.45 40.08
CA LEU D 322 26.67 13.08 41.04
C LEU D 322 27.92 12.60 40.31
N TYR D 323 27.74 12.08 39.10
CA TYR D 323 28.89 11.63 38.31
C TYR D 323 29.57 12.75 37.53
N VAL D 324 28.78 13.65 36.96
CA VAL D 324 29.35 14.62 36.03
C VAL D 324 29.47 16.00 36.62
N GLY D 325 28.91 16.20 37.81
CA GLY D 325 28.93 17.51 38.45
C GLY D 325 27.76 18.35 38.00
N GLU D 326 27.57 19.50 38.65
CA GLU D 326 26.51 20.42 38.25
C GLU D 326 26.83 21.01 36.88
N ALA D 327 25.79 21.30 36.11
CA ALA D 327 25.98 21.86 34.78
C ALA D 327 26.49 23.29 34.90
N LYS D 328 27.75 23.52 34.57
CA LYS D 328 28.36 24.83 34.76
C LYS D 328 28.37 25.69 33.49
N GLY D 329 28.41 27.00 33.69
CA GLY D 329 28.49 27.94 32.56
C GLY D 329 27.16 28.58 32.24
N ASP D 330 27.20 29.61 31.39
CA ASP D 330 26.00 30.34 30.97
C ASP D 330 25.14 29.50 30.01
N PRO D 331 23.83 29.74 30.03
CA PRO D 331 22.94 29.06 29.06
C PRO D 331 23.23 29.57 27.64
N THR D 332 23.39 28.66 26.68
CA THR D 332 23.85 29.05 25.35
C THR D 332 22.88 29.96 24.57
N PRO D 333 21.55 29.85 24.81
CA PRO D 333 20.66 30.79 24.11
C PRO D 333 20.73 32.20 24.65
N GLY D 334 21.50 32.41 25.69
CA GLY D 334 21.45 33.68 26.42
C GLY D 334 20.28 33.59 27.38
N TRP D 335 19.90 34.72 27.96
CA TRP D 335 18.79 34.73 28.91
C TRP D 335 17.64 35.59 28.38
N LEU D 336 16.54 34.95 28.03
CA LEU D 336 15.47 35.65 27.32
C LEU D 336 14.42 36.30 28.23
N GLY D 337 14.33 35.86 29.48
CA GLY D 337 13.36 36.45 30.38
C GLY D 337 11.96 35.91 30.14
N LEU D 338 10.96 36.63 30.63
CA LEU D 338 9.58 36.15 30.58
C LEU D 338 8.87 36.41 29.25
N HIS D 339 9.22 37.48 28.55
CA HIS D 339 8.46 37.89 27.39
C HIS D 339 9.31 38.31 26.21
N PRO D 340 10.14 37.39 25.71
CA PRO D 340 10.91 37.72 24.51
C PRO D 340 9.99 37.83 23.29
N GLU D 341 10.04 38.96 22.57
CA GLU D 341 9.16 39.12 21.42
C GLU D 341 9.94 39.01 20.11
N VAL D 342 11.26 39.01 20.21
CA VAL D 342 12.13 38.82 19.07
C VAL D 342 13.37 38.10 19.58
N PRO D 343 14.22 37.64 18.66
CA PRO D 343 15.45 36.98 19.11
C PRO D 343 16.36 37.92 19.90
N LEU D 344 17.25 37.34 20.71
CA LEU D 344 18.25 38.07 21.48
C LEU D 344 19.29 38.79 20.64
N ALA D 345 19.94 39.77 21.25
CA ALA D 345 20.97 40.58 20.61
C ALA D 345 22.11 39.73 20.07
C ACT E . 19.15 4.39 -24.53
O ACT E . 18.93 3.55 -23.63
OXT ACT E . 19.02 3.99 -25.69
CH3 ACT E . 19.56 5.81 -24.23
H1 ACT E . 19.69 6.36 -25.16
H2 ACT E . 20.48 5.81 -23.67
H3 ACT E . 18.77 6.29 -23.63
MG MG F . 17.37 33.69 -37.34
C ACT G . -14.36 -10.28 25.91
O ACT G . -14.20 -9.89 27.09
OXT ACT G . -13.31 -10.48 25.28
CH3 ACT G . -15.73 -10.48 25.32
H1 ACT G . -15.63 -10.82 24.28
H2 ACT G . -16.28 -9.53 25.33
H3 ACT G . -16.27 -11.23 25.89
C ACT H . -20.68 -16.82 -24.87
O ACT H . -20.51 -15.62 -24.58
OXT ACT H . -20.39 -17.14 -26.04
CH3 ACT H . -21.20 -17.82 -23.88
H1 ACT H . -21.27 -18.80 -24.35
H2 ACT H . -22.19 -17.51 -23.54
H3 ACT H . -20.52 -17.88 -23.03
C ACT I . 16.27 22.22 23.56
O ACT I . 15.15 22.34 23.02
OXT ACT I . 17.27 22.41 22.85
CH3 ACT I . 16.36 21.87 25.00
H1 ACT I . 15.36 21.74 25.41
H2 ACT I . 16.91 20.93 25.11
H3 ACT I . 16.87 22.65 25.54
MG MG J . 43.12 10.47 36.14
#